data_2CSV
#
_entry.id   2CSV
#
loop_
_entity.id
_entity.type
_entity.pdbx_description
1 polymer 'Tripartite motif protein 29'
2 non-polymer 'ZINC ION'
#
_entity_poly.entity_id   1
_entity_poly.type   'polypeptide(L)'
_entity_poly.pdbx_seq_one_letter_code
;GSSGSSGQLLEPIRDFEARKCPVHGKTMELFCQTDQTCICYLCMFQEHKNHSTVTVEEAKAEKETESGPSSG
;
_entity_poly.pdbx_strand_id   A
#
# COMPACT_ATOMS: atom_id res chain seq x y z
N GLY A 1 8.14 26.97 -30.21
CA GLY A 1 9.35 26.24 -30.53
C GLY A 1 9.24 24.76 -30.19
N SER A 2 10.12 23.96 -30.78
CA SER A 2 10.12 22.52 -30.55
C SER A 2 11.25 22.12 -29.61
N SER A 3 12.46 22.58 -29.92
CA SER A 3 13.63 22.27 -29.10
C SER A 3 13.32 22.46 -27.62
N GLY A 4 14.03 21.71 -26.77
CA GLY A 4 13.82 21.80 -25.34
C GLY A 4 13.49 20.46 -24.72
N SER A 5 12.60 20.47 -23.74
CA SER A 5 12.20 19.24 -23.05
C SER A 5 10.70 19.04 -23.13
N SER A 6 10.24 17.87 -22.68
CA SER A 6 8.81 17.55 -22.70
C SER A 6 8.47 16.56 -21.61
N GLY A 7 7.47 16.90 -20.80
CA GLY A 7 7.05 16.03 -19.72
C GLY A 7 6.71 14.63 -20.19
N GLN A 8 5.44 14.41 -20.51
CA GLN A 8 4.99 13.10 -20.98
C GLN A 8 5.68 11.98 -20.22
N LEU A 9 5.81 12.16 -18.90
CA LEU A 9 6.45 11.16 -18.05
C LEU A 9 5.57 9.92 -17.90
N LEU A 10 6.18 8.81 -17.53
CA LEU A 10 5.44 7.56 -17.34
C LEU A 10 6.32 6.51 -16.66
N GLU A 11 5.68 5.55 -15.99
CA GLU A 11 6.39 4.49 -15.30
C GLU A 11 5.56 3.22 -15.23
N PRO A 12 6.21 2.07 -15.45
CA PRO A 12 5.54 0.76 -15.42
C PRO A 12 5.11 0.36 -14.01
N ILE A 13 4.63 -0.87 -13.87
CA ILE A 13 4.18 -1.37 -12.58
C ILE A 13 5.33 -2.01 -11.81
N ARG A 14 5.91 -1.25 -10.88
CA ARG A 14 7.02 -1.75 -10.07
C ARG A 14 6.59 -1.92 -8.61
N ASP A 15 5.97 -0.89 -8.07
CA ASP A 15 5.51 -0.93 -6.68
C ASP A 15 4.06 -0.46 -6.58
N PHE A 16 3.40 -0.33 -7.72
CA PHE A 16 2.01 0.10 -7.76
C PHE A 16 1.07 -1.06 -7.44
N GLU A 17 1.33 -2.21 -8.07
CA GLU A 17 0.50 -3.40 -7.86
C GLU A 17 1.35 -4.58 -7.40
N ALA A 18 2.32 -4.30 -6.53
CA ALA A 18 3.20 -5.33 -6.02
C ALA A 18 3.03 -5.49 -4.50
N ARG A 19 2.26 -4.59 -3.90
CA ARG A 19 2.02 -4.63 -2.46
C ARG A 19 0.70 -5.33 -2.16
N LYS A 20 0.74 -6.65 -2.15
CA LYS A 20 -0.45 -7.45 -1.87
C LYS A 20 -0.27 -8.29 -0.61
N CYS A 21 -1.37 -8.75 -0.04
CA CYS A 21 -1.33 -9.57 1.17
C CYS A 21 -0.70 -10.93 0.88
N PRO A 22 0.31 -11.30 1.69
CA PRO A 22 1.01 -12.57 1.54
C PRO A 22 0.13 -13.76 1.93
N VAL A 23 -0.98 -13.48 2.60
CA VAL A 23 -1.90 -14.53 3.02
C VAL A 23 -3.06 -14.66 2.05
N HIS A 24 -3.51 -13.53 1.52
CA HIS A 24 -4.63 -13.53 0.58
C HIS A 24 -4.13 -13.23 -0.84
N GLY A 25 -3.28 -12.21 -0.97
CA GLY A 25 -2.75 -11.85 -2.27
C GLY A 25 -3.46 -10.65 -2.87
N LYS A 26 -4.25 -9.97 -2.05
CA LYS A 26 -4.99 -8.80 -2.50
C LYS A 26 -4.22 -7.52 -2.19
N THR A 27 -4.11 -6.64 -3.18
CA THR A 27 -3.40 -5.38 -3.00
C THR A 27 -3.73 -4.74 -1.66
N MET A 28 -2.73 -4.66 -0.79
CA MET A 28 -2.92 -4.07 0.54
C MET A 28 -3.17 -2.56 0.43
N GLU A 29 -4.38 -2.14 0.76
CA GLU A 29 -4.73 -0.73 0.69
C GLU A 29 -5.12 -0.20 2.08
N LEU A 30 -4.64 -0.88 3.12
CA LEU A 30 -4.94 -0.48 4.49
C LEU A 30 -3.69 -0.61 5.36
N PHE A 31 -3.78 -0.10 6.59
CA PHE A 31 -2.67 -0.16 7.53
C PHE A 31 -3.18 -0.28 8.97
N CYS A 32 -2.79 -1.36 9.64
CA CYS A 32 -3.21 -1.60 11.01
C CYS A 32 -2.56 -0.59 11.96
N GLN A 33 -3.28 -0.21 13.01
CA GLN A 33 -2.78 0.74 13.98
C GLN A 33 -2.25 0.03 15.22
N THR A 34 -2.59 -1.25 15.35
CA THR A 34 -2.15 -2.06 16.50
C THR A 34 -0.72 -2.53 16.31
N ASP A 35 -0.45 -3.18 15.19
CA ASP A 35 0.88 -3.69 14.90
C ASP A 35 1.57 -2.82 13.85
N GLN A 36 0.95 -1.69 13.52
CA GLN A 36 1.51 -0.77 12.53
C GLN A 36 2.04 -1.54 11.32
N THR A 37 1.20 -2.39 10.75
CA THR A 37 1.58 -3.18 9.58
C THR A 37 0.55 -3.06 8.46
N CYS A 38 0.98 -3.33 7.24
CA CYS A 38 0.09 -3.26 6.09
C CYS A 38 -0.78 -4.50 5.98
N ILE A 39 -2.04 -4.31 5.59
CA ILE A 39 -2.97 -5.42 5.46
C ILE A 39 -4.03 -5.12 4.40
N CYS A 40 -4.66 -6.18 3.89
CA CYS A 40 -5.69 -6.03 2.87
C CYS A 40 -7.08 -5.91 3.51
N TYR A 41 -8.08 -5.64 2.69
CA TYR A 41 -9.45 -5.49 3.17
C TYR A 41 -9.95 -6.80 3.76
N LEU A 42 -9.55 -7.92 3.16
CA LEU A 42 -9.96 -9.23 3.62
C LEU A 42 -9.36 -9.54 4.99
N CYS A 43 -8.32 -8.81 5.35
CA CYS A 43 -7.65 -9.00 6.64
C CYS A 43 -8.36 -8.23 7.74
N MET A 44 -8.55 -6.94 7.53
CA MET A 44 -9.23 -6.08 8.50
C MET A 44 -10.57 -6.67 8.91
N PHE A 45 -11.07 -7.59 8.09
CA PHE A 45 -12.35 -8.24 8.37
C PHE A 45 -12.15 -9.50 9.20
N GLN A 46 -11.06 -10.21 8.93
CA GLN A 46 -10.76 -11.44 9.65
C GLN A 46 -9.47 -11.30 10.45
N GLU A 47 -8.34 -11.34 9.76
CA GLU A 47 -7.04 -11.21 10.40
C GLU A 47 -7.07 -10.13 11.48
N HIS A 48 -7.29 -8.89 11.05
CA HIS A 48 -7.34 -7.76 11.98
C HIS A 48 -8.77 -7.22 12.10
N LYS A 49 -9.60 -7.92 12.88
CA LYS A 49 -10.98 -7.51 13.07
C LYS A 49 -11.11 -6.57 14.27
N ASN A 50 -10.47 -6.94 15.38
CA ASN A 50 -10.51 -6.13 16.59
C ASN A 50 -9.65 -4.88 16.44
N HIS A 51 -8.38 -5.08 16.08
CA HIS A 51 -7.46 -3.97 15.90
C HIS A 51 -8.11 -2.82 15.14
N SER A 52 -7.54 -1.64 15.24
CA SER A 52 -8.07 -0.46 14.56
C SER A 52 -7.35 -0.23 13.24
N THR A 53 -7.95 -0.73 12.16
CA THR A 53 -7.36 -0.58 10.82
C THR A 53 -7.80 0.74 10.19
N VAL A 54 -6.89 1.36 9.44
CA VAL A 54 -7.18 2.62 8.78
C VAL A 54 -6.60 2.64 7.36
N THR A 55 -7.41 3.10 6.41
CA THR A 55 -6.97 3.17 5.02
C THR A 55 -5.58 3.78 4.90
N VAL A 56 -4.72 3.12 4.13
CA VAL A 56 -3.35 3.61 3.93
C VAL A 56 -3.32 5.12 3.76
N GLU A 57 -4.22 5.63 2.92
CA GLU A 57 -4.29 7.05 2.65
C GLU A 57 -4.40 7.84 3.96
N GLU A 58 -5.18 7.31 4.89
CA GLU A 58 -5.38 7.97 6.19
C GLU A 58 -4.08 7.97 6.99
N ALA A 59 -3.41 6.83 7.02
CA ALA A 59 -2.15 6.69 7.75
C ALA A 59 -1.11 7.67 7.25
N LYS A 60 -1.17 7.98 5.95
CA LYS A 60 -0.23 8.91 5.34
C LYS A 60 -0.51 10.34 5.79
N ALA A 61 -1.75 10.78 5.61
CA ALA A 61 -2.15 12.13 6.00
C ALA A 61 -1.41 12.57 7.25
N GLU A 62 -1.18 11.63 8.17
CA GLU A 62 -0.48 11.93 9.42
C GLU A 62 0.94 12.41 9.14
N LYS A 63 1.68 11.63 8.35
CA LYS A 63 3.06 11.98 8.01
C LYS A 63 3.12 13.36 7.33
N GLU A 64 2.30 13.54 6.31
CA GLU A 64 2.26 14.80 5.57
C GLU A 64 1.63 15.90 6.43
N THR A 65 1.68 17.13 5.92
CA THR A 65 1.11 18.27 6.63
C THR A 65 -0.18 17.88 7.35
N GLU A 66 -0.39 18.47 8.53
CA GLU A 66 -1.59 18.19 9.32
C GLU A 66 -2.82 18.08 8.42
N SER A 67 -3.86 17.43 8.93
CA SER A 67 -5.10 17.25 8.18
C SER A 67 -6.29 17.79 8.97
N GLY A 68 -7.34 18.18 8.24
CA GLY A 68 -8.52 18.71 8.87
C GLY A 68 -9.32 17.65 9.60
N PRO A 69 -10.13 18.06 10.58
CA PRO A 69 -10.96 17.15 11.36
C PRO A 69 -12.10 16.55 10.55
N SER A 70 -12.28 15.23 10.67
CA SER A 70 -13.33 14.54 9.94
C SER A 70 -13.73 13.26 10.66
N SER A 71 -15.00 13.16 11.04
CA SER A 71 -15.50 11.98 11.74
C SER A 71 -15.70 10.82 10.77
N GLY A 72 -14.63 10.08 10.54
CA GLY A 72 -14.71 8.94 9.64
C GLY A 72 -15.85 8.00 9.96
N GLY A 1 16.79 2.89 -42.07
CA GLY A 1 16.43 1.66 -42.75
C GLY A 1 15.23 1.85 -43.66
N SER A 2 14.16 1.11 -43.39
CA SER A 2 12.94 1.18 -44.20
C SER A 2 12.34 2.58 -44.14
N SER A 3 11.29 2.80 -44.91
CA SER A 3 10.63 4.10 -44.97
C SER A 3 10.45 4.66 -43.56
N GLY A 4 9.86 3.86 -42.67
CA GLY A 4 9.64 4.29 -41.31
C GLY A 4 9.56 3.15 -40.33
N SER A 5 9.34 3.46 -39.06
CA SER A 5 9.26 2.43 -38.03
C SER A 5 8.87 3.04 -36.68
N SER A 6 8.20 2.26 -35.85
CA SER A 6 7.75 2.72 -34.55
C SER A 6 8.20 1.76 -33.45
N GLY A 7 7.79 0.51 -33.56
CA GLY A 7 8.15 -0.48 -32.57
C GLY A 7 7.30 -0.41 -31.32
N GLN A 8 6.02 -0.71 -31.46
CA GLN A 8 5.09 -0.67 -30.33
C GLN A 8 4.69 -2.09 -29.90
N LEU A 9 5.67 -2.98 -29.82
CA LEU A 9 5.42 -4.36 -29.42
C LEU A 9 5.01 -4.43 -27.96
N LEU A 10 4.06 -5.31 -27.67
CA LEU A 10 3.58 -5.49 -26.29
C LEU A 10 4.75 -5.64 -25.32
N GLU A 11 4.82 -4.75 -24.34
CA GLU A 11 5.88 -4.79 -23.34
C GLU A 11 5.32 -4.69 -21.94
N PRO A 12 5.91 -5.44 -21.00
CA PRO A 12 5.48 -5.45 -19.60
C PRO A 12 5.79 -4.14 -18.89
N ILE A 13 5.38 -4.04 -17.62
CA ILE A 13 5.62 -2.84 -16.83
C ILE A 13 6.90 -2.96 -16.02
N ARG A 14 7.54 -1.83 -15.75
CA ARG A 14 8.77 -1.81 -14.97
C ARG A 14 8.52 -2.24 -13.53
N ASP A 15 7.69 -1.48 -12.83
CA ASP A 15 7.37 -1.78 -11.44
C ASP A 15 5.86 -1.93 -11.26
N PHE A 16 5.38 -3.16 -11.24
CA PHE A 16 3.96 -3.43 -11.07
C PHE A 16 3.62 -3.63 -9.60
N GLU A 17 2.33 -3.52 -9.27
CA GLU A 17 1.87 -3.69 -7.90
C GLU A 17 2.66 -4.79 -7.19
N ALA A 18 3.56 -4.39 -6.31
CA ALA A 18 4.38 -5.33 -5.57
C ALA A 18 4.04 -5.30 -4.08
N ARG A 19 2.84 -4.85 -3.76
CA ARG A 19 2.40 -4.76 -2.36
C ARG A 19 1.03 -5.41 -2.19
N LYS A 20 1.01 -6.73 -2.13
CA LYS A 20 -0.24 -7.48 -1.97
C LYS A 20 -0.16 -8.38 -0.74
N CYS A 21 -1.33 -8.75 -0.20
CA CYS A 21 -1.40 -9.60 0.96
C CYS A 21 -0.90 -11.01 0.63
N PRO A 22 0.08 -11.49 1.42
CA PRO A 22 0.67 -12.82 1.24
C PRO A 22 -0.30 -13.93 1.60
N VAL A 23 -1.37 -13.58 2.32
CA VAL A 23 -2.36 -14.55 2.73
C VAL A 23 -3.54 -14.59 1.76
N HIS A 24 -3.91 -13.42 1.25
CA HIS A 24 -5.02 -13.31 0.30
C HIS A 24 -4.50 -13.06 -1.11
N GLY A 25 -3.59 -12.10 -1.24
CA GLY A 25 -3.02 -11.78 -2.54
C GLY A 25 -3.65 -10.53 -3.15
N LYS A 26 -4.06 -9.60 -2.30
CA LYS A 26 -4.68 -8.37 -2.75
C LYS A 26 -3.83 -7.16 -2.37
N THR A 27 -3.76 -6.18 -3.26
CA THR A 27 -2.98 -4.97 -3.01
C THR A 27 -3.37 -4.32 -1.70
N MET A 28 -2.63 -4.64 -0.63
CA MET A 28 -2.91 -4.08 0.68
C MET A 28 -3.09 -2.57 0.61
N GLU A 29 -4.31 -2.11 0.86
CA GLU A 29 -4.62 -0.69 0.81
C GLU A 29 -5.00 -0.17 2.19
N LEU A 30 -4.53 -0.86 3.24
CA LEU A 30 -4.82 -0.47 4.61
C LEU A 30 -3.59 -0.63 5.49
N PHE A 31 -3.69 -0.17 6.74
CA PHE A 31 -2.59 -0.27 7.68
C PHE A 31 -3.12 -0.40 9.11
N CYS A 32 -2.74 -1.49 9.78
CA CYS A 32 -3.17 -1.73 11.15
C CYS A 32 -2.52 -0.74 12.11
N GLN A 33 -3.28 -0.28 13.09
CA GLN A 33 -2.79 0.67 14.07
C GLN A 33 -2.28 -0.05 15.32
N THR A 34 -2.60 -1.33 15.43
CA THR A 34 -2.17 -2.13 16.57
C THR A 34 -0.73 -2.57 16.43
N ASP A 35 -0.47 -3.40 15.42
CA ASP A 35 0.88 -3.91 15.16
C ASP A 35 1.63 -2.98 14.22
N GLN A 36 0.95 -1.95 13.74
CA GLN A 36 1.56 -0.99 12.82
C GLN A 36 2.12 -1.70 11.60
N THR A 37 1.31 -2.54 10.97
CA THR A 37 1.72 -3.27 9.78
C THR A 37 0.76 -3.03 8.62
N CYS A 38 1.09 -3.61 7.47
CA CYS A 38 0.26 -3.45 6.28
C CYS A 38 -0.63 -4.67 6.06
N ILE A 39 -1.89 -4.43 5.72
CA ILE A 39 -2.84 -5.51 5.49
C ILE A 39 -3.82 -5.15 4.39
N CYS A 40 -4.71 -6.09 4.07
CA CYS A 40 -5.71 -5.87 3.03
C CYS A 40 -7.10 -5.74 3.64
N TYR A 41 -8.09 -5.50 2.79
CA TYR A 41 -9.46 -5.34 3.24
C TYR A 41 -9.99 -6.64 3.83
N LEU A 42 -9.69 -7.76 3.16
CA LEU A 42 -10.13 -9.06 3.63
C LEU A 42 -9.51 -9.40 4.98
N CYS A 43 -8.43 -8.71 5.32
CA CYS A 43 -7.75 -8.93 6.59
C CYS A 43 -8.41 -8.14 7.72
N MET A 44 -8.63 -6.85 7.47
CA MET A 44 -9.26 -5.99 8.47
C MET A 44 -10.61 -6.54 8.89
N PHE A 45 -11.12 -7.50 8.12
CA PHE A 45 -12.41 -8.11 8.42
C PHE A 45 -12.23 -9.40 9.21
N GLN A 46 -11.16 -10.12 8.92
CA GLN A 46 -10.87 -11.38 9.60
C GLN A 46 -9.58 -11.28 10.40
N GLU A 47 -8.44 -11.31 9.71
CA GLU A 47 -7.14 -11.22 10.35
C GLU A 47 -7.15 -10.15 11.44
N HIS A 48 -7.33 -8.90 11.03
CA HIS A 48 -7.36 -7.79 11.97
C HIS A 48 -8.75 -7.17 12.05
N LYS A 49 -9.66 -7.86 12.74
CA LYS A 49 -11.02 -7.38 12.91
C LYS A 49 -11.21 -6.69 14.26
N ASN A 50 -10.46 -7.14 15.25
CA ASN A 50 -10.54 -6.56 16.59
C ASN A 50 -9.65 -5.33 16.70
N HIS A 51 -8.52 -5.36 16.01
CA HIS A 51 -7.57 -4.24 16.03
C HIS A 51 -8.19 -3.00 15.39
N SER A 52 -7.39 -1.93 15.30
CA SER A 52 -7.87 -0.68 14.72
C SER A 52 -7.17 -0.42 13.38
N THR A 53 -7.74 -0.97 12.31
CA THR A 53 -7.18 -0.78 10.99
C THR A 53 -7.63 0.54 10.36
N VAL A 54 -6.76 1.13 9.54
CA VAL A 54 -7.08 2.40 8.89
C VAL A 54 -6.43 2.47 7.51
N THR A 55 -7.18 3.02 6.55
CA THR A 55 -6.68 3.15 5.19
C THR A 55 -5.29 3.77 5.16
N VAL A 56 -4.36 3.13 4.46
CA VAL A 56 -3.00 3.62 4.36
C VAL A 56 -2.97 5.14 4.18
N GLU A 57 -3.74 5.63 3.21
CA GLU A 57 -3.80 7.06 2.94
C GLU A 57 -4.05 7.85 4.22
N GLU A 58 -4.95 7.34 5.05
CA GLU A 58 -5.27 8.00 6.31
C GLU A 58 -4.06 8.09 7.21
N ALA A 59 -3.38 6.95 7.41
CA ALA A 59 -2.19 6.91 8.24
C ALA A 59 -1.14 7.92 7.78
N LYS A 60 -0.86 7.90 6.48
CA LYS A 60 0.12 8.82 5.89
C LYS A 60 -0.33 10.27 6.03
N ALA A 61 -1.60 10.52 5.69
CA ALA A 61 -2.15 11.87 5.78
C ALA A 61 -1.64 12.59 7.02
N GLU A 62 -1.66 11.91 8.15
CA GLU A 62 -1.18 12.49 9.41
C GLU A 62 0.19 13.13 9.22
N LYS A 63 1.10 12.39 8.62
CA LYS A 63 2.46 12.88 8.38
C LYS A 63 2.49 13.87 7.22
N GLU A 64 1.86 13.49 6.11
CA GLU A 64 1.82 14.35 4.94
C GLU A 64 1.16 15.69 5.26
N THR A 65 1.56 16.74 4.54
CA THR A 65 1.01 18.06 4.75
C THR A 65 -0.46 18.12 4.35
N GLU A 66 -1.22 18.96 5.05
CA GLU A 66 -2.64 19.12 4.77
C GLU A 66 -2.87 20.15 3.67
N SER A 67 -1.88 21.02 3.46
CA SER A 67 -1.98 22.05 2.44
C SER A 67 -0.83 21.93 1.44
N GLY A 68 -1.11 21.30 0.30
CA GLY A 68 -0.09 21.14 -0.72
C GLY A 68 -0.33 22.00 -1.94
N PRO A 69 0.42 21.74 -3.02
CA PRO A 69 0.30 22.51 -4.27
C PRO A 69 -1.01 22.22 -4.99
N SER A 70 -1.57 23.24 -5.62
CA SER A 70 -2.83 23.10 -6.34
C SER A 70 -2.67 22.13 -7.51
N SER A 71 -3.60 21.19 -7.62
CA SER A 71 -3.57 20.19 -8.69
C SER A 71 -3.36 20.86 -10.05
N GLY A 72 -3.08 20.05 -11.06
CA GLY A 72 -2.89 20.59 -12.40
C GLY A 72 -4.18 20.81 -13.15
N GLY A 1 22.66 -21.37 -24.75
CA GLY A 1 22.75 -20.01 -25.24
C GLY A 1 21.83 -19.76 -26.42
N SER A 2 22.26 -18.89 -27.33
CA SER A 2 21.47 -18.56 -28.51
C SER A 2 22.26 -17.67 -29.46
N SER A 3 21.76 -17.55 -30.69
CA SER A 3 22.42 -16.72 -31.70
C SER A 3 21.44 -16.31 -32.78
N GLY A 4 21.50 -15.03 -33.17
CA GLY A 4 20.60 -14.52 -34.19
C GLY A 4 20.40 -13.03 -34.09
N SER A 5 19.81 -12.58 -32.98
CA SER A 5 19.56 -11.16 -32.77
C SER A 5 20.00 -10.74 -31.38
N SER A 6 20.12 -9.42 -31.18
CA SER A 6 20.55 -8.88 -29.89
C SER A 6 19.43 -8.99 -28.87
N GLY A 7 18.21 -8.65 -29.28
CA GLY A 7 17.07 -8.71 -28.38
C GLY A 7 16.52 -7.34 -28.05
N GLN A 8 15.21 -7.27 -27.87
CA GLN A 8 14.55 -6.01 -27.55
C GLN A 8 14.76 -5.64 -26.09
N LEU A 9 14.65 -6.63 -25.21
CA LEU A 9 14.83 -6.42 -23.78
C LEU A 9 13.87 -5.35 -23.27
N LEU A 10 12.60 -5.46 -23.66
CA LEU A 10 11.59 -4.49 -23.24
C LEU A 10 11.79 -4.09 -21.79
N GLU A 11 11.88 -2.79 -21.55
CA GLU A 11 12.07 -2.27 -20.20
C GLU A 11 10.83 -2.51 -19.33
N PRO A 12 11.04 -2.97 -18.10
CA PRO A 12 9.95 -3.24 -17.16
C PRO A 12 9.27 -1.97 -16.67
N ILE A 13 8.39 -2.11 -15.68
CA ILE A 13 7.67 -0.97 -15.14
C ILE A 13 8.36 -0.44 -13.87
N ARG A 14 8.33 0.87 -13.71
CA ARG A 14 8.95 1.51 -12.55
C ARG A 14 8.52 0.83 -11.25
N ASP A 15 7.24 0.95 -10.93
CA ASP A 15 6.69 0.35 -9.72
C ASP A 15 5.38 -0.38 -10.01
N PHE A 16 5.46 -1.69 -10.13
CA PHE A 16 4.28 -2.50 -10.42
C PHE A 16 3.57 -2.90 -9.13
N GLU A 17 2.50 -3.67 -9.26
CA GLU A 17 1.73 -4.12 -8.09
C GLU A 17 2.47 -5.22 -7.34
N ALA A 18 3.65 -4.88 -6.85
CA ALA A 18 4.46 -5.83 -6.10
C ALA A 18 4.13 -5.79 -4.61
N ARG A 19 2.93 -5.31 -4.30
CA ARG A 19 2.49 -5.21 -2.91
C ARG A 19 1.12 -5.84 -2.74
N LYS A 20 1.08 -7.06 -2.19
CA LYS A 20 -0.17 -7.76 -1.97
C LYS A 20 -0.09 -8.62 -0.70
N CYS A 21 -1.26 -8.98 -0.17
CA CYS A 21 -1.32 -9.80 1.04
C CYS A 21 -0.83 -11.21 0.78
N PRO A 22 0.18 -11.65 1.55
CA PRO A 22 0.75 -12.99 1.41
C PRO A 22 -0.20 -14.08 1.87
N VAL A 23 -1.25 -13.68 2.59
CA VAL A 23 -2.24 -14.63 3.08
C VAL A 23 -3.43 -14.72 2.14
N HIS A 24 -3.79 -13.58 1.53
CA HIS A 24 -4.92 -13.54 0.61
C HIS A 24 -4.43 -13.36 -0.83
N GLY A 25 -3.56 -12.38 -1.03
CA GLY A 25 -3.04 -12.12 -2.36
C GLY A 25 -3.65 -10.89 -3.00
N LYS A 26 -4.19 -10.00 -2.16
CA LYS A 26 -4.82 -8.78 -2.65
C LYS A 26 -3.96 -7.57 -2.33
N THR A 27 -3.87 -6.64 -3.28
CA THR A 27 -3.09 -5.43 -3.09
C THR A 27 -3.47 -4.71 -1.80
N MET A 28 -2.69 -4.94 -0.75
CA MET A 28 -2.94 -4.31 0.54
C MET A 28 -3.16 -2.81 0.38
N GLU A 29 -4.37 -2.35 0.69
CA GLU A 29 -4.70 -0.94 0.59
C GLU A 29 -5.12 -0.37 1.94
N LEU A 30 -4.58 -0.94 3.01
CA LEU A 30 -4.91 -0.50 4.36
C LEU A 30 -3.67 -0.54 5.26
N PHE A 31 -3.81 0.00 6.47
CA PHE A 31 -2.71 0.01 7.42
C PHE A 31 -3.23 -0.11 8.85
N CYS A 32 -2.77 -1.14 9.55
CA CYS A 32 -3.19 -1.38 10.93
C CYS A 32 -2.55 -0.36 11.87
N GLN A 33 -3.31 0.10 12.85
CA GLN A 33 -2.82 1.08 13.81
C GLN A 33 -2.31 0.38 15.07
N THR A 34 -2.50 -0.93 15.13
CA THR A 34 -2.06 -1.72 16.28
C THR A 34 -0.62 -2.18 16.11
N ASP A 35 -0.33 -2.82 14.98
CA ASP A 35 1.02 -3.31 14.70
C ASP A 35 1.70 -2.44 13.64
N GLN A 36 1.05 -1.34 13.28
CA GLN A 36 1.60 -0.43 12.28
C GLN A 36 2.11 -1.20 11.07
N THR A 37 1.27 -2.08 10.53
CA THR A 37 1.63 -2.89 9.38
C THR A 37 0.59 -2.77 8.28
N CYS A 38 0.99 -3.10 7.05
CA CYS A 38 0.09 -3.04 5.91
C CYS A 38 -0.70 -4.34 5.77
N ILE A 39 -1.99 -4.22 5.48
CA ILE A 39 -2.86 -5.38 5.31
C ILE A 39 -3.89 -5.14 4.22
N CYS A 40 -4.69 -6.16 3.94
CA CYS A 40 -5.74 -6.07 2.94
C CYS A 40 -7.11 -5.98 3.57
N TYR A 41 -8.13 -5.69 2.76
CA TYR A 41 -9.49 -5.57 3.24
C TYR A 41 -9.95 -6.87 3.90
N LEU A 42 -9.63 -7.99 3.27
CA LEU A 42 -10.00 -9.30 3.79
C LEU A 42 -9.36 -9.56 5.14
N CYS A 43 -8.29 -8.82 5.44
CA CYS A 43 -7.58 -8.96 6.70
C CYS A 43 -8.28 -8.16 7.80
N MET A 44 -8.52 -6.89 7.54
CA MET A 44 -9.17 -6.01 8.51
C MET A 44 -10.50 -6.61 8.97
N PHE A 45 -10.98 -7.60 8.23
CA PHE A 45 -12.24 -8.25 8.55
C PHE A 45 -12.00 -9.51 9.38
N GLN A 46 -10.90 -10.19 9.12
CA GLN A 46 -10.55 -11.41 9.85
C GLN A 46 -9.26 -11.23 10.63
N GLU A 47 -8.14 -11.24 9.92
CA GLU A 47 -6.83 -11.08 10.56
C GLU A 47 -6.87 -9.97 11.60
N HIS A 48 -7.17 -8.76 11.15
CA HIS A 48 -7.23 -7.60 12.05
C HIS A 48 -8.65 -7.06 12.11
N LYS A 49 -9.51 -7.74 12.85
CA LYS A 49 -10.91 -7.32 13.00
C LYS A 49 -11.11 -6.58 14.32
N ASN A 50 -10.31 -6.93 15.33
CA ASN A 50 -10.41 -6.30 16.63
C ASN A 50 -9.57 -5.03 16.69
N HIS A 51 -8.40 -5.07 16.04
CA HIS A 51 -7.52 -3.91 16.01
C HIS A 51 -8.19 -2.72 15.35
N SER A 52 -7.44 -1.63 15.18
CA SER A 52 -7.96 -0.42 14.58
C SER A 52 -7.30 -0.15 13.23
N THR A 53 -7.79 -0.80 12.18
CA THR A 53 -7.24 -0.64 10.84
C THR A 53 -7.78 0.63 10.18
N VAL A 54 -6.97 1.23 9.31
CA VAL A 54 -7.37 2.44 8.61
C VAL A 54 -6.78 2.48 7.20
N THR A 55 -7.51 3.07 6.27
CA THR A 55 -7.07 3.18 4.89
C THR A 55 -5.69 3.82 4.81
N VAL A 56 -4.77 3.18 4.11
CA VAL A 56 -3.42 3.69 3.95
C VAL A 56 -3.43 5.20 3.76
N GLU A 57 -4.25 5.68 2.83
CA GLU A 57 -4.36 7.10 2.55
C GLU A 57 -4.58 7.89 3.84
N GLU A 58 -5.53 7.44 4.65
CA GLU A 58 -5.84 8.11 5.91
C GLU A 58 -4.60 8.20 6.79
N ALA A 59 -3.86 7.10 6.88
CA ALA A 59 -2.66 7.05 7.70
C ALA A 59 -1.62 8.04 7.19
N LYS A 60 -1.39 8.05 5.88
CA LYS A 60 -0.42 8.94 5.27
C LYS A 60 -0.61 10.37 5.76
N ALA A 61 -1.84 10.87 5.66
CA ALA A 61 -2.15 12.22 6.10
C ALA A 61 -1.53 12.51 7.46
N GLU A 62 -1.70 11.58 8.40
CA GLU A 62 -1.15 11.74 9.74
C GLU A 62 0.30 12.16 9.69
N LYS A 63 1.13 11.37 9.02
CA LYS A 63 2.55 11.65 8.88
C LYS A 63 2.77 12.99 8.20
N GLU A 64 2.12 13.18 7.05
CA GLU A 64 2.25 14.42 6.28
C GLU A 64 1.88 15.62 7.15
N THR A 65 2.48 16.77 6.83
CA THR A 65 2.23 17.99 7.58
C THR A 65 1.27 18.91 6.83
N GLU A 66 0.24 19.38 7.52
CA GLU A 66 -0.74 20.27 6.91
C GLU A 66 -1.14 21.38 7.87
N SER A 67 -1.37 22.58 7.32
CA SER A 67 -1.75 23.73 8.13
C SER A 67 -2.81 23.35 9.15
N GLY A 68 -2.59 23.74 10.40
CA GLY A 68 -3.53 23.44 11.45
C GLY A 68 -2.85 23.04 12.75
N PRO A 69 -3.59 22.37 13.64
CA PRO A 69 -3.07 21.92 14.93
C PRO A 69 -2.05 20.79 14.78
N SER A 70 -1.85 20.34 13.55
CA SER A 70 -0.91 19.26 13.28
C SER A 70 0.53 19.75 13.41
N SER A 71 1.26 19.16 14.36
CA SER A 71 2.65 19.54 14.60
C SER A 71 3.56 18.99 13.50
N GLY A 72 4.66 19.70 13.25
CA GLY A 72 5.58 19.27 12.22
C GLY A 72 5.93 20.38 11.25
N GLY A 1 30.96 26.63 -29.54
CA GLY A 1 31.32 25.62 -28.56
C GLY A 1 30.14 25.21 -27.69
N SER A 2 29.93 25.92 -26.59
CA SER A 2 28.84 25.62 -25.68
C SER A 2 28.67 24.11 -25.51
N SER A 3 29.78 23.41 -25.39
CA SER A 3 29.77 21.96 -25.23
C SER A 3 29.43 21.57 -23.79
N GLY A 4 28.32 20.87 -23.62
CA GLY A 4 27.91 20.45 -22.28
C GLY A 4 26.44 20.05 -22.23
N SER A 5 26.15 19.01 -21.46
CA SER A 5 24.77 18.53 -21.33
C SER A 5 24.53 17.95 -19.94
N SER A 6 23.33 18.17 -19.41
CA SER A 6 22.98 17.65 -18.09
C SER A 6 21.48 17.43 -17.98
N GLY A 7 21.10 16.18 -17.75
CA GLY A 7 19.68 15.84 -17.63
C GLY A 7 19.46 14.44 -17.12
N GLN A 8 19.22 14.32 -15.81
CA GLN A 8 18.99 13.02 -15.19
C GLN A 8 17.59 12.50 -15.51
N LEU A 9 17.36 11.22 -15.22
CA LEU A 9 16.06 10.61 -15.48
C LEU A 9 15.51 9.96 -14.21
N LEU A 10 14.23 10.16 -13.96
CA LEU A 10 13.58 9.59 -12.78
C LEU A 10 13.18 8.14 -13.04
N GLU A 11 13.67 7.24 -12.19
CA GLU A 11 13.35 5.81 -12.32
C GLU A 11 11.87 5.61 -12.65
N PRO A 12 11.59 4.62 -13.50
CA PRO A 12 10.22 4.30 -13.91
C PRO A 12 9.40 3.69 -12.77
N ILE A 13 8.18 3.27 -13.08
CA ILE A 13 7.29 2.67 -12.09
C ILE A 13 7.09 1.18 -12.35
N ARG A 14 7.92 0.36 -11.73
CA ARG A 14 7.84 -1.08 -11.89
C ARG A 14 7.03 -1.71 -10.74
N ASP A 15 7.15 -1.14 -9.56
CA ASP A 15 6.44 -1.64 -8.39
C ASP A 15 4.99 -1.13 -8.38
N PHE A 16 4.33 -1.21 -9.52
CA PHE A 16 2.95 -0.76 -9.64
C PHE A 16 2.04 -1.54 -8.70
N GLU A 17 1.87 -2.82 -8.99
CA GLU A 17 1.02 -3.69 -8.18
C GLU A 17 1.85 -4.76 -7.47
N ALA A 18 3.06 -4.38 -7.06
CA ALA A 18 3.95 -5.31 -6.37
C ALA A 18 3.70 -5.29 -4.86
N ARG A 19 2.44 -5.09 -4.49
CA ARG A 19 2.08 -5.06 -3.07
C ARG A 19 0.76 -5.78 -2.84
N LYS A 20 0.83 -6.98 -2.27
CA LYS A 20 -0.36 -7.77 -1.99
C LYS A 20 -0.20 -8.56 -0.69
N CYS A 21 -1.32 -8.93 -0.08
CA CYS A 21 -1.30 -9.69 1.16
C CYS A 21 -0.72 -11.08 0.95
N PRO A 22 0.30 -11.43 1.74
CA PRO A 22 0.97 -12.73 1.65
C PRO A 22 0.08 -13.87 2.13
N VAL A 23 -1.00 -13.52 2.83
CA VAL A 23 -1.93 -14.52 3.35
C VAL A 23 -3.12 -14.69 2.41
N HIS A 24 -3.59 -13.58 1.86
CA HIS A 24 -4.73 -13.61 0.93
C HIS A 24 -4.26 -13.46 -0.51
N GLY A 25 -3.37 -12.52 -0.74
CA GLY A 25 -2.85 -12.29 -2.09
C GLY A 25 -3.52 -11.12 -2.77
N LYS A 26 -4.28 -10.34 -2.01
CA LYS A 26 -4.96 -9.18 -2.55
C LYS A 26 -4.19 -7.90 -2.25
N THR A 27 -4.16 -6.99 -3.23
CA THR A 27 -3.46 -5.72 -3.08
C THR A 27 -3.84 -5.04 -1.76
N MET A 28 -2.85 -4.87 -0.89
CA MET A 28 -3.08 -4.24 0.40
C MET A 28 -3.29 -2.73 0.23
N GLU A 29 -4.48 -2.26 0.61
CA GLU A 29 -4.81 -0.84 0.50
C GLU A 29 -5.18 -0.26 1.86
N LEU A 30 -4.69 -0.90 2.91
CA LEU A 30 -4.98 -0.45 4.27
C LEU A 30 -3.73 -0.51 5.14
N PHE A 31 -3.83 -0.01 6.36
CA PHE A 31 -2.70 -0.02 7.29
C PHE A 31 -3.19 -0.16 8.73
N CYS A 32 -2.71 -1.19 9.41
CA CYS A 32 -3.10 -1.44 10.79
C CYS A 32 -2.49 -0.39 11.72
N GLN A 33 -3.29 0.07 12.69
CA GLN A 33 -2.84 1.07 13.64
C GLN A 33 -2.31 0.42 14.91
N THR A 34 -2.45 -0.91 15.00
CA THR A 34 -2.00 -1.65 16.17
C THR A 34 -0.53 -2.06 16.02
N ASP A 35 -0.25 -2.86 15.01
CA ASP A 35 1.11 -3.32 14.76
C ASP A 35 1.79 -2.46 13.70
N GLN A 36 1.11 -1.39 13.28
CA GLN A 36 1.66 -0.49 12.28
C GLN A 36 2.16 -1.27 11.06
N THR A 37 1.33 -2.16 10.55
CA THR A 37 1.69 -2.97 9.39
C THR A 37 0.62 -2.89 8.31
N CYS A 38 1.04 -3.08 7.06
CA CYS A 38 0.12 -3.02 5.94
C CYS A 38 -0.71 -4.30 5.84
N ILE A 39 -1.94 -4.17 5.36
CA ILE A 39 -2.83 -5.32 5.23
C ILE A 39 -3.89 -5.07 4.15
N CYS A 40 -4.69 -6.09 3.88
CA CYS A 40 -5.74 -5.99 2.87
C CYS A 40 -7.11 -5.87 3.52
N TYR A 41 -8.12 -5.62 2.69
CA TYR A 41 -9.49 -5.48 3.19
C TYR A 41 -9.96 -6.76 3.87
N LEU A 42 -9.63 -7.90 3.28
CA LEU A 42 -10.01 -9.19 3.82
C LEU A 42 -9.38 -9.41 5.20
N CYS A 43 -8.32 -8.67 5.47
CA CYS A 43 -7.62 -8.78 6.75
C CYS A 43 -8.33 -7.96 7.83
N MET A 44 -8.63 -6.71 7.51
CA MET A 44 -9.30 -5.82 8.45
C MET A 44 -10.60 -6.43 8.93
N PHE A 45 -11.10 -7.42 8.20
CA PHE A 45 -12.34 -8.09 8.56
C PHE A 45 -12.07 -9.35 9.40
N GLN A 46 -11.03 -10.09 9.01
CA GLN A 46 -10.66 -11.31 9.72
C GLN A 46 -9.32 -11.14 10.44
N GLU A 47 -8.24 -11.16 9.67
CA GLU A 47 -6.90 -11.01 10.23
C GLU A 47 -6.89 -9.97 11.35
N HIS A 48 -7.04 -8.70 10.97
CA HIS A 48 -7.04 -7.61 11.94
C HIS A 48 -8.43 -6.99 12.05
N LYS A 49 -9.32 -7.65 12.78
CA LYS A 49 -10.68 -7.16 12.96
C LYS A 49 -10.81 -6.36 14.26
N ASN A 50 -10.29 -6.93 15.35
CA ASN A 50 -10.34 -6.27 16.65
C ASN A 50 -9.51 -4.99 16.64
N HIS A 51 -8.34 -5.05 16.01
CA HIS A 51 -7.44 -3.90 15.94
C HIS A 51 -8.13 -2.73 15.23
N SER A 52 -7.40 -1.63 15.08
CA SER A 52 -7.93 -0.45 14.43
C SER A 52 -7.25 -0.21 13.08
N THR A 53 -7.84 -0.78 12.02
CA THR A 53 -7.29 -0.64 10.68
C THR A 53 -7.82 0.62 10.00
N VAL A 54 -6.96 1.27 9.22
CA VAL A 54 -7.33 2.49 8.52
C VAL A 54 -6.72 2.53 7.12
N THR A 55 -7.49 3.04 6.16
CA THR A 55 -7.02 3.13 4.78
C THR A 55 -5.64 3.79 4.71
N VAL A 56 -4.73 3.15 3.98
CA VAL A 56 -3.37 3.68 3.83
C VAL A 56 -3.37 5.19 3.72
N GLU A 57 -4.12 5.71 2.76
CA GLU A 57 -4.22 7.14 2.55
C GLU A 57 -4.46 7.87 3.86
N GLU A 58 -5.35 7.32 4.69
CA GLU A 58 -5.68 7.91 5.97
C GLU A 58 -4.44 7.98 6.87
N ALA A 59 -3.72 6.87 6.95
CA ALA A 59 -2.51 6.81 7.77
C ALA A 59 -1.50 7.85 7.34
N LYS A 60 -1.24 7.92 6.03
CA LYS A 60 -0.28 8.88 5.49
C LYS A 60 -0.60 10.29 5.96
N ALA A 61 -1.79 10.77 5.65
CA ALA A 61 -2.22 12.10 6.04
C ALA A 61 -1.80 12.41 7.47
N GLU A 62 -1.91 11.41 8.35
CA GLU A 62 -1.55 11.57 9.74
C GLU A 62 -0.13 12.12 9.89
N LYS A 63 0.83 11.44 9.26
CA LYS A 63 2.22 11.86 9.31
C LYS A 63 2.46 13.08 8.42
N GLU A 64 1.69 13.16 7.34
CA GLU A 64 1.82 14.29 6.41
C GLU A 64 1.86 15.62 7.16
N THR A 65 2.77 16.49 6.76
CA THR A 65 2.92 17.79 7.40
C THR A 65 1.56 18.36 7.81
N GLU A 66 1.48 18.89 9.02
CA GLU A 66 0.23 19.47 9.53
C GLU A 66 -0.28 20.55 8.58
N SER A 67 -1.58 20.52 8.31
CA SER A 67 -2.20 21.50 7.42
C SER A 67 -3.72 21.42 7.51
N GLY A 68 -4.38 22.41 6.92
CA GLY A 68 -5.84 22.43 6.93
C GLY A 68 -6.45 21.08 6.64
N PRO A 69 -7.56 20.77 7.32
CA PRO A 69 -8.27 19.50 7.15
C PRO A 69 -8.94 19.38 5.79
N SER A 70 -9.39 18.18 5.44
CA SER A 70 -10.06 17.95 4.17
C SER A 70 -11.57 17.96 4.33
N SER A 71 -12.07 17.16 5.25
CA SER A 71 -13.51 17.07 5.51
C SER A 71 -13.84 17.58 6.91
N GLY A 72 -14.83 18.47 7.00
CA GLY A 72 -15.22 19.01 8.28
C GLY A 72 -16.16 18.09 9.03
N GLY A 1 23.90 -26.12 -11.30
CA GLY A 1 24.05 -25.58 -12.64
C GLY A 1 23.08 -24.46 -12.93
N SER A 2 23.62 -23.31 -13.33
CA SER A 2 22.79 -22.14 -13.62
C SER A 2 22.20 -22.24 -15.03
N SER A 3 20.98 -21.73 -15.19
CA SER A 3 20.31 -21.76 -16.48
C SER A 3 21.22 -21.24 -17.59
N GLY A 4 21.65 -22.14 -18.47
CA GLY A 4 22.52 -21.75 -19.57
C GLY A 4 21.86 -20.76 -20.50
N SER A 5 21.94 -19.48 -20.15
CA SER A 5 21.34 -18.44 -20.97
C SER A 5 22.41 -17.45 -21.46
N SER A 6 22.01 -16.55 -22.34
CA SER A 6 22.93 -15.56 -22.90
C SER A 6 22.55 -14.16 -22.44
N GLY A 7 23.57 -13.31 -22.26
CA GLY A 7 23.32 -11.95 -21.82
C GLY A 7 22.32 -11.87 -20.68
N GLN A 8 21.10 -11.46 -20.99
CA GLN A 8 20.05 -11.34 -19.99
C GLN A 8 18.68 -11.53 -20.61
N LEU A 9 17.91 -12.46 -20.05
CA LEU A 9 16.56 -12.74 -20.55
C LEU A 9 15.66 -11.52 -20.41
N LEU A 10 14.42 -11.64 -20.87
CA LEU A 10 13.46 -10.55 -20.80
C LEU A 10 12.84 -10.46 -19.41
N GLU A 11 13.02 -9.31 -18.75
CA GLU A 11 12.47 -9.10 -17.42
C GLU A 11 11.09 -8.47 -17.49
N PRO A 12 10.19 -8.91 -16.59
CA PRO A 12 8.82 -8.39 -16.52
C PRO A 12 8.76 -6.95 -16.03
N ILE A 13 7.55 -6.48 -15.74
CA ILE A 13 7.35 -5.13 -15.25
C ILE A 13 7.37 -5.07 -13.73
N ARG A 14 8.48 -4.63 -13.17
CA ARG A 14 8.63 -4.54 -11.72
C ARG A 14 8.30 -3.13 -11.24
N ASP A 15 7.44 -2.44 -11.97
CA ASP A 15 7.05 -1.08 -11.62
C ASP A 15 5.53 -0.95 -11.51
N PHE A 16 4.89 -2.01 -11.00
CA PHE A 16 3.45 -2.03 -10.84
C PHE A 16 3.07 -2.49 -9.44
N GLU A 17 1.76 -2.58 -9.18
CA GLU A 17 1.27 -3.01 -7.89
C GLU A 17 2.18 -4.06 -7.27
N ALA A 18 3.00 -3.62 -6.32
CA ALA A 18 3.94 -4.53 -5.65
C ALA A 18 3.67 -4.57 -4.15
N ARG A 19 2.42 -4.34 -3.77
CA ARG A 19 2.04 -4.35 -2.36
C ARG A 19 0.74 -5.12 -2.15
N LYS A 20 0.85 -6.44 -2.05
CA LYS A 20 -0.31 -7.29 -1.85
C LYS A 20 -0.14 -8.15 -0.61
N CYS A 21 -1.26 -8.65 -0.08
CA CYS A 21 -1.24 -9.48 1.12
C CYS A 21 -0.64 -10.85 0.81
N PRO A 22 0.38 -11.24 1.58
CA PRO A 22 1.06 -12.53 1.42
C PRO A 22 0.17 -13.70 1.81
N VAL A 23 -0.89 -13.43 2.56
CA VAL A 23 -1.81 -14.47 3.01
C VAL A 23 -2.97 -14.61 2.03
N HIS A 24 -3.45 -13.48 1.50
CA HIS A 24 -4.56 -13.48 0.56
C HIS A 24 -4.06 -13.23 -0.86
N GLY A 25 -3.28 -12.18 -1.03
CA GLY A 25 -2.74 -11.84 -2.33
C GLY A 25 -3.46 -10.67 -2.97
N LYS A 26 -3.99 -9.78 -2.13
CA LYS A 26 -4.70 -8.60 -2.61
C LYS A 26 -3.93 -7.32 -2.29
N THR A 27 -3.94 -6.38 -3.24
CA THR A 27 -3.25 -5.11 -3.05
C THR A 27 -3.67 -4.44 -1.74
N MET A 28 -2.88 -4.63 -0.70
CA MET A 28 -3.16 -4.04 0.60
C MET A 28 -3.45 -2.55 0.46
N GLU A 29 -4.68 -2.16 0.81
CA GLU A 29 -5.07 -0.75 0.72
C GLU A 29 -5.45 -0.21 2.10
N LEU A 30 -4.91 -0.85 3.14
CA LEU A 30 -5.19 -0.43 4.51
C LEU A 30 -3.94 -0.51 5.37
N PHE A 31 -4.02 0.03 6.58
CA PHE A 31 -2.88 0.01 7.51
C PHE A 31 -3.36 -0.10 8.95
N CYS A 32 -2.89 -1.13 9.65
CA CYS A 32 -3.26 -1.35 11.04
C CYS A 32 -2.65 -0.27 11.94
N GLN A 33 -3.37 0.05 13.02
CA GLN A 33 -2.90 1.06 13.96
C GLN A 33 -2.27 0.41 15.18
N THR A 34 -2.61 -0.85 15.42
CA THR A 34 -2.07 -1.59 16.56
C THR A 34 -0.62 -2.00 16.32
N ASP A 35 -0.43 -2.90 15.35
CA ASP A 35 0.91 -3.37 15.02
C ASP A 35 1.58 -2.44 14.01
N GLN A 36 0.83 -1.46 13.54
CA GLN A 36 1.35 -0.50 12.56
C GLN A 36 1.90 -1.22 11.33
N THR A 37 1.14 -2.17 10.81
CA THR A 37 1.55 -2.93 9.64
C THR A 37 0.49 -2.85 8.54
N CYS A 38 0.93 -3.04 7.30
CA CYS A 38 0.02 -2.99 6.16
C CYS A 38 -0.82 -4.26 6.09
N ILE A 39 -2.04 -4.13 5.58
CA ILE A 39 -2.95 -5.25 5.45
C ILE A 39 -4.01 -4.99 4.38
N CYS A 40 -4.74 -6.05 4.02
CA CYS A 40 -5.78 -5.93 3.00
C CYS A 40 -7.17 -5.91 3.65
N TYR A 41 -8.17 -5.60 2.85
CA TYR A 41 -9.55 -5.55 3.35
C TYR A 41 -9.99 -6.91 3.90
N LEU A 42 -9.58 -7.97 3.21
CA LEU A 42 -9.92 -9.32 3.64
C LEU A 42 -9.32 -9.64 5.00
N CYS A 43 -8.27 -8.91 5.36
CA CYS A 43 -7.60 -9.11 6.64
C CYS A 43 -8.36 -8.42 7.76
N MET A 44 -8.53 -7.11 7.62
CA MET A 44 -9.24 -6.32 8.62
C MET A 44 -10.57 -6.98 9.00
N PHE A 45 -11.06 -7.85 8.13
CA PHE A 45 -12.31 -8.55 8.36
C PHE A 45 -12.08 -9.83 9.17
N GLN A 46 -10.97 -10.51 8.87
CA GLN A 46 -10.64 -11.75 9.56
C GLN A 46 -9.36 -11.58 10.38
N GLU A 47 -8.22 -11.55 9.70
CA GLU A 47 -6.94 -11.40 10.38
C GLU A 47 -7.01 -10.32 11.45
N HIS A 48 -7.24 -9.08 11.03
CA HIS A 48 -7.33 -7.96 11.95
C HIS A 48 -8.78 -7.52 12.12
N LYS A 49 -9.57 -8.32 12.83
CA LYS A 49 -10.97 -8.01 13.07
C LYS A 49 -11.16 -7.36 14.43
N ASN A 50 -10.05 -7.02 15.07
CA ASN A 50 -10.09 -6.38 16.39
C ASN A 50 -9.36 -5.05 16.37
N HIS A 51 -8.07 -5.09 16.05
CA HIS A 51 -7.26 -3.88 16.00
C HIS A 51 -7.96 -2.78 15.21
N SER A 52 -7.47 -1.55 15.33
CA SER A 52 -8.06 -0.42 14.64
C SER A 52 -7.38 -0.20 13.29
N THR A 53 -7.98 -0.75 12.24
CA THR A 53 -7.44 -0.61 10.89
C THR A 53 -7.95 0.65 10.22
N VAL A 54 -7.08 1.31 9.46
CA VAL A 54 -7.45 2.53 8.76
C VAL A 54 -6.83 2.57 7.36
N THR A 55 -7.63 2.98 6.38
CA THR A 55 -7.17 3.06 5.00
C THR A 55 -5.81 3.75 4.92
N VAL A 56 -4.89 3.13 4.18
CA VAL A 56 -3.55 3.69 4.02
C VAL A 56 -3.59 5.21 3.89
N GLU A 57 -4.27 5.68 2.84
CA GLU A 57 -4.40 7.11 2.59
C GLU A 57 -4.66 7.87 3.89
N GLU A 58 -5.58 7.33 4.70
CA GLU A 58 -5.94 7.95 5.97
C GLU A 58 -4.71 8.09 6.87
N ALA A 59 -3.92 7.02 6.95
CA ALA A 59 -2.72 7.03 7.77
C ALA A 59 -1.67 7.98 7.21
N LYS A 60 -1.46 7.92 5.91
CA LYS A 60 -0.49 8.79 5.25
C LYS A 60 -0.76 10.25 5.56
N ALA A 61 -2.04 10.63 5.54
CA ALA A 61 -2.43 12.01 5.83
C ALA A 61 -1.76 12.52 7.09
N GLU A 62 -1.64 11.64 8.09
CA GLU A 62 -1.02 12.01 9.36
C GLU A 62 0.45 12.39 9.16
N LYS A 63 1.27 11.39 8.85
CA LYS A 63 2.70 11.62 8.63
C LYS A 63 2.92 12.82 7.71
N GLU A 64 2.20 12.85 6.58
CA GLU A 64 2.33 13.94 5.63
C GLU A 64 2.59 15.26 6.35
N THR A 65 3.60 15.99 5.89
CA THR A 65 3.95 17.27 6.48
C THR A 65 3.07 18.39 5.94
N GLU A 66 2.98 18.47 4.61
CA GLU A 66 2.17 19.49 3.95
C GLU A 66 0.85 18.92 3.47
N SER A 67 -0.18 19.76 3.43
CA SER A 67 -1.50 19.33 2.98
C SER A 67 -1.55 19.23 1.45
N GLY A 68 -1.31 18.03 0.94
CA GLY A 68 -1.33 17.83 -0.50
C GLY A 68 -0.31 18.67 -1.22
N PRO A 69 0.24 18.13 -2.31
CA PRO A 69 1.25 18.83 -3.12
C PRO A 69 0.67 20.01 -3.89
N SER A 70 -0.53 19.83 -4.43
CA SER A 70 -1.20 20.87 -5.19
C SER A 70 -2.02 21.78 -4.27
N SER A 71 -1.44 22.11 -3.11
CA SER A 71 -2.12 22.96 -2.14
C SER A 71 -2.88 24.09 -2.84
N GLY A 72 -2.24 24.70 -3.84
CA GLY A 72 -2.88 25.78 -4.57
C GLY A 72 -1.89 26.56 -5.43
N GLY A 1 -0.25 -7.08 -24.69
CA GLY A 1 -0.05 -5.85 -25.41
C GLY A 1 -0.17 -6.01 -26.91
N SER A 2 -1.31 -5.60 -27.45
CA SER A 2 -1.55 -5.70 -28.88
C SER A 2 -2.44 -4.57 -29.38
N SER A 3 -2.17 -4.09 -30.59
CA SER A 3 -2.94 -3.00 -31.18
C SER A 3 -4.40 -3.42 -31.37
N GLY A 4 -5.27 -2.42 -31.52
CA GLY A 4 -6.69 -2.71 -31.72
C GLY A 4 -7.58 -1.62 -31.15
N SER A 5 -8.88 -1.88 -31.11
CA SER A 5 -9.84 -0.92 -30.60
C SER A 5 -10.85 -1.60 -29.67
N SER A 6 -10.36 -2.48 -28.82
CA SER A 6 -11.21 -3.20 -27.89
C SER A 6 -10.39 -3.81 -26.76
N GLY A 7 -11.02 -4.00 -25.60
CA GLY A 7 -10.34 -4.58 -24.47
C GLY A 7 -11.12 -5.70 -23.81
N GLN A 8 -10.86 -6.93 -24.22
CA GLN A 8 -11.55 -8.08 -23.68
C GLN A 8 -10.61 -8.94 -22.84
N LEU A 9 -10.90 -9.03 -21.54
CA LEU A 9 -10.08 -9.81 -20.63
C LEU A 9 -8.67 -9.23 -20.52
N LEU A 10 -8.56 -7.94 -20.79
CA LEU A 10 -7.28 -7.26 -20.72
C LEU A 10 -6.57 -7.54 -19.40
N GLU A 11 -5.48 -8.29 -19.45
CA GLU A 11 -4.72 -8.63 -18.26
C GLU A 11 -4.01 -7.40 -17.69
N PRO A 12 -4.03 -7.28 -16.35
CA PRO A 12 -3.39 -6.16 -15.65
C PRO A 12 -1.87 -6.22 -15.73
N ILE A 13 -1.22 -5.27 -15.07
CA ILE A 13 0.24 -5.21 -15.06
C ILE A 13 0.82 -5.97 -13.88
N ARG A 14 2.02 -6.52 -14.06
CA ARG A 14 2.68 -7.27 -13.00
C ARG A 14 3.76 -6.42 -12.33
N ASP A 15 4.41 -5.56 -13.11
CA ASP A 15 5.46 -4.70 -12.59
C ASP A 15 4.87 -3.43 -11.99
N PHE A 16 3.56 -3.44 -11.76
CA PHE A 16 2.87 -2.28 -11.19
C PHE A 16 2.51 -2.53 -9.73
N GLU A 17 1.58 -3.46 -9.51
CA GLU A 17 1.15 -3.79 -8.15
C GLU A 17 1.96 -4.96 -7.59
N ALA A 18 2.82 -4.67 -6.63
CA ALA A 18 3.65 -5.69 -6.01
C ALA A 18 3.44 -5.74 -4.50
N ARG A 19 2.64 -4.80 -4.00
CA ARG A 19 2.35 -4.74 -2.57
C ARG A 19 0.98 -5.35 -2.27
N LYS A 20 0.96 -6.67 -2.13
CA LYS A 20 -0.28 -7.39 -1.84
C LYS A 20 -0.13 -8.23 -0.57
N CYS A 21 -1.27 -8.64 -0.01
CA CYS A 21 -1.27 -9.45 1.20
C CYS A 21 -0.69 -10.84 0.93
N PRO A 22 0.33 -11.22 1.73
CA PRO A 22 0.99 -12.52 1.60
C PRO A 22 0.08 -13.68 2.01
N VAL A 23 -1.01 -13.35 2.69
CA VAL A 23 -1.95 -14.36 3.15
C VAL A 23 -3.12 -14.50 2.17
N HIS A 24 -3.52 -13.39 1.57
CA HIS A 24 -4.63 -13.39 0.61
C HIS A 24 -4.11 -13.15 -0.80
N GLY A 25 -3.29 -12.11 -0.97
CA GLY A 25 -2.75 -11.78 -2.27
C GLY A 25 -3.43 -10.59 -2.89
N LYS A 26 -4.04 -9.74 -2.06
CA LYS A 26 -4.73 -8.56 -2.54
C LYS A 26 -3.93 -7.30 -2.23
N THR A 27 -3.89 -6.37 -3.18
CA THR A 27 -3.16 -5.13 -3.00
C THR A 27 -3.52 -4.47 -1.68
N MET A 28 -2.65 -4.62 -0.70
CA MET A 28 -2.87 -4.03 0.62
C MET A 28 -3.14 -2.54 0.51
N GLU A 29 -4.35 -2.13 0.89
CA GLU A 29 -4.74 -0.72 0.83
C GLU A 29 -5.16 -0.22 2.20
N LEU A 30 -4.64 -0.85 3.24
CA LEU A 30 -4.95 -0.46 4.62
C LEU A 30 -3.72 -0.59 5.52
N PHE A 31 -3.85 -0.09 6.75
CA PHE A 31 -2.75 -0.15 7.71
C PHE A 31 -3.28 -0.33 9.12
N CYS A 32 -2.81 -1.38 9.79
CA CYS A 32 -3.24 -1.66 11.16
C CYS A 32 -2.63 -0.66 12.14
N GLN A 33 -3.42 -0.24 13.11
CA GLN A 33 -2.96 0.72 14.11
C GLN A 33 -2.50 0.00 15.37
N THR A 34 -2.59 -1.33 15.36
CA THR A 34 -2.18 -2.14 16.51
C THR A 34 -0.73 -2.61 16.36
N ASP A 35 -0.44 -3.27 15.24
CA ASP A 35 0.90 -3.77 14.98
C ASP A 35 1.62 -2.89 13.96
N GLN A 36 0.94 -1.85 13.49
CA GLN A 36 1.51 -0.94 12.51
C GLN A 36 2.03 -1.70 11.30
N THR A 37 1.22 -2.60 10.76
CA THR A 37 1.60 -3.39 9.60
C THR A 37 0.56 -3.28 8.49
N CYS A 38 1.03 -3.25 7.25
CA CYS A 38 0.14 -3.15 6.10
C CYS A 38 -0.70 -4.41 5.94
N ILE A 39 -1.98 -4.23 5.58
CA ILE A 39 -2.88 -5.36 5.41
C ILE A 39 -3.92 -5.06 4.32
N CYS A 40 -4.69 -6.08 3.95
CA CYS A 40 -5.72 -5.92 2.94
C CYS A 40 -7.10 -5.81 3.58
N TYR A 41 -8.11 -5.57 2.75
CA TYR A 41 -9.49 -5.43 3.24
C TYR A 41 -9.98 -6.75 3.83
N LEU A 42 -9.61 -7.86 3.21
CA LEU A 42 -10.02 -9.18 3.67
C LEU A 42 -9.41 -9.48 5.04
N CYS A 43 -8.35 -8.75 5.39
CA CYS A 43 -7.68 -8.94 6.67
C CYS A 43 -8.38 -8.17 7.78
N MET A 44 -8.65 -6.89 7.52
CA MET A 44 -9.32 -6.04 8.49
C MET A 44 -10.65 -6.66 8.92
N PHE A 45 -11.16 -7.58 8.11
CA PHE A 45 -12.43 -8.24 8.42
C PHE A 45 -12.19 -9.49 9.25
N GLN A 46 -11.23 -10.31 8.84
CA GLN A 46 -10.90 -11.54 9.56
C GLN A 46 -9.59 -11.41 10.30
N GLU A 47 -8.48 -11.46 9.56
CA GLU A 47 -7.16 -11.35 10.17
C GLU A 47 -7.14 -10.30 11.27
N HIS A 48 -7.21 -9.04 10.88
CA HIS A 48 -7.20 -7.94 11.85
C HIS A 48 -8.61 -7.38 12.04
N LYS A 49 -9.42 -8.10 12.81
CA LYS A 49 -10.79 -7.68 13.08
C LYS A 49 -10.84 -6.70 14.25
N ASN A 50 -10.49 -7.19 15.43
CA ASN A 50 -10.49 -6.36 16.63
C ASN A 50 -9.62 -5.12 16.44
N HIS A 51 -8.35 -5.35 16.12
CA HIS A 51 -7.41 -4.25 15.90
C HIS A 51 -8.07 -3.11 15.13
N SER A 52 -7.50 -1.92 15.27
CA SER A 52 -8.04 -0.74 14.58
C SER A 52 -7.30 -0.48 13.27
N THR A 53 -7.92 -0.86 12.16
CA THR A 53 -7.33 -0.68 10.84
C THR A 53 -7.84 0.60 10.19
N VAL A 54 -6.97 1.28 9.46
CA VAL A 54 -7.33 2.51 8.77
C VAL A 54 -6.70 2.59 7.39
N THR A 55 -7.50 2.94 6.39
CA THR A 55 -7.02 3.05 5.03
C THR A 55 -5.68 3.79 4.96
N VAL A 56 -4.70 3.18 4.32
CA VAL A 56 -3.37 3.78 4.20
C VAL A 56 -3.48 5.28 3.91
N GLU A 57 -4.42 5.64 3.04
CA GLU A 57 -4.62 7.04 2.68
C GLU A 57 -4.86 7.89 3.92
N GLU A 58 -5.66 7.38 4.84
CA GLU A 58 -5.97 8.09 6.08
C GLU A 58 -4.71 8.27 6.93
N ALA A 59 -3.96 7.20 7.11
CA ALA A 59 -2.74 7.23 7.89
C ALA A 59 -1.72 8.20 7.29
N LYS A 60 -1.56 8.13 5.98
CA LYS A 60 -0.62 9.00 5.28
C LYS A 60 -0.70 10.43 5.82
N ALA A 61 -1.92 10.95 5.93
CA ALA A 61 -2.14 12.30 6.43
C ALA A 61 -1.22 12.59 7.61
N GLU A 62 -1.13 11.64 8.54
CA GLU A 62 -0.29 11.80 9.72
C GLU A 62 1.10 12.33 9.33
N LYS A 63 1.68 11.75 8.30
CA LYS A 63 3.00 12.16 7.83
C LYS A 63 2.89 13.36 6.90
N GLU A 64 1.97 13.29 5.96
CA GLU A 64 1.77 14.38 5.01
C GLU A 64 1.76 15.72 5.72
N THR A 65 1.88 16.80 4.94
CA THR A 65 1.90 18.15 5.48
C THR A 65 3.15 18.38 6.34
N GLU A 66 4.29 17.92 5.84
CA GLU A 66 5.55 18.08 6.56
C GLU A 66 5.94 19.55 6.65
N SER A 67 7.02 19.82 7.37
CA SER A 67 7.50 21.20 7.55
C SER A 67 7.52 21.93 6.21
N GLY A 68 7.76 23.24 6.28
CA GLY A 68 7.80 24.04 5.07
C GLY A 68 9.22 24.40 4.66
N PRO A 69 9.65 25.62 5.02
CA PRO A 69 10.99 26.11 4.69
C PRO A 69 12.08 25.39 5.49
N SER A 70 11.66 24.41 6.28
CA SER A 70 12.61 23.65 7.11
C SER A 70 13.94 23.48 6.39
N SER A 71 14.98 24.07 6.95
CA SER A 71 16.31 23.98 6.36
C SER A 71 16.59 22.57 5.84
N GLY A 72 17.34 22.48 4.75
CA GLY A 72 17.67 21.20 4.17
C GLY A 72 16.60 20.71 3.21
N GLY A 1 13.83 1.47 -46.79
CA GLY A 1 13.93 0.37 -47.73
C GLY A 1 12.96 -0.75 -47.43
N SER A 2 13.48 -1.90 -47.05
CA SER A 2 12.64 -3.06 -46.73
C SER A 2 12.61 -3.31 -45.23
N SER A 3 13.78 -3.36 -44.60
CA SER A 3 13.88 -3.60 -43.17
C SER A 3 13.67 -2.29 -42.39
N GLY A 4 12.57 -2.23 -41.65
CA GLY A 4 12.27 -1.04 -40.87
C GLY A 4 11.72 -1.37 -39.49
N SER A 5 10.73 -0.60 -39.06
CA SER A 5 10.11 -0.81 -37.76
C SER A 5 9.03 -1.89 -37.83
N SER A 6 9.33 -2.96 -38.56
CA SER A 6 8.39 -4.07 -38.72
C SER A 6 8.20 -4.81 -37.40
N GLY A 7 7.23 -4.37 -36.60
CA GLY A 7 6.97 -5.00 -35.33
C GLY A 7 7.14 -4.06 -34.16
N GLN A 8 6.16 -3.18 -33.96
CA GLN A 8 6.22 -2.22 -32.86
C GLN A 8 5.65 -2.82 -31.57
N LEU A 9 6.29 -2.49 -30.45
CA LEU A 9 5.86 -3.00 -29.15
C LEU A 9 5.82 -1.88 -28.12
N LEU A 10 5.37 -2.22 -26.92
CA LEU A 10 5.29 -1.23 -25.84
C LEU A 10 5.80 -1.82 -24.53
N GLU A 11 6.37 -0.97 -23.68
CA GLU A 11 6.91 -1.42 -22.40
C GLU A 11 5.79 -1.93 -21.49
N PRO A 12 6.05 -3.06 -20.81
CA PRO A 12 5.08 -3.67 -19.91
C PRO A 12 4.86 -2.85 -18.64
N ILE A 13 3.95 -3.31 -17.79
CA ILE A 13 3.64 -2.62 -16.54
C ILE A 13 4.44 -3.20 -15.37
N ARG A 14 5.55 -2.55 -15.04
CA ARG A 14 6.40 -3.01 -13.95
C ARG A 14 6.02 -2.32 -12.64
N ASP A 15 5.49 -1.11 -12.76
CA ASP A 15 5.08 -0.34 -11.58
C ASP A 15 3.67 -0.70 -11.15
N PHE A 16 3.15 -1.80 -11.72
CA PHE A 16 1.81 -2.26 -11.38
C PHE A 16 1.71 -2.67 -9.92
N GLU A 17 0.48 -2.86 -9.44
CA GLU A 17 0.25 -3.25 -8.06
C GLU A 17 1.12 -4.44 -7.68
N ALA A 18 2.11 -4.20 -6.82
CA ALA A 18 3.01 -5.25 -6.38
C ALA A 18 2.92 -5.47 -4.87
N ARG A 19 2.17 -4.59 -4.21
CA ARG A 19 2.00 -4.68 -2.76
C ARG A 19 0.68 -5.36 -2.41
N LYS A 20 0.71 -6.68 -2.30
CA LYS A 20 -0.47 -7.45 -1.97
C LYS A 20 -0.28 -8.24 -0.67
N CYS A 21 -1.38 -8.73 -0.11
CA CYS A 21 -1.33 -9.49 1.13
C CYS A 21 -0.69 -10.86 0.90
N PRO A 22 0.33 -11.19 1.71
CA PRO A 22 1.04 -12.46 1.62
C PRO A 22 0.17 -13.64 2.06
N VAL A 23 -0.92 -13.34 2.76
CA VAL A 23 -1.84 -14.36 3.24
C VAL A 23 -3.01 -14.56 2.28
N HIS A 24 -3.46 -13.47 1.69
CA HIS A 24 -4.57 -13.51 0.74
C HIS A 24 -4.08 -13.31 -0.68
N GLY A 25 -3.27 -12.28 -0.89
CA GLY A 25 -2.75 -11.99 -2.21
C GLY A 25 -3.48 -10.84 -2.88
N LYS A 26 -4.12 -9.99 -2.08
CA LYS A 26 -4.85 -8.85 -2.60
C LYS A 26 -4.10 -7.55 -2.33
N THR A 27 -4.12 -6.64 -3.29
CA THR A 27 -3.45 -5.36 -3.15
C THR A 27 -3.82 -4.67 -1.83
N MET A 28 -2.94 -4.78 -0.84
CA MET A 28 -3.18 -4.18 0.46
C MET A 28 -3.41 -2.68 0.33
N GLU A 29 -4.61 -2.24 0.70
CA GLU A 29 -4.96 -0.82 0.62
C GLU A 29 -5.30 -0.26 2.00
N LEU A 30 -4.81 -0.94 3.04
CA LEU A 30 -5.08 -0.51 4.41
C LEU A 30 -3.82 -0.67 5.27
N PHE A 31 -3.89 -0.15 6.50
CA PHE A 31 -2.76 -0.23 7.42
C PHE A 31 -3.25 -0.34 8.86
N CYS A 32 -2.78 -1.36 9.57
CA CYS A 32 -3.16 -1.57 10.96
C CYS A 32 -2.52 -0.54 11.87
N GLN A 33 -3.26 -0.10 12.88
CA GLN A 33 -2.75 0.89 13.83
C GLN A 33 -2.22 0.22 15.09
N THR A 34 -2.57 -1.05 15.27
CA THR A 34 -2.13 -1.80 16.44
C THR A 34 -0.67 -2.24 16.30
N ASP A 35 -0.41 -3.07 15.29
CA ASP A 35 0.94 -3.56 15.04
C ASP A 35 1.68 -2.65 14.06
N GLN A 36 0.95 -1.70 13.47
CA GLN A 36 1.53 -0.78 12.51
C GLN A 36 2.06 -1.52 11.29
N THR A 37 1.24 -2.41 10.74
CA THR A 37 1.62 -3.19 9.57
C THR A 37 0.60 -3.01 8.44
N CYS A 38 1.03 -3.27 7.21
CA CYS A 38 0.17 -3.15 6.05
C CYS A 38 -0.66 -4.42 5.86
N ILE A 39 -1.96 -4.24 5.60
CA ILE A 39 -2.86 -5.37 5.41
C ILE A 39 -3.86 -5.07 4.31
N CYS A 40 -4.74 -6.04 4.04
CA CYS A 40 -5.76 -5.88 3.01
C CYS A 40 -7.15 -5.81 3.63
N TYR A 41 -8.15 -5.55 2.80
CA TYR A 41 -9.54 -5.46 3.27
C TYR A 41 -10.00 -6.78 3.88
N LEU A 42 -9.63 -7.87 3.23
CA LEU A 42 -10.00 -9.21 3.71
C LEU A 42 -9.37 -9.49 5.08
N CYS A 43 -8.33 -8.74 5.41
CA CYS A 43 -7.64 -8.90 6.68
C CYS A 43 -8.35 -8.12 7.79
N MET A 44 -8.65 -6.86 7.52
CA MET A 44 -9.32 -6.01 8.49
C MET A 44 -10.65 -6.63 8.94
N PHE A 45 -11.11 -7.62 8.18
CA PHE A 45 -12.37 -8.29 8.49
C PHE A 45 -12.11 -9.56 9.31
N GLN A 46 -10.97 -10.20 9.07
CA GLN A 46 -10.60 -11.42 9.78
C GLN A 46 -9.31 -11.23 10.56
N GLU A 47 -8.19 -11.24 9.84
CA GLU A 47 -6.88 -11.06 10.47
C GLU A 47 -6.93 -9.97 11.54
N HIS A 48 -7.19 -8.75 11.11
CA HIS A 48 -7.27 -7.62 12.03
C HIS A 48 -8.69 -7.07 12.11
N LYS A 49 -9.54 -7.77 12.86
CA LYS A 49 -10.93 -7.35 13.02
C LYS A 49 -11.13 -6.60 14.34
N ASN A 50 -10.35 -6.97 15.35
CA ASN A 50 -10.44 -6.33 16.66
C ASN A 50 -9.57 -5.08 16.71
N HIS A 51 -8.44 -5.12 16.00
CA HIS A 51 -7.52 -3.98 15.96
C HIS A 51 -8.17 -2.78 15.29
N SER A 52 -7.39 -1.72 15.11
CA SER A 52 -7.90 -0.50 14.49
C SER A 52 -7.23 -0.27 13.13
N THR A 53 -7.80 -0.87 12.09
CA THR A 53 -7.26 -0.73 10.75
C THR A 53 -7.76 0.56 10.08
N VAL A 54 -6.88 1.19 9.30
CA VAL A 54 -7.23 2.42 8.60
C VAL A 54 -6.58 2.48 7.22
N THR A 55 -7.37 2.87 6.22
CA THR A 55 -6.88 2.97 4.85
C THR A 55 -5.50 3.60 4.81
N VAL A 56 -4.59 2.99 4.06
CA VAL A 56 -3.22 3.50 3.93
C VAL A 56 -3.24 5.01 3.70
N GLU A 57 -3.99 5.45 2.71
CA GLU A 57 -4.08 6.87 2.40
C GLU A 57 -4.36 7.70 3.65
N GLU A 58 -5.23 7.19 4.50
CA GLU A 58 -5.58 7.89 5.74
C GLU A 58 -4.36 8.03 6.64
N ALA A 59 -3.61 6.95 6.79
CA ALA A 59 -2.41 6.96 7.61
C ALA A 59 -1.41 8.01 7.13
N LYS A 60 -1.19 8.04 5.82
CA LYS A 60 -0.26 9.00 5.22
C LYS A 60 -0.68 10.44 5.55
N ALA A 61 -1.97 10.72 5.43
CA ALA A 61 -2.49 12.05 5.70
C ALA A 61 -1.90 12.61 7.00
N GLU A 62 -1.83 11.77 8.02
CA GLU A 62 -1.30 12.18 9.31
C GLU A 62 0.18 12.56 9.19
N LYS A 63 0.99 11.61 8.74
CA LYS A 63 2.42 11.84 8.57
C LYS A 63 2.67 13.15 7.82
N GLU A 64 2.08 13.29 6.65
CA GLU A 64 2.25 14.48 5.84
C GLU A 64 1.90 15.74 6.65
N THR A 65 2.82 16.70 6.68
CA THR A 65 2.61 17.93 7.42
C THR A 65 1.79 17.69 8.68
N GLU A 66 2.08 16.59 9.37
CA GLU A 66 1.38 16.24 10.60
C GLU A 66 1.20 17.48 11.48
N SER A 67 0.20 17.43 12.35
CA SER A 67 -0.08 18.54 13.26
C SER A 67 1.17 18.95 14.00
N GLY A 68 1.28 20.25 14.29
CA GLY A 68 2.43 20.76 15.00
C GLY A 68 2.75 22.20 14.64
N PRO A 69 3.62 22.83 15.44
CA PRO A 69 4.02 24.23 15.22
C PRO A 69 4.88 24.39 13.97
N SER A 70 4.36 25.14 13.00
CA SER A 70 5.09 25.38 11.75
C SER A 70 4.35 26.40 10.89
N SER A 71 5.00 26.82 9.80
CA SER A 71 4.42 27.80 8.90
C SER A 71 2.90 27.61 8.80
N GLY A 72 2.19 28.71 8.54
CA GLY A 72 0.75 28.65 8.42
C GLY A 72 0.04 29.11 9.68
N GLY A 1 32.45 -11.61 -32.42
CA GLY A 1 33.47 -11.15 -31.50
C GLY A 1 33.01 -9.96 -30.68
N SER A 2 32.82 -8.81 -31.36
CA SER A 2 32.39 -7.59 -30.68
C SER A 2 30.96 -7.24 -31.09
N SER A 3 30.32 -6.39 -30.29
CA SER A 3 28.95 -5.97 -30.56
C SER A 3 28.88 -5.19 -31.87
N GLY A 4 29.65 -4.11 -31.96
CA GLY A 4 29.65 -3.30 -33.16
C GLY A 4 28.91 -1.99 -32.98
N SER A 5 27.60 -2.06 -32.78
CA SER A 5 26.79 -0.87 -32.59
C SER A 5 26.06 -0.91 -31.25
N SER A 6 25.83 0.27 -30.68
CA SER A 6 25.16 0.38 -29.39
C SER A 6 23.67 0.70 -29.59
N GLY A 7 22.82 -0.01 -28.84
CA GLY A 7 21.40 0.22 -28.95
C GLY A 7 20.66 -0.08 -27.65
N GLN A 8 19.68 0.75 -27.33
CA GLN A 8 18.91 0.57 -26.10
C GLN A 8 17.45 0.97 -26.31
N LEU A 9 16.55 0.35 -25.55
CA LEU A 9 15.13 0.65 -25.66
C LEU A 9 14.51 0.80 -24.28
N LEU A 10 13.40 1.54 -24.21
CA LEU A 10 12.70 1.75 -22.94
C LEU A 10 12.47 0.43 -22.21
N GLU A 11 13.18 0.25 -21.10
CA GLU A 11 13.05 -0.97 -20.31
C GLU A 11 11.66 -1.08 -19.69
N PRO A 12 11.04 -2.26 -19.84
CA PRO A 12 9.71 -2.52 -19.30
C PRO A 12 9.69 -2.59 -17.78
N ILE A 13 8.51 -2.80 -17.20
CA ILE A 13 8.37 -2.89 -15.75
C ILE A 13 8.68 -4.30 -15.26
N ARG A 14 9.09 -4.40 -14.00
CA ARG A 14 9.40 -5.68 -13.40
C ARG A 14 8.16 -6.33 -12.80
N ASP A 15 7.40 -5.54 -12.06
CA ASP A 15 6.18 -6.04 -11.43
C ASP A 15 5.23 -4.89 -11.08
N PHE A 16 4.17 -4.75 -11.85
CA PHE A 16 3.19 -3.70 -11.63
C PHE A 16 2.74 -3.67 -10.18
N GLU A 17 2.03 -4.72 -9.75
CA GLU A 17 1.54 -4.81 -8.38
C GLU A 17 2.35 -5.82 -7.59
N ALA A 18 3.13 -5.33 -6.63
CA ALA A 18 3.96 -6.20 -5.80
C ALA A 18 3.65 -5.99 -4.32
N ARG A 19 2.50 -5.38 -4.04
CA ARG A 19 2.09 -5.13 -2.66
C ARG A 19 0.75 -5.79 -2.37
N LYS A 20 0.76 -7.12 -2.28
CA LYS A 20 -0.46 -7.87 -2.00
C LYS A 20 -0.30 -8.69 -0.72
N CYS A 21 -1.42 -9.07 -0.12
CA CYS A 21 -1.42 -9.85 1.11
C CYS A 21 -0.92 -11.27 0.85
N PRO A 22 0.10 -11.69 1.62
CA PRO A 22 0.68 -13.02 1.49
C PRO A 22 -0.26 -14.13 1.95
N VAL A 23 -1.28 -13.75 2.72
CA VAL A 23 -2.26 -14.70 3.22
C VAL A 23 -3.45 -14.81 2.29
N HIS A 24 -3.88 -13.68 1.73
CA HIS A 24 -5.01 -13.66 0.82
C HIS A 24 -4.54 -13.47 -0.63
N GLY A 25 -3.67 -12.48 -0.84
CA GLY A 25 -3.17 -12.23 -2.17
C GLY A 25 -3.81 -11.01 -2.82
N LYS A 26 -4.27 -10.08 -1.99
CA LYS A 26 -4.91 -8.87 -2.49
C LYS A 26 -4.03 -7.64 -2.24
N THR A 27 -4.03 -6.71 -3.20
CA THR A 27 -3.24 -5.49 -3.08
C THR A 27 -3.56 -4.75 -1.79
N MET A 28 -2.79 -5.02 -0.74
CA MET A 28 -3.00 -4.37 0.55
C MET A 28 -3.18 -2.87 0.38
N GLU A 29 -4.42 -2.41 0.56
CA GLU A 29 -4.74 -1.00 0.43
C GLU A 29 -5.11 -0.39 1.77
N LEU A 30 -4.57 -0.97 2.84
CA LEU A 30 -4.83 -0.48 4.18
C LEU A 30 -3.59 -0.60 5.07
N PHE A 31 -3.67 -0.03 6.26
CA PHE A 31 -2.54 -0.07 7.20
C PHE A 31 -3.05 -0.12 8.64
N CYS A 32 -2.68 -1.20 9.34
CA CYS A 32 -3.09 -1.37 10.73
C CYS A 32 -2.40 -0.35 11.64
N GLN A 33 -3.14 0.17 12.61
CA GLN A 33 -2.60 1.15 13.54
C GLN A 33 -2.12 0.49 14.81
N THR A 34 -2.50 -0.78 14.99
CA THR A 34 -2.11 -1.53 16.17
C THR A 34 -0.65 -2.00 16.08
N ASP A 35 -0.34 -2.77 15.05
CA ASP A 35 1.00 -3.27 14.83
C ASP A 35 1.76 -2.40 13.84
N GLN A 36 1.07 -1.42 13.28
CA GLN A 36 1.67 -0.51 12.30
C GLN A 36 2.20 -1.28 11.10
N THR A 37 1.38 -2.17 10.57
CA THR A 37 1.77 -2.99 9.41
C THR A 37 0.74 -2.86 8.29
N CYS A 38 1.16 -3.22 7.08
CA CYS A 38 0.27 -3.17 5.92
C CYS A 38 -0.57 -4.42 5.80
N ILE A 39 -1.87 -4.25 5.54
CA ILE A 39 -2.78 -5.38 5.41
C ILE A 39 -3.80 -5.12 4.30
N CYS A 40 -4.67 -6.10 4.08
CA CYS A 40 -5.71 -5.99 3.06
C CYS A 40 -7.09 -5.91 3.69
N TYR A 41 -8.09 -5.59 2.87
CA TYR A 41 -9.46 -5.48 3.34
C TYR A 41 -9.93 -6.80 3.96
N LEU A 42 -9.57 -7.90 3.31
CA LEU A 42 -9.97 -9.22 3.80
C LEU A 42 -9.33 -9.51 5.17
N CYS A 43 -8.29 -8.76 5.49
CA CYS A 43 -7.60 -8.93 6.76
C CYS A 43 -8.28 -8.13 7.87
N MET A 44 -8.38 -6.82 7.66
CA MET A 44 -9.01 -5.94 8.64
C MET A 44 -10.38 -6.49 9.07
N PHE A 45 -10.92 -7.40 8.27
CA PHE A 45 -12.21 -8.00 8.57
C PHE A 45 -12.05 -9.24 9.44
N GLN A 46 -11.00 -10.01 9.19
CA GLN A 46 -10.71 -11.22 9.95
C GLN A 46 -9.38 -11.10 10.68
N GLU A 47 -8.30 -11.23 9.94
CA GLU A 47 -6.96 -11.15 10.52
C GLU A 47 -6.89 -10.04 11.57
N HIS A 48 -7.12 -8.81 11.13
CA HIS A 48 -7.09 -7.66 12.04
C HIS A 48 -8.49 -7.07 12.22
N LYS A 49 -9.30 -7.74 13.03
CA LYS A 49 -10.66 -7.28 13.30
C LYS A 49 -10.73 -6.51 14.62
N ASN A 50 -9.90 -6.91 15.57
CA ASN A 50 -9.87 -6.25 16.87
C ASN A 50 -8.76 -5.21 16.94
N HIS A 51 -8.51 -4.54 15.82
CA HIS A 51 -7.48 -3.53 15.75
C HIS A 51 -8.02 -2.24 15.09
N SER A 52 -7.13 -1.28 14.89
CA SER A 52 -7.51 -0.01 14.28
C SER A 52 -6.91 0.13 12.89
N THR A 53 -7.62 -0.38 11.89
CA THR A 53 -7.15 -0.32 10.50
C THR A 53 -7.65 0.95 9.81
N VAL A 54 -6.79 1.57 9.02
CA VAL A 54 -7.14 2.78 8.30
C VAL A 54 -6.58 2.77 6.89
N THR A 55 -7.38 3.25 5.94
CA THR A 55 -6.97 3.29 4.54
C THR A 55 -5.59 3.93 4.39
N VAL A 56 -4.67 3.20 3.77
CA VAL A 56 -3.32 3.70 3.56
C VAL A 56 -3.32 5.20 3.30
N GLU A 57 -4.05 5.63 2.29
CA GLU A 57 -4.13 7.04 1.94
C GLU A 57 -4.36 7.90 3.19
N GLU A 58 -5.24 7.44 4.07
CA GLU A 58 -5.54 8.16 5.30
C GLU A 58 -4.31 8.23 6.20
N ALA A 59 -3.57 7.14 6.26
CA ALA A 59 -2.36 7.08 7.08
C ALA A 59 -1.31 8.08 6.60
N LYS A 60 -0.97 7.99 5.32
CA LYS A 60 0.03 8.90 4.74
C LYS A 60 -0.31 10.34 5.07
N ALA A 61 -1.59 10.69 5.02
CA ALA A 61 -2.04 12.04 5.31
C ALA A 61 -2.16 12.26 6.82
N GLU A 62 -2.34 11.18 7.56
CA GLU A 62 -2.49 11.25 9.01
C GLU A 62 -1.14 11.57 9.66
N LYS A 63 -0.07 10.99 9.11
CA LYS A 63 1.27 11.21 9.64
C LYS A 63 1.79 12.60 9.26
N GLU A 64 1.34 13.10 8.12
CA GLU A 64 1.75 14.42 7.65
C GLU A 64 1.41 15.49 8.68
N THR A 65 2.38 16.37 8.96
CA THR A 65 2.19 17.44 9.92
C THR A 65 2.16 18.81 9.23
N GLU A 66 1.01 19.48 9.32
CA GLU A 66 0.86 20.80 8.71
C GLU A 66 0.64 21.88 9.77
N SER A 67 1.70 22.22 10.49
CA SER A 67 1.61 23.23 11.53
C SER A 67 2.96 23.92 11.74
N GLY A 68 2.94 25.25 11.75
CA GLY A 68 4.16 26.00 11.93
C GLY A 68 4.60 26.08 13.38
N PRO A 69 4.39 27.24 14.00
CA PRO A 69 4.75 27.46 15.40
C PRO A 69 3.86 26.68 16.36
N SER A 70 2.65 26.37 15.93
CA SER A 70 1.70 25.62 16.74
C SER A 70 2.00 24.13 16.70
N SER A 71 3.25 23.78 17.01
CA SER A 71 3.67 22.38 17.01
C SER A 71 2.74 21.54 17.88
N GLY A 72 2.04 20.60 17.26
CA GLY A 72 1.13 19.73 18.00
C GLY A 72 1.82 18.49 18.53
N GLY A 1 33.36 -13.72 -19.96
CA GLY A 1 34.22 -13.56 -18.81
C GLY A 1 33.47 -13.19 -17.56
N SER A 2 34.08 -12.35 -16.72
CA SER A 2 33.46 -11.93 -15.47
C SER A 2 32.32 -10.95 -15.75
N SER A 3 32.56 -10.00 -16.64
CA SER A 3 31.56 -9.00 -16.99
C SER A 3 30.27 -9.65 -17.44
N GLY A 4 29.14 -9.08 -17.02
CA GLY A 4 27.85 -9.63 -17.39
C GLY A 4 27.08 -8.73 -18.33
N SER A 5 26.07 -9.28 -18.99
CA SER A 5 25.26 -8.52 -19.94
C SER A 5 24.09 -7.84 -19.23
N SER A 6 24.34 -6.65 -18.70
CA SER A 6 23.31 -5.89 -18.00
C SER A 6 22.18 -5.52 -18.95
N GLY A 7 22.50 -4.73 -19.97
CA GLY A 7 21.50 -4.31 -20.93
C GLY A 7 21.32 -2.80 -20.96
N GLN A 8 21.58 -2.21 -22.12
CA GLN A 8 21.45 -0.76 -22.28
C GLN A 8 20.06 -0.29 -21.85
N LEU A 9 19.04 -0.79 -22.55
CA LEU A 9 17.66 -0.42 -22.25
C LEU A 9 17.28 -0.82 -20.82
N LEU A 10 16.75 0.14 -20.07
CA LEU A 10 16.34 -0.10 -18.70
C LEU A 10 15.42 -1.31 -18.60
N GLU A 11 15.73 -2.20 -17.67
CA GLU A 11 14.93 -3.41 -17.48
C GLU A 11 13.50 -3.05 -17.07
N PRO A 12 12.52 -3.69 -17.74
CA PRO A 12 11.10 -3.45 -17.47
C PRO A 12 10.67 -4.00 -16.11
N ILE A 13 9.38 -3.89 -15.82
CA ILE A 13 8.84 -4.39 -14.56
C ILE A 13 8.36 -5.83 -14.68
N ARG A 14 8.74 -6.66 -13.72
CA ARG A 14 8.34 -8.06 -13.73
C ARG A 14 7.36 -8.36 -12.59
N ASP A 15 7.64 -7.81 -11.42
CA ASP A 15 6.79 -8.01 -10.26
C ASP A 15 5.88 -6.80 -10.02
N PHE A 16 4.70 -6.83 -10.63
CA PHE A 16 3.75 -5.74 -10.49
C PHE A 16 2.97 -5.86 -9.18
N GLU A 17 2.36 -4.75 -8.76
CA GLU A 17 1.58 -4.73 -7.52
C GLU A 17 2.24 -5.61 -6.45
N ALA A 18 3.55 -5.47 -6.30
CA ALA A 18 4.29 -6.24 -5.30
C ALA A 18 3.77 -5.98 -3.90
N ARG A 19 2.89 -4.99 -3.77
CA ARG A 19 2.32 -4.65 -2.48
C ARG A 19 0.97 -5.33 -2.27
N LYS A 20 1.01 -6.64 -2.04
CA LYS A 20 -0.20 -7.42 -1.83
C LYS A 20 -0.10 -8.26 -0.55
N CYS A 21 -1.25 -8.68 -0.04
CA CYS A 21 -1.29 -9.49 1.17
C CYS A 21 -0.72 -10.88 0.92
N PRO A 22 0.26 -11.27 1.73
CA PRO A 22 0.92 -12.58 1.61
C PRO A 22 0.00 -13.73 2.02
N VAL A 23 -1.11 -13.39 2.66
CA VAL A 23 -2.07 -14.38 3.11
C VAL A 23 -3.23 -14.51 2.13
N HIS A 24 -3.65 -13.38 1.56
CA HIS A 24 -4.75 -13.37 0.60
C HIS A 24 -4.22 -13.13 -0.81
N GLY A 25 -3.33 -12.15 -0.94
CA GLY A 25 -2.78 -11.83 -2.25
C GLY A 25 -3.43 -10.62 -2.88
N LYS A 26 -4.08 -9.80 -2.05
CA LYS A 26 -4.74 -8.59 -2.53
C LYS A 26 -3.93 -7.35 -2.19
N THR A 27 -3.90 -6.40 -3.13
CA THR A 27 -3.17 -5.15 -2.91
C THR A 27 -3.58 -4.48 -1.62
N MET A 28 -2.83 -4.74 -0.55
CA MET A 28 -3.12 -4.16 0.76
C MET A 28 -3.23 -2.64 0.66
N GLU A 29 -4.45 -2.12 0.80
CA GLU A 29 -4.68 -0.69 0.73
C GLU A 29 -5.01 -0.12 2.11
N LEU A 30 -4.65 -0.86 3.15
CA LEU A 30 -4.91 -0.43 4.52
C LEU A 30 -3.67 -0.60 5.39
N PHE A 31 -3.76 -0.12 6.63
CA PHE A 31 -2.64 -0.21 7.56
C PHE A 31 -3.13 -0.36 9.00
N CYS A 32 -2.74 -1.44 9.65
CA CYS A 32 -3.15 -1.70 11.03
C CYS A 32 -2.49 -0.72 11.98
N GLN A 33 -3.24 -0.27 12.98
CA GLN A 33 -2.72 0.67 13.96
C GLN A 33 -2.17 -0.05 15.18
N THR A 34 -2.41 -1.36 15.24
CA THR A 34 -1.95 -2.18 16.36
C THR A 34 -0.51 -2.64 16.14
N ASP A 35 -0.31 -3.48 15.12
CA ASP A 35 1.01 -3.99 14.81
C ASP A 35 1.74 -3.06 13.83
N GLN A 36 1.05 -2.00 13.42
CA GLN A 36 1.63 -1.05 12.49
C GLN A 36 2.14 -1.75 11.24
N THR A 37 1.31 -2.61 10.66
CA THR A 37 1.68 -3.35 9.46
C THR A 37 0.65 -3.15 8.34
N CYS A 38 1.02 -3.52 7.12
CA CYS A 38 0.14 -3.38 5.98
C CYS A 38 -0.74 -4.61 5.82
N ILE A 39 -2.04 -4.38 5.61
CA ILE A 39 -2.98 -5.48 5.45
C ILE A 39 -4.02 -5.15 4.37
N CYS A 40 -4.78 -6.17 3.96
CA CYS A 40 -5.81 -5.98 2.95
C CYS A 40 -7.19 -5.88 3.59
N TYR A 41 -8.15 -5.36 2.82
CA TYR A 41 -9.52 -5.19 3.32
C TYR A 41 -10.09 -6.54 3.78
N LEU A 42 -9.55 -7.62 3.24
CA LEU A 42 -10.00 -8.96 3.59
C LEU A 42 -9.46 -9.37 4.95
N CYS A 43 -8.36 -8.75 5.36
CA CYS A 43 -7.74 -9.06 6.64
C CYS A 43 -8.45 -8.34 7.78
N MET A 44 -8.73 -7.05 7.57
CA MET A 44 -9.40 -6.24 8.58
C MET A 44 -10.78 -6.81 8.90
N PHE A 45 -11.24 -7.72 8.05
CA PHE A 45 -12.56 -8.34 8.24
C PHE A 45 -12.43 -9.64 9.01
N GLN A 46 -11.29 -10.31 8.87
CA GLN A 46 -11.05 -11.57 9.55
C GLN A 46 -9.81 -11.48 10.44
N GLU A 47 -8.63 -11.50 9.81
CA GLU A 47 -7.37 -11.42 10.54
C GLU A 47 -7.43 -10.33 11.61
N HIS A 48 -7.44 -9.08 11.17
CA HIS A 48 -7.48 -7.94 12.08
C HIS A 48 -8.91 -7.39 12.19
N LYS A 49 -9.76 -8.12 12.91
CA LYS A 49 -11.15 -7.71 13.08
C LYS A 49 -11.30 -6.85 14.34
N ASN A 50 -10.44 -7.09 15.32
CA ASN A 50 -10.49 -6.34 16.57
C ASN A 50 -9.61 -5.08 16.48
N HIS A 51 -8.37 -5.27 16.06
CA HIS A 51 -7.44 -4.15 15.93
C HIS A 51 -8.09 -2.98 15.19
N SER A 52 -7.45 -1.81 15.24
CA SER A 52 -7.96 -0.63 14.58
C SER A 52 -7.25 -0.38 13.25
N THR A 53 -7.83 -0.87 12.17
CA THR A 53 -7.25 -0.71 10.84
C THR A 53 -7.71 0.60 10.20
N VAL A 54 -6.80 1.24 9.47
CA VAL A 54 -7.11 2.50 8.80
C VAL A 54 -6.48 2.54 7.41
N THR A 55 -7.27 3.00 6.43
CA THR A 55 -6.78 3.09 5.05
C THR A 55 -5.42 3.76 4.99
N VAL A 56 -4.51 3.14 4.24
CA VAL A 56 -3.15 3.67 4.10
C VAL A 56 -3.18 5.18 3.84
N GLU A 57 -4.04 5.60 2.92
CA GLU A 57 -4.15 7.02 2.58
C GLU A 57 -4.34 7.86 3.85
N GLU A 58 -5.18 7.37 4.75
CA GLU A 58 -5.45 8.08 6.00
C GLU A 58 -4.18 8.18 6.85
N ALA A 59 -3.54 7.04 7.08
CA ALA A 59 -2.31 7.00 7.87
C ALA A 59 -1.33 8.07 7.42
N LYS A 60 -1.09 8.14 6.12
CA LYS A 60 -0.16 9.11 5.56
C LYS A 60 -0.49 10.51 6.05
N ALA A 61 -1.77 10.87 6.03
CA ALA A 61 -2.21 12.18 6.50
C ALA A 61 -1.38 12.65 7.68
N GLU A 62 -1.21 11.78 8.68
CA GLU A 62 -0.44 12.11 9.86
C GLU A 62 0.90 12.75 9.48
N LYS A 63 1.58 12.14 8.52
CA LYS A 63 2.87 12.64 8.05
C LYS A 63 2.69 13.81 7.10
N GLU A 64 1.85 13.61 6.07
CA GLU A 64 1.60 14.64 5.08
C GLU A 64 1.37 16.00 5.75
N THR A 65 1.77 17.06 5.07
CA THR A 65 1.61 18.41 5.61
C THR A 65 0.14 18.81 5.68
N GLU A 66 -0.20 19.64 6.66
CA GLU A 66 -1.58 20.09 6.84
C GLU A 66 -1.86 21.33 5.99
N SER A 67 -3.11 21.46 5.54
CA SER A 67 -3.51 22.59 4.72
C SER A 67 -3.01 23.89 5.32
N GLY A 68 -2.13 24.58 4.59
CA GLY A 68 -1.60 25.84 5.06
C GLY A 68 -0.28 25.66 5.81
N PRO A 69 0.05 26.64 6.66
CA PRO A 69 1.28 26.62 7.46
C PRO A 69 1.25 25.55 8.54
N SER A 70 2.23 24.65 8.51
CA SER A 70 2.31 23.57 9.49
C SER A 70 2.37 24.13 10.91
N SER A 71 3.44 24.87 11.20
CA SER A 71 3.63 25.46 12.52
C SER A 71 2.44 26.33 12.90
N GLY A 72 2.24 27.41 12.14
CA GLY A 72 1.14 28.32 12.40
C GLY A 72 1.51 29.76 12.18
N GLY A 1 11.94 5.21 -15.90
CA GLY A 1 12.33 6.50 -16.45
C GLY A 1 13.09 6.38 -17.75
N SER A 2 14.41 6.35 -17.67
CA SER A 2 15.26 6.25 -18.85
C SER A 2 16.53 5.45 -18.56
N SER A 3 17.08 4.83 -19.58
CA SER A 3 18.29 4.03 -19.44
C SER A 3 19.13 4.07 -20.71
N GLY A 4 20.45 4.08 -20.54
CA GLY A 4 21.34 4.12 -21.68
C GLY A 4 21.13 5.34 -22.55
N SER A 5 21.62 5.28 -23.79
CA SER A 5 21.47 6.39 -24.72
C SER A 5 20.09 6.39 -25.37
N SER A 6 19.78 5.31 -26.08
CA SER A 6 18.48 5.18 -26.75
C SER A 6 17.34 5.48 -25.79
N GLY A 7 16.17 5.77 -26.33
CA GLY A 7 15.01 6.07 -25.52
C GLY A 7 13.72 5.57 -26.13
N GLN A 8 13.57 4.25 -26.21
CA GLN A 8 12.37 3.65 -26.79
C GLN A 8 11.48 3.07 -25.69
N LEU A 9 10.18 3.19 -25.88
CA LEU A 9 9.21 2.68 -24.91
C LEU A 9 8.13 1.85 -25.60
N LEU A 10 8.54 1.02 -26.56
CA LEU A 10 7.61 0.17 -27.29
C LEU A 10 7.43 -1.16 -26.59
N GLU A 11 7.89 -1.24 -25.34
CA GLU A 11 7.77 -2.46 -24.55
C GLU A 11 6.77 -2.29 -23.42
N PRO A 12 6.10 -3.39 -23.05
CA PRO A 12 5.10 -3.38 -21.98
C PRO A 12 5.72 -3.18 -20.60
N ILE A 13 4.88 -3.11 -19.58
CA ILE A 13 5.36 -2.92 -18.21
C ILE A 13 5.94 -4.20 -17.65
N ARG A 14 6.59 -4.10 -16.50
CA ARG A 14 7.21 -5.25 -15.85
C ARG A 14 6.80 -5.33 -14.38
N ASP A 15 6.87 -4.19 -13.69
CA ASP A 15 6.52 -4.12 -12.28
C ASP A 15 5.46 -3.06 -12.04
N PHE A 16 4.22 -3.51 -11.78
CA PHE A 16 3.12 -2.60 -11.53
C PHE A 16 2.61 -2.74 -10.09
N GLU A 17 2.00 -3.88 -9.80
CA GLU A 17 1.47 -4.13 -8.47
C GLU A 17 2.35 -5.12 -7.71
N ALA A 18 3.17 -4.61 -6.80
CA ALA A 18 4.06 -5.44 -6.01
C ALA A 18 3.75 -5.32 -4.52
N ARG A 19 2.50 -5.00 -4.20
CA ARG A 19 2.08 -4.85 -2.82
C ARG A 19 0.76 -5.59 -2.56
N LYS A 20 0.86 -6.89 -2.31
CA LYS A 20 -0.32 -7.70 -2.05
C LYS A 20 -0.16 -8.50 -0.76
N CYS A 21 -1.28 -8.86 -0.15
CA CYS A 21 -1.26 -9.63 1.09
C CYS A 21 -0.70 -11.03 0.86
N PRO A 22 0.34 -11.38 1.62
CA PRO A 22 0.99 -12.69 1.52
C PRO A 22 0.10 -13.82 2.03
N VAL A 23 -0.95 -13.46 2.75
CA VAL A 23 -1.89 -14.44 3.30
C VAL A 23 -3.09 -14.63 2.38
N HIS A 24 -3.53 -13.53 1.77
CA HIS A 24 -4.68 -13.57 0.86
C HIS A 24 -4.23 -13.40 -0.59
N GLY A 25 -3.39 -12.39 -0.83
CA GLY A 25 -2.91 -12.15 -2.17
C GLY A 25 -3.63 -10.99 -2.83
N LYS A 26 -4.26 -10.14 -2.03
CA LYS A 26 -4.98 -8.99 -2.55
C LYS A 26 -4.23 -7.70 -2.26
N THR A 27 -4.04 -6.88 -3.30
CA THR A 27 -3.33 -5.62 -3.17
C THR A 27 -3.74 -4.90 -1.88
N MET A 28 -2.90 -5.03 -0.85
CA MET A 28 -3.17 -4.39 0.43
C MET A 28 -3.37 -2.89 0.26
N GLU A 29 -4.57 -2.42 0.56
CA GLU A 29 -4.89 -1.00 0.44
C GLU A 29 -5.29 -0.41 1.79
N LEU A 30 -4.69 -0.93 2.85
CA LEU A 30 -4.99 -0.46 4.20
C LEU A 30 -3.74 -0.50 5.08
N PHE A 31 -3.83 0.08 6.27
CA PHE A 31 -2.72 0.10 7.20
C PHE A 31 -3.21 -0.01 8.65
N CYS A 32 -2.79 -1.08 9.32
CA CYS A 32 -3.19 -1.29 10.71
C CYS A 32 -2.56 -0.27 11.63
N GLN A 33 -3.33 0.20 12.60
CA GLN A 33 -2.85 1.20 13.55
C GLN A 33 -2.34 0.54 14.83
N THR A 34 -2.53 -0.77 14.93
CA THR A 34 -2.10 -1.52 16.09
C THR A 34 -0.64 -1.94 15.95
N ASP A 35 -0.32 -2.62 14.86
CA ASP A 35 1.04 -3.08 14.60
C ASP A 35 1.70 -2.24 13.52
N GLN A 36 1.05 -1.15 13.13
CA GLN A 36 1.57 -0.27 12.10
C GLN A 36 2.08 -1.07 10.90
N THR A 37 1.25 -1.97 10.40
CA THR A 37 1.62 -2.80 9.26
C THR A 37 0.56 -2.76 8.18
N CYS A 38 0.97 -3.02 6.95
CA CYS A 38 0.05 -3.00 5.81
C CYS A 38 -0.77 -4.28 5.76
N ILE A 39 -2.00 -4.17 5.27
CA ILE A 39 -2.89 -5.33 5.17
C ILE A 39 -3.96 -5.10 4.11
N CYS A 40 -4.72 -6.16 3.80
CA CYS A 40 -5.77 -6.07 2.81
C CYS A 40 -7.15 -5.99 3.48
N TYR A 41 -8.16 -5.68 2.69
CA TYR A 41 -9.53 -5.56 3.20
C TYR A 41 -9.96 -6.85 3.88
N LEU A 42 -9.58 -7.98 3.29
CA LEU A 42 -9.94 -9.29 3.83
C LEU A 42 -9.28 -9.50 5.19
N CYS A 43 -8.24 -8.74 5.47
CA CYS A 43 -7.52 -8.85 6.73
C CYS A 43 -8.22 -8.03 7.82
N MET A 44 -8.51 -6.78 7.52
CA MET A 44 -9.17 -5.89 8.47
C MET A 44 -10.48 -6.50 8.94
N PHE A 45 -10.94 -7.52 8.24
CA PHE A 45 -12.20 -8.19 8.59
C PHE A 45 -11.93 -9.40 9.49
N GLN A 46 -10.86 -10.12 9.19
CA GLN A 46 -10.49 -11.30 9.97
C GLN A 46 -9.18 -11.08 10.71
N GLU A 47 -8.08 -11.13 9.96
CA GLU A 47 -6.75 -10.94 10.55
C GLU A 47 -6.78 -9.84 11.60
N HIS A 48 -7.07 -8.61 11.16
CA HIS A 48 -7.12 -7.47 12.06
C HIS A 48 -8.54 -6.91 12.12
N LYS A 49 -9.40 -7.55 12.91
CA LYS A 49 -10.77 -7.11 13.07
C LYS A 49 -10.94 -6.24 14.32
N ASN A 50 -10.38 -6.71 15.43
CA ASN A 50 -10.46 -5.98 16.69
C ASN A 50 -9.60 -4.73 16.66
N HIS A 51 -8.46 -4.82 15.97
CA HIS A 51 -7.54 -3.70 15.85
C HIS A 51 -8.21 -2.53 15.14
N SER A 52 -7.47 -1.43 15.00
CA SER A 52 -7.99 -0.23 14.34
C SER A 52 -7.31 0.00 13.00
N THR A 53 -7.79 -0.69 11.97
CA THR A 53 -7.22 -0.56 10.63
C THR A 53 -7.76 0.67 9.92
N VAL A 54 -6.91 1.31 9.12
CA VAL A 54 -7.30 2.50 8.38
C VAL A 54 -6.69 2.51 6.99
N THR A 55 -7.43 3.01 6.02
CA THR A 55 -6.96 3.08 4.64
C THR A 55 -5.59 3.73 4.56
N VAL A 56 -4.68 3.12 3.83
CA VAL A 56 -3.32 3.63 3.67
C VAL A 56 -3.33 5.16 3.60
N GLU A 57 -4.10 5.70 2.66
CA GLU A 57 -4.19 7.14 2.49
C GLU A 57 -4.48 7.83 3.82
N GLU A 58 -5.45 7.30 4.56
CA GLU A 58 -5.82 7.86 5.85
C GLU A 58 -4.64 7.83 6.82
N ALA A 59 -4.01 6.66 6.91
CA ALA A 59 -2.87 6.50 7.80
C ALA A 59 -1.79 7.55 7.53
N LYS A 60 -1.36 7.64 6.28
CA LYS A 60 -0.34 8.61 5.89
C LYS A 60 -0.60 9.96 6.54
N ALA A 61 -1.82 10.46 6.39
CA ALA A 61 -2.21 11.74 6.96
C ALA A 61 -1.48 11.98 8.28
N GLU A 62 -1.42 10.96 9.12
CA GLU A 62 -0.76 11.06 10.41
C GLU A 62 0.60 11.74 10.28
N LYS A 63 1.44 11.18 9.41
CA LYS A 63 2.77 11.73 9.19
C LYS A 63 2.72 12.92 8.23
N GLU A 64 1.83 12.86 7.27
CA GLU A 64 1.68 13.93 6.30
C GLU A 64 1.64 15.29 6.98
N THR A 65 2.21 16.30 6.34
CA THR A 65 2.25 17.65 6.89
C THR A 65 0.95 17.98 7.62
N GLU A 66 0.99 17.94 8.94
CA GLU A 66 -0.19 18.23 9.75
C GLU A 66 0.09 19.39 10.71
N SER A 67 -0.94 20.17 10.99
CA SER A 67 -0.80 21.32 11.89
C SER A 67 -2.06 21.49 12.73
N GLY A 68 -1.89 21.52 14.05
CA GLY A 68 -3.01 21.68 14.95
C GLY A 68 -3.42 20.37 15.60
N PRO A 69 -4.57 19.84 15.16
CA PRO A 69 -5.11 18.57 15.70
C PRO A 69 -4.27 17.37 15.28
N SER A 70 -3.38 16.94 16.16
CA SER A 70 -2.52 15.79 15.89
C SER A 70 -3.16 14.50 16.38
N SER A 71 -2.82 13.40 15.72
CA SER A 71 -3.37 12.09 16.08
C SER A 71 -2.81 11.63 17.43
N GLY A 72 -3.68 11.66 18.44
CA GLY A 72 -3.26 11.24 19.78
C GLY A 72 -4.43 11.01 20.70
N GLY A 1 -2.67 -32.75 -19.20
CA GLY A 1 -2.97 -31.49 -19.86
C GLY A 1 -2.09 -31.23 -21.07
N SER A 2 -0.97 -30.54 -20.84
CA SER A 2 -0.04 -30.23 -21.92
C SER A 2 -0.71 -29.33 -22.97
N SER A 3 -1.47 -28.35 -22.49
CA SER A 3 -2.16 -27.43 -23.39
C SER A 3 -1.98 -25.99 -22.92
N GLY A 4 -2.19 -25.04 -23.83
CA GLY A 4 -2.05 -23.64 -23.49
C GLY A 4 -2.27 -22.73 -24.69
N SER A 5 -1.96 -21.45 -24.51
CA SER A 5 -2.12 -20.48 -25.59
C SER A 5 -1.03 -20.62 -26.63
N SER A 6 0.22 -20.76 -26.16
CA SER A 6 1.36 -20.90 -27.05
C SER A 6 1.22 -20.00 -28.27
N GLY A 7 0.74 -18.78 -28.04
CA GLY A 7 0.57 -17.83 -29.12
C GLY A 7 0.15 -16.46 -28.64
N GLN A 8 -0.87 -16.43 -27.77
CA GLN A 8 -1.36 -15.17 -27.23
C GLN A 8 -1.42 -15.22 -25.71
N LEU A 9 -0.30 -14.89 -25.08
CA LEU A 9 -0.21 -14.90 -23.62
C LEU A 9 -0.34 -13.48 -23.06
N LEU A 10 -1.46 -13.23 -22.36
CA LEU A 10 -1.70 -11.92 -21.78
C LEU A 10 -1.29 -11.90 -20.31
N GLU A 11 -0.16 -11.25 -20.02
CA GLU A 11 0.34 -11.16 -18.66
C GLU A 11 0.09 -9.76 -18.08
N PRO A 12 -0.25 -9.71 -16.79
CA PRO A 12 -0.52 -8.45 -16.09
C PRO A 12 0.75 -7.61 -15.90
N ILE A 13 0.61 -6.48 -15.21
CA ILE A 13 1.73 -5.60 -14.95
C ILE A 13 2.54 -6.07 -13.75
N ARG A 14 3.84 -5.76 -13.75
CA ARG A 14 4.72 -6.16 -12.67
C ARG A 14 5.18 -4.95 -11.86
N ASP A 15 5.84 -4.02 -12.54
CA ASP A 15 6.32 -2.80 -11.89
C ASP A 15 5.19 -1.80 -11.70
N PHE A 16 4.06 -2.28 -11.17
CA PHE A 16 2.91 -1.42 -10.93
C PHE A 16 2.33 -1.66 -9.53
N GLU A 17 1.93 -2.91 -9.28
CA GLU A 17 1.35 -3.27 -7.99
C GLU A 17 2.13 -4.42 -7.35
N ALA A 18 3.30 -4.10 -6.80
CA ALA A 18 4.14 -5.10 -6.15
C ALA A 18 3.88 -5.16 -4.64
N ARG A 19 2.61 -4.98 -4.27
CA ARG A 19 2.23 -5.01 -2.86
C ARG A 19 0.88 -5.70 -2.68
N LYS A 20 0.91 -6.93 -2.18
CA LYS A 20 -0.30 -7.70 -1.96
C LYS A 20 -0.19 -8.55 -0.70
N CYS A 21 -1.33 -8.92 -0.13
CA CYS A 21 -1.35 -9.74 1.08
C CYS A 21 -0.80 -11.14 0.79
N PRO A 22 0.20 -11.56 1.58
CA PRO A 22 0.82 -12.87 1.43
C PRO A 22 -0.11 -14.01 1.85
N VAL A 23 -1.19 -13.65 2.55
CA VAL A 23 -2.15 -14.64 3.02
C VAL A 23 -3.34 -14.74 2.07
N HIS A 24 -3.76 -13.58 1.53
CA HIS A 24 -4.89 -13.53 0.61
C HIS A 24 -4.41 -13.35 -0.83
N GLY A 25 -3.50 -12.40 -1.03
CA GLY A 25 -2.97 -12.14 -2.35
C GLY A 25 -3.61 -10.93 -3.00
N LYS A 26 -4.28 -10.11 -2.20
CA LYS A 26 -4.93 -8.91 -2.70
C LYS A 26 -4.12 -7.66 -2.33
N THR A 27 -4.07 -6.71 -3.26
CA THR A 27 -3.33 -5.47 -3.03
C THR A 27 -3.73 -4.83 -1.70
N MET A 28 -2.78 -4.75 -0.78
CA MET A 28 -3.04 -4.17 0.52
C MET A 28 -3.23 -2.65 0.42
N GLU A 29 -4.46 -2.21 0.59
CA GLU A 29 -4.78 -0.79 0.52
C GLU A 29 -5.16 -0.24 1.88
N LEU A 30 -4.74 -0.93 2.94
CA LEU A 30 -5.04 -0.51 4.30
C LEU A 30 -3.81 -0.66 5.20
N PHE A 31 -3.87 -0.06 6.38
CA PHE A 31 -2.77 -0.12 7.34
C PHE A 31 -3.29 -0.21 8.77
N CYS A 32 -2.87 -1.24 9.49
CA CYS A 32 -3.28 -1.44 10.87
C CYS A 32 -2.59 -0.45 11.79
N GLN A 33 -3.39 0.23 12.62
CA GLN A 33 -2.85 1.22 13.56
C GLN A 33 -2.35 0.54 14.83
N THR A 34 -2.80 -0.69 15.06
CA THR A 34 -2.40 -1.44 16.24
C THR A 34 -0.92 -1.82 16.17
N ASP A 35 -0.58 -2.68 15.20
CA ASP A 35 0.79 -3.12 15.03
C ASP A 35 1.53 -2.21 14.05
N GLN A 36 0.83 -1.21 13.53
CA GLN A 36 1.42 -0.27 12.58
C GLN A 36 2.00 -1.00 11.38
N THR A 37 1.20 -1.88 10.79
CA THR A 37 1.63 -2.65 9.62
C THR A 37 0.62 -2.52 8.49
N CYS A 38 0.96 -3.09 7.34
CA CYS A 38 0.09 -3.05 6.16
C CYS A 38 -0.73 -4.32 6.06
N ILE A 39 -1.93 -4.19 5.50
CA ILE A 39 -2.83 -5.34 5.33
C ILE A 39 -3.87 -5.06 4.26
N CYS A 40 -4.70 -6.08 3.97
CA CYS A 40 -5.73 -5.94 2.96
C CYS A 40 -7.11 -5.83 3.62
N TYR A 41 -8.14 -5.66 2.80
CA TYR A 41 -9.51 -5.54 3.30
C TYR A 41 -9.98 -6.84 3.93
N LEU A 42 -9.60 -7.96 3.31
CA LEU A 42 -9.98 -9.28 3.81
C LEU A 42 -9.32 -9.55 5.16
N CYS A 43 -8.26 -8.82 5.47
CA CYS A 43 -7.56 -8.97 6.74
C CYS A 43 -8.27 -8.22 7.86
N MET A 44 -8.41 -6.91 7.68
CA MET A 44 -9.06 -6.07 8.67
C MET A 44 -10.39 -6.69 9.11
N PHE A 45 -10.93 -7.59 8.29
CA PHE A 45 -12.18 -8.25 8.59
C PHE A 45 -11.95 -9.51 9.42
N GLN A 46 -10.88 -10.24 9.10
CA GLN A 46 -10.55 -11.46 9.80
C GLN A 46 -9.22 -11.32 10.54
N GLU A 47 -8.13 -11.38 9.79
CA GLU A 47 -6.80 -11.25 10.38
C GLU A 47 -6.78 -10.19 11.48
N HIS A 48 -7.06 -8.95 11.09
CA HIS A 48 -7.07 -7.84 12.04
C HIS A 48 -8.48 -7.30 12.22
N LYS A 49 -9.29 -8.02 12.99
CA LYS A 49 -10.67 -7.61 13.25
C LYS A 49 -10.77 -6.86 14.56
N ASN A 50 -9.92 -7.21 15.52
CA ASN A 50 -9.92 -6.57 16.82
C ASN A 50 -8.84 -5.50 16.90
N HIS A 51 -8.64 -4.78 15.81
CA HIS A 51 -7.64 -3.73 15.76
C HIS A 51 -8.21 -2.47 15.11
N SER A 52 -7.39 -1.41 15.04
CA SER A 52 -7.81 -0.15 14.44
C SER A 52 -7.19 0.03 13.07
N THR A 53 -7.76 -0.65 12.08
CA THR A 53 -7.27 -0.55 10.71
C THR A 53 -7.79 0.69 10.02
N VAL A 54 -6.94 1.31 9.19
CA VAL A 54 -7.33 2.51 8.46
C VAL A 54 -6.73 2.51 7.06
N THR A 55 -7.51 2.99 6.09
CA THR A 55 -7.06 3.05 4.70
C THR A 55 -5.72 3.77 4.59
N VAL A 56 -4.76 3.12 3.93
CA VAL A 56 -3.43 3.71 3.75
C VAL A 56 -3.52 5.22 3.57
N GLU A 57 -4.23 5.65 2.54
CA GLU A 57 -4.39 7.08 2.27
C GLU A 57 -4.67 7.85 3.55
N GLU A 58 -5.52 7.30 4.41
CA GLU A 58 -5.87 7.95 5.67
C GLU A 58 -4.64 8.09 6.55
N ALA A 59 -3.83 7.04 6.62
CA ALA A 59 -2.62 7.05 7.43
C ALA A 59 -1.60 8.04 6.89
N LYS A 60 -1.29 7.91 5.60
CA LYS A 60 -0.33 8.79 4.94
C LYS A 60 -0.47 10.22 5.46
N ALA A 61 -1.71 10.67 5.61
CA ALA A 61 -1.98 12.02 6.10
C ALA A 61 -1.48 12.19 7.54
N GLU A 62 -1.88 11.28 8.41
CA GLU A 62 -1.47 11.34 9.81
C GLU A 62 -0.05 11.88 9.94
N LYS A 63 0.84 11.40 9.08
CA LYS A 63 2.23 11.84 9.10
C LYS A 63 2.40 13.17 8.37
N GLU A 64 1.92 13.22 7.14
CA GLU A 64 2.01 14.44 6.33
C GLU A 64 1.80 15.68 7.20
N THR A 65 2.84 16.50 7.32
CA THR A 65 2.77 17.71 8.11
C THR A 65 3.66 18.81 7.54
N GLU A 66 3.29 20.06 7.76
CA GLU A 66 4.06 21.19 7.28
C GLU A 66 5.39 21.31 8.01
N SER A 67 6.39 21.84 7.33
CA SER A 67 7.72 22.01 7.93
C SER A 67 7.68 23.02 9.08
N GLY A 68 7.85 22.51 10.29
CA GLY A 68 7.82 23.37 11.47
C GLY A 68 8.82 22.94 12.52
N PRO A 69 8.31 22.59 13.71
CA PRO A 69 9.16 22.16 14.83
C PRO A 69 9.78 20.79 14.58
N SER A 70 8.97 19.85 14.13
CA SER A 70 9.44 18.49 13.86
C SER A 70 9.64 18.27 12.37
N SER A 71 10.88 18.40 11.90
CA SER A 71 11.20 18.22 10.50
C SER A 71 10.61 16.91 9.97
N GLY A 72 10.82 15.83 10.72
CA GLY A 72 10.31 14.54 10.32
C GLY A 72 10.97 14.02 9.06
N GLY A 1 35.22 5.15 -23.50
CA GLY A 1 34.50 4.20 -22.68
C GLY A 1 33.00 4.43 -22.69
N SER A 2 32.44 4.73 -21.52
CA SER A 2 31.01 4.97 -21.40
C SER A 2 30.74 6.45 -21.11
N SER A 3 29.92 7.07 -21.96
CA SER A 3 29.57 8.47 -21.79
C SER A 3 28.23 8.63 -21.09
N GLY A 4 28.02 9.78 -20.47
CA GLY A 4 26.78 10.04 -19.77
C GLY A 4 26.74 11.41 -19.13
N SER A 5 26.06 12.35 -19.78
CA SER A 5 25.96 13.71 -19.27
C SER A 5 25.39 13.71 -17.85
N SER A 6 25.52 14.86 -17.17
CA SER A 6 25.03 15.00 -15.81
C SER A 6 23.62 15.57 -15.79
N GLY A 7 22.84 15.21 -14.78
CA GLY A 7 21.48 15.70 -14.67
C GLY A 7 20.71 15.02 -13.55
N GLN A 8 19.43 15.35 -13.43
CA GLN A 8 18.58 14.77 -12.40
C GLN A 8 18.20 13.34 -12.76
N LEU A 9 18.64 12.38 -11.95
CA LEU A 9 18.34 10.98 -12.19
C LEU A 9 16.88 10.67 -11.86
N LEU A 10 16.10 10.42 -12.90
CA LEU A 10 14.69 10.11 -12.74
C LEU A 10 14.35 8.75 -13.32
N GLU A 11 13.52 8.00 -12.61
CA GLU A 11 13.12 6.66 -13.06
C GLU A 11 11.63 6.43 -12.83
N PRO A 12 10.96 5.86 -13.84
CA PRO A 12 9.52 5.58 -13.77
C PRO A 12 9.20 4.45 -12.79
N ILE A 13 7.94 4.06 -12.74
CA ILE A 13 7.50 3.00 -11.85
C ILE A 13 7.93 1.63 -12.37
N ARG A 14 8.13 0.68 -11.46
CA ARG A 14 8.54 -0.66 -11.83
C ARG A 14 7.46 -1.69 -11.47
N ASP A 15 6.98 -1.62 -10.23
CA ASP A 15 5.95 -2.53 -9.75
C ASP A 15 4.74 -1.77 -9.25
N PHE A 16 3.85 -1.40 -10.17
CA PHE A 16 2.64 -0.66 -9.82
C PHE A 16 2.03 -1.20 -8.53
N GLU A 17 1.57 -2.44 -8.57
CA GLU A 17 0.96 -3.08 -7.40
C GLU A 17 1.81 -4.24 -6.91
N ALA A 18 2.77 -3.95 -6.04
CA ALA A 18 3.65 -4.97 -5.48
C ALA A 18 3.36 -5.21 -4.01
N ARG A 19 2.49 -4.38 -3.44
CA ARG A 19 2.13 -4.49 -2.03
C ARG A 19 0.82 -5.26 -1.87
N LYS A 20 0.90 -6.59 -1.88
CA LYS A 20 -0.28 -7.43 -1.74
C LYS A 20 -0.18 -8.30 -0.48
N CYS A 21 -1.31 -8.83 -0.05
CA CYS A 21 -1.35 -9.69 1.14
C CYS A 21 -0.80 -11.07 0.83
N PRO A 22 0.21 -11.49 1.60
CA PRO A 22 0.85 -12.80 1.43
C PRO A 22 -0.07 -13.95 1.83
N VAL A 23 -1.16 -13.61 2.52
CA VAL A 23 -2.11 -14.62 2.97
C VAL A 23 -3.29 -14.72 2.00
N HIS A 24 -3.70 -13.58 1.46
CA HIS A 24 -4.82 -13.55 0.52
C HIS A 24 -4.33 -13.26 -0.90
N GLY A 25 -3.46 -12.25 -1.03
CA GLY A 25 -2.93 -11.90 -2.33
C GLY A 25 -3.61 -10.67 -2.91
N LYS A 26 -4.19 -9.85 -2.03
CA LYS A 26 -4.88 -8.63 -2.46
C LYS A 26 -4.04 -7.40 -2.15
N THR A 27 -3.96 -6.48 -3.12
CA THR A 27 -3.19 -5.25 -2.94
C THR A 27 -3.57 -4.55 -1.65
N MET A 28 -2.82 -4.81 -0.59
CA MET A 28 -3.07 -4.20 0.71
C MET A 28 -3.30 -2.69 0.56
N GLU A 29 -4.54 -2.26 0.76
CA GLU A 29 -4.87 -0.85 0.65
C GLU A 29 -5.22 -0.26 2.02
N LEU A 30 -4.71 -0.89 3.07
CA LEU A 30 -4.97 -0.43 4.43
C LEU A 30 -3.72 -0.58 5.29
N PHE A 31 -3.74 0.06 6.46
CA PHE A 31 -2.60 0.01 7.38
C PHE A 31 -3.07 -0.10 8.83
N CYS A 32 -2.76 -1.22 9.47
CA CYS A 32 -3.16 -1.45 10.85
C CYS A 32 -2.47 -0.46 11.78
N GLN A 33 -3.19 0.03 12.78
CA GLN A 33 -2.64 0.99 13.74
C GLN A 33 -2.17 0.27 15.00
N THR A 34 -2.68 -0.94 15.21
CA THR A 34 -2.31 -1.72 16.39
C THR A 34 -0.87 -2.23 16.28
N ASP A 35 -0.57 -2.90 15.17
CA ASP A 35 0.77 -3.42 14.96
C ASP A 35 1.52 -2.59 13.91
N GLN A 36 0.94 -1.46 13.54
CA GLN A 36 1.55 -0.58 12.56
C GLN A 36 2.08 -1.37 11.37
N THR A 37 1.21 -2.21 10.80
CA THR A 37 1.59 -3.03 9.65
C THR A 37 0.53 -2.96 8.56
N CYS A 38 0.97 -3.13 7.31
CA CYS A 38 0.06 -3.09 6.17
C CYS A 38 -0.79 -4.35 6.10
N ILE A 39 -1.98 -4.23 5.52
CA ILE A 39 -2.88 -5.36 5.39
C ILE A 39 -3.93 -5.11 4.31
N CYS A 40 -4.69 -6.15 3.98
CA CYS A 40 -5.73 -6.03 2.97
C CYS A 40 -7.12 -5.95 3.61
N TYR A 41 -8.10 -5.50 2.84
CA TYR A 41 -9.47 -5.38 3.34
C TYR A 41 -9.97 -6.70 3.90
N LEU A 42 -9.57 -7.80 3.25
CA LEU A 42 -9.98 -9.12 3.68
C LEU A 42 -9.39 -9.45 5.05
N CYS A 43 -8.28 -8.81 5.39
CA CYS A 43 -7.62 -9.03 6.67
C CYS A 43 -8.32 -8.27 7.79
N MET A 44 -8.46 -6.97 7.62
CA MET A 44 -9.12 -6.13 8.61
C MET A 44 -10.45 -6.72 9.02
N PHE A 45 -10.99 -7.61 8.18
CA PHE A 45 -12.27 -8.26 8.47
C PHE A 45 -12.07 -9.53 9.28
N GLN A 46 -10.97 -10.23 9.00
CA GLN A 46 -10.67 -11.47 9.70
C GLN A 46 -9.35 -11.35 10.48
N GLU A 47 -8.24 -11.39 9.76
CA GLU A 47 -6.93 -11.28 10.37
C GLU A 47 -6.93 -10.22 11.47
N HIS A 48 -7.25 -8.98 11.08
CA HIS A 48 -7.28 -7.87 12.03
C HIS A 48 -8.70 -7.35 12.19
N LYS A 49 -9.46 -8.00 13.06
CA LYS A 49 -10.84 -7.60 13.32
C LYS A 49 -10.96 -6.85 14.63
N ASN A 50 -10.04 -7.14 15.56
CA ASN A 50 -10.04 -6.49 16.86
C ASN A 50 -8.93 -5.44 16.95
N HIS A 51 -8.64 -4.80 15.82
CA HIS A 51 -7.60 -3.78 15.77
C HIS A 51 -8.13 -2.50 15.12
N SER A 52 -7.28 -1.48 15.06
CA SER A 52 -7.66 -0.20 14.47
C SER A 52 -7.01 -0.01 13.11
N THR A 53 -7.60 -0.60 12.07
CA THR A 53 -7.08 -0.50 10.72
C THR A 53 -7.65 0.73 10.01
N VAL A 54 -6.83 1.32 9.13
CA VAL A 54 -7.25 2.50 8.38
C VAL A 54 -6.65 2.50 6.97
N THR A 55 -7.43 2.97 6.01
CA THR A 55 -6.98 3.02 4.63
C THR A 55 -5.63 3.73 4.51
N VAL A 56 -4.68 3.09 3.83
CA VAL A 56 -3.35 3.66 3.65
C VAL A 56 -3.42 5.16 3.46
N GLU A 57 -4.17 5.60 2.45
CA GLU A 57 -4.32 7.02 2.15
C GLU A 57 -4.57 7.81 3.44
N GLU A 58 -5.55 7.37 4.22
CA GLU A 58 -5.89 8.04 5.47
C GLU A 58 -4.67 8.17 6.37
N ALA A 59 -3.88 7.09 6.45
CA ALA A 59 -2.68 7.08 7.28
C ALA A 59 -1.67 8.10 6.78
N LYS A 60 -1.62 8.29 5.46
CA LYS A 60 -0.69 9.24 4.86
C LYS A 60 -0.77 10.60 5.57
N ALA A 61 -1.98 11.05 5.86
CA ALA A 61 -2.18 12.32 6.53
C ALA A 61 -1.49 12.34 7.89
N GLU A 62 -1.38 11.17 8.51
CA GLU A 62 -0.74 11.05 9.81
C GLU A 62 0.72 11.52 9.75
N LYS A 63 1.45 10.99 8.79
CA LYS A 63 2.86 11.35 8.61
C LYS A 63 2.99 12.69 7.89
N GLU A 64 2.10 12.94 6.94
CA GLU A 64 2.11 14.18 6.18
C GLU A 64 1.94 15.38 7.10
N THR A 65 2.19 16.58 6.57
CA THR A 65 2.05 17.80 7.34
C THR A 65 0.95 18.69 6.78
N GLU A 66 0.07 19.16 7.65
CA GLU A 66 -1.03 20.02 7.24
C GLU A 66 -0.52 21.22 6.45
N SER A 67 -0.86 21.27 5.17
CA SER A 67 -0.42 22.35 4.30
C SER A 67 -1.44 23.49 4.31
N GLY A 68 -0.96 24.71 4.14
CA GLY A 68 -1.83 25.87 4.13
C GLY A 68 -2.88 25.80 3.03
N PRO A 69 -3.23 26.95 2.47
CA PRO A 69 -4.23 27.05 1.40
C PRO A 69 -3.72 26.46 0.09
N SER A 70 -4.35 25.38 -0.35
CA SER A 70 -3.96 24.71 -1.59
C SER A 70 -4.90 25.11 -2.73
N SER A 71 -5.17 26.41 -2.85
CA SER A 71 -6.05 26.92 -3.89
C SER A 71 -5.34 26.90 -5.25
N GLY A 72 -6.13 26.98 -6.31
CA GLY A 72 -5.57 26.97 -7.65
C GLY A 72 -5.03 28.32 -8.06
N GLY A 1 20.90 -19.02 -35.35
CA GLY A 1 20.81 -20.26 -36.11
C GLY A 1 20.03 -20.09 -37.40
N SER A 2 18.87 -19.45 -37.31
CA SER A 2 18.02 -19.23 -38.48
C SER A 2 17.74 -17.75 -38.68
N SER A 3 17.10 -17.42 -39.80
CA SER A 3 16.78 -16.03 -40.11
C SER A 3 15.35 -15.70 -39.72
N GLY A 4 15.17 -14.62 -38.97
CA GLY A 4 13.84 -14.21 -38.54
C GLY A 4 13.52 -14.70 -37.14
N SER A 5 13.39 -13.77 -36.21
CA SER A 5 13.09 -14.10 -34.82
C SER A 5 11.71 -14.75 -34.71
N SER A 6 10.71 -14.13 -35.32
CA SER A 6 9.36 -14.64 -35.29
C SER A 6 8.92 -14.94 -33.86
N GLY A 7 9.25 -14.04 -32.94
CA GLY A 7 8.89 -14.21 -31.55
C GLY A 7 8.03 -13.09 -31.02
N GLN A 8 7.28 -13.36 -29.96
CA GLN A 8 6.40 -12.37 -29.37
C GLN A 8 6.96 -11.88 -28.04
N LEU A 9 7.16 -10.57 -27.93
CA LEU A 9 7.69 -9.97 -26.71
C LEU A 9 7.55 -8.46 -26.73
N LEU A 10 7.10 -7.89 -25.61
CA LEU A 10 6.92 -6.45 -25.51
C LEU A 10 7.63 -5.90 -24.27
N GLU A 11 7.63 -4.58 -24.13
CA GLU A 11 8.27 -3.93 -22.99
C GLU A 11 7.94 -4.66 -21.69
N PRO A 12 9.00 -5.06 -20.95
CA PRO A 12 8.85 -5.77 -19.68
C PRO A 12 8.30 -4.87 -18.58
N ILE A 13 8.10 -5.45 -17.40
CA ILE A 13 7.58 -4.71 -16.26
C ILE A 13 8.70 -3.98 -15.51
N ARG A 14 8.35 -2.89 -14.86
CA ARG A 14 9.32 -2.10 -14.11
C ARG A 14 8.83 -1.84 -12.68
N ASP A 15 7.56 -1.45 -12.57
CA ASP A 15 6.96 -1.17 -11.26
C ASP A 15 5.44 -1.25 -11.33
N PHE A 16 4.87 -2.16 -10.57
CA PHE A 16 3.42 -2.35 -10.55
C PHE A 16 2.96 -2.89 -9.20
N GLU A 17 1.65 -3.02 -9.04
CA GLU A 17 1.08 -3.53 -7.80
C GLU A 17 1.82 -4.77 -7.32
N ALA A 18 2.75 -4.58 -6.39
CA ALA A 18 3.53 -5.68 -5.84
C ALA A 18 3.31 -5.83 -4.34
N ARG A 19 2.62 -4.85 -3.76
CA ARG A 19 2.35 -4.88 -2.32
C ARG A 19 0.98 -5.49 -2.04
N LYS A 20 0.91 -6.81 -2.09
CA LYS A 20 -0.34 -7.53 -1.83
C LYS A 20 -0.22 -8.41 -0.59
N CYS A 21 -1.37 -8.85 -0.08
CA CYS A 21 -1.39 -9.70 1.10
C CYS A 21 -0.87 -11.09 0.79
N PRO A 22 0.12 -11.55 1.57
CA PRO A 22 0.74 -12.86 1.39
C PRO A 22 -0.21 -14.00 1.77
N VAL A 23 -1.30 -13.66 2.44
CA VAL A 23 -2.28 -14.65 2.85
C VAL A 23 -3.44 -14.71 1.87
N HIS A 24 -3.84 -13.55 1.35
CA HIS A 24 -4.94 -13.48 0.39
C HIS A 24 -4.41 -13.18 -1.02
N GLY A 25 -3.52 -12.20 -1.12
CA GLY A 25 -2.96 -11.84 -2.41
C GLY A 25 -3.60 -10.59 -2.99
N LYS A 26 -4.14 -9.74 -2.12
CA LYS A 26 -4.79 -8.51 -2.56
C LYS A 26 -3.94 -7.30 -2.21
N THR A 27 -3.88 -6.34 -3.14
CA THR A 27 -3.10 -5.12 -2.93
C THR A 27 -3.45 -4.46 -1.61
N MET A 28 -2.66 -4.75 -0.58
CA MET A 28 -2.88 -4.18 0.75
C MET A 28 -3.10 -2.67 0.65
N GLU A 29 -4.35 -2.24 0.78
CA GLU A 29 -4.69 -0.83 0.71
C GLU A 29 -5.06 -0.29 2.10
N LEU A 30 -4.57 -0.96 3.13
CA LEU A 30 -4.86 -0.55 4.51
C LEU A 30 -3.62 -0.70 5.39
N PHE A 31 -3.70 -0.17 6.60
CA PHE A 31 -2.59 -0.24 7.55
C PHE A 31 -3.10 -0.39 8.98
N CYS A 32 -2.65 -1.45 9.65
CA CYS A 32 -3.06 -1.71 11.01
C CYS A 32 -2.41 -0.71 11.98
N GLN A 33 -3.19 -0.24 12.95
CA GLN A 33 -2.69 0.71 13.93
C GLN A 33 -2.17 0.00 15.17
N THR A 34 -2.50 -1.28 15.30
CA THR A 34 -2.07 -2.08 16.44
C THR A 34 -0.63 -2.53 16.29
N ASP A 35 -0.38 -3.35 15.26
CA ASP A 35 0.96 -3.87 15.00
C ASP A 35 1.70 -2.97 14.01
N GLN A 36 1.06 -1.86 13.64
CA GLN A 36 1.65 -0.93 12.68
C GLN A 36 2.19 -1.65 11.46
N THR A 37 1.35 -2.49 10.86
CA THR A 37 1.74 -3.24 9.67
C THR A 37 0.73 -3.05 8.54
N CYS A 38 1.08 -3.55 7.36
CA CYS A 38 0.21 -3.43 6.19
C CYS A 38 -0.68 -4.65 6.05
N ILE A 39 -1.95 -4.42 5.69
CA ILE A 39 -2.89 -5.53 5.52
C ILE A 39 -3.91 -5.20 4.43
N CYS A 40 -4.69 -6.21 4.04
CA CYS A 40 -5.70 -6.02 3.00
C CYS A 40 -7.09 -5.91 3.63
N TYR A 41 -8.09 -5.64 2.78
CA TYR A 41 -9.47 -5.52 3.24
C TYR A 41 -9.97 -6.83 3.82
N LEU A 42 -9.64 -7.93 3.15
CA LEU A 42 -10.06 -9.26 3.59
C LEU A 42 -9.46 -9.59 4.96
N CYS A 43 -8.42 -8.85 5.34
CA CYS A 43 -7.75 -9.07 6.60
C CYS A 43 -8.45 -8.30 7.73
N MET A 44 -8.74 -7.03 7.47
CA MET A 44 -9.40 -6.19 8.47
C MET A 44 -10.76 -6.77 8.85
N PHE A 45 -11.23 -7.73 8.05
CA PHE A 45 -12.52 -8.36 8.31
C PHE A 45 -12.34 -9.65 9.11
N GLN A 46 -11.22 -10.32 8.90
CA GLN A 46 -10.93 -11.56 9.61
C GLN A 46 -9.66 -11.44 10.44
N GLU A 47 -8.51 -11.45 9.77
CA GLU A 47 -7.23 -11.34 10.45
C GLU A 47 -7.28 -10.25 11.52
N HIS A 48 -7.31 -9.00 11.08
CA HIS A 48 -7.35 -7.87 12.00
C HIS A 48 -8.78 -7.31 12.10
N LYS A 49 -9.62 -8.00 12.85
CA LYS A 49 -11.01 -7.57 13.03
C LYS A 49 -11.14 -6.64 14.23
N ASN A 50 -10.40 -6.94 15.29
CA ASN A 50 -10.42 -6.12 16.50
C ASN A 50 -9.52 -4.91 16.36
N HIS A 51 -8.24 -5.16 16.03
CA HIS A 51 -7.27 -4.10 15.86
C HIS A 51 -7.88 -2.91 15.12
N SER A 52 -7.28 -1.74 15.29
CA SER A 52 -7.76 -0.53 14.63
C SER A 52 -7.12 -0.35 13.26
N THR A 53 -7.84 -0.75 12.22
CA THR A 53 -7.33 -0.63 10.86
C THR A 53 -7.72 0.71 10.23
N VAL A 54 -6.79 1.31 9.51
CA VAL A 54 -7.05 2.59 8.86
C VAL A 54 -6.49 2.61 7.44
N THR A 55 -7.28 3.12 6.50
CA THR A 55 -6.87 3.20 5.11
C THR A 55 -5.48 3.82 4.97
N VAL A 56 -4.59 3.13 4.27
CA VAL A 56 -3.23 3.62 4.07
C VAL A 56 -3.22 5.14 3.86
N GLU A 57 -3.99 5.59 2.87
CA GLU A 57 -4.07 7.02 2.57
C GLU A 57 -4.28 7.83 3.84
N GLU A 58 -5.10 7.32 4.73
CA GLU A 58 -5.39 8.00 5.99
C GLU A 58 -4.13 8.13 6.84
N ALA A 59 -3.45 7.01 7.04
CA ALA A 59 -2.22 7.00 7.83
C ALA A 59 -1.22 8.02 7.31
N LYS A 60 -1.11 8.11 6.00
CA LYS A 60 -0.17 9.05 5.37
C LYS A 60 -0.55 10.49 5.71
N ALA A 61 -1.86 10.76 5.74
CA ALA A 61 -2.35 12.09 6.05
C ALA A 61 -1.69 12.64 7.31
N GLU A 62 -1.67 11.83 8.37
CA GLU A 62 -1.07 12.24 9.63
C GLU A 62 0.22 13.02 9.40
N LYS A 63 1.22 12.34 8.85
CA LYS A 63 2.51 12.97 8.57
C LYS A 63 2.36 14.08 7.54
N GLU A 64 1.56 13.83 6.51
CA GLU A 64 1.33 14.81 5.45
C GLU A 64 1.18 16.21 6.04
N THR A 65 2.15 17.06 5.75
CA THR A 65 2.13 18.44 6.25
C THR A 65 1.60 19.40 5.19
N GLU A 66 0.59 20.18 5.56
CA GLU A 66 -0.01 21.14 4.66
C GLU A 66 1.03 22.14 4.14
N SER A 67 1.52 21.91 2.92
CA SER A 67 2.52 22.77 2.32
C SER A 67 2.07 23.25 0.94
N GLY A 68 2.64 24.36 0.49
CA GLY A 68 2.29 24.91 -0.81
C GLY A 68 3.43 24.84 -1.80
N PRO A 69 3.14 25.13 -3.06
CA PRO A 69 4.13 25.11 -4.14
C PRO A 69 5.15 26.24 -4.01
N SER A 70 6.39 25.96 -4.42
CA SER A 70 7.46 26.96 -4.34
C SER A 70 8.19 27.07 -5.67
N SER A 71 8.89 28.19 -5.86
CA SER A 71 9.63 28.42 -7.10
C SER A 71 10.59 27.27 -7.37
N GLY A 72 10.38 26.58 -8.48
CA GLY A 72 11.24 25.47 -8.85
C GLY A 72 11.77 25.58 -10.26
N GLY A 1 20.33 -33.87 -29.47
CA GLY A 1 20.66 -32.88 -30.47
C GLY A 1 21.13 -31.58 -29.86
N SER A 2 22.22 -31.63 -29.11
CA SER A 2 22.77 -30.44 -28.46
C SER A 2 21.65 -29.53 -27.97
N SER A 3 20.64 -30.12 -27.36
CA SER A 3 19.50 -29.37 -26.84
C SER A 3 19.58 -29.24 -25.32
N GLY A 4 19.31 -28.04 -24.82
CA GLY A 4 19.35 -27.80 -23.40
C GLY A 4 18.15 -27.01 -22.90
N SER A 5 18.36 -26.24 -21.82
CA SER A 5 17.28 -25.44 -21.25
C SER A 5 16.96 -24.25 -22.14
N SER A 6 15.81 -23.63 -21.90
CA SER A 6 15.38 -22.48 -22.69
C SER A 6 15.40 -21.21 -21.84
N GLY A 7 16.37 -20.35 -22.11
CA GLY A 7 16.49 -19.11 -21.36
C GLY A 7 15.28 -18.21 -21.54
N GLN A 8 15.41 -16.96 -21.12
CA GLN A 8 14.31 -15.99 -21.25
C GLN A 8 14.82 -14.65 -21.76
N LEU A 9 14.02 -13.99 -22.58
CA LEU A 9 14.39 -12.69 -23.15
C LEU A 9 13.26 -11.69 -22.99
N LEU A 10 12.47 -11.85 -21.93
CA LEU A 10 11.35 -10.95 -21.66
C LEU A 10 11.64 -10.08 -20.44
N GLU A 11 11.02 -8.90 -20.41
CA GLU A 11 11.20 -7.97 -19.30
C GLU A 11 9.85 -7.57 -18.70
N PRO A 12 9.38 -8.38 -17.74
CA PRO A 12 8.11 -8.12 -17.06
C PRO A 12 8.16 -6.90 -16.15
N ILE A 13 7.10 -6.70 -15.38
CA ILE A 13 7.02 -5.56 -14.47
C ILE A 13 7.46 -5.97 -13.06
N ARG A 14 8.07 -5.02 -12.34
CA ARG A 14 8.53 -5.27 -10.99
C ARG A 14 7.72 -4.47 -9.97
N ASP A 15 7.57 -3.17 -10.24
CA ASP A 15 6.82 -2.30 -9.35
C ASP A 15 5.33 -2.37 -9.65
N PHE A 16 4.86 -3.56 -10.01
CA PHE A 16 3.45 -3.76 -10.32
C PHE A 16 2.68 -4.28 -9.11
N GLU A 17 2.05 -3.36 -8.39
CA GLU A 17 1.28 -3.73 -7.19
C GLU A 17 2.04 -4.77 -6.37
N ALA A 18 3.33 -4.53 -6.16
CA ALA A 18 4.15 -5.45 -5.38
C ALA A 18 3.71 -5.49 -3.93
N ARG A 19 2.76 -4.62 -3.57
CA ARG A 19 2.25 -4.55 -2.21
C ARG A 19 0.93 -5.30 -2.10
N LYS A 20 1.01 -6.62 -1.95
CA LYS A 20 -0.19 -7.46 -1.82
C LYS A 20 -0.08 -8.35 -0.59
N CYS A 21 -1.24 -8.78 -0.09
CA CYS A 21 -1.29 -9.65 1.08
C CYS A 21 -0.76 -11.03 0.75
N PRO A 22 0.26 -11.47 1.50
CA PRO A 22 0.87 -12.80 1.30
C PRO A 22 -0.05 -13.94 1.72
N VAL A 23 -1.12 -13.59 2.41
CA VAL A 23 -2.09 -14.59 2.86
C VAL A 23 -3.28 -14.67 1.91
N HIS A 24 -3.69 -13.53 1.38
CA HIS A 24 -4.81 -13.47 0.45
C HIS A 24 -4.34 -13.18 -0.97
N GLY A 25 -3.45 -12.19 -1.10
CA GLY A 25 -2.93 -11.84 -2.40
C GLY A 25 -3.56 -10.58 -2.96
N LYS A 26 -4.23 -9.83 -2.10
CA LYS A 26 -4.90 -8.60 -2.50
C LYS A 26 -4.03 -7.38 -2.19
N THR A 27 -3.94 -6.47 -3.15
CA THR A 27 -3.14 -5.26 -2.97
C THR A 27 -3.50 -4.55 -1.67
N MET A 28 -2.72 -4.83 -0.62
CA MET A 28 -2.96 -4.21 0.68
C MET A 28 -3.19 -2.71 0.54
N GLU A 29 -4.41 -2.28 0.83
CA GLU A 29 -4.76 -0.86 0.72
C GLU A 29 -5.16 -0.30 2.09
N LEU A 30 -4.69 -0.95 3.15
CA LEU A 30 -4.99 -0.53 4.51
C LEU A 30 -3.75 -0.62 5.40
N PHE A 31 -3.87 -0.12 6.62
CA PHE A 31 -2.77 -0.14 7.57
C PHE A 31 -3.28 -0.27 9.01
N CYS A 32 -2.83 -1.32 9.69
CA CYS A 32 -3.25 -1.57 11.06
C CYS A 32 -2.62 -0.55 12.01
N GLN A 33 -3.39 -0.14 13.02
CA GLN A 33 -2.91 0.83 13.99
C GLN A 33 -2.36 0.14 15.23
N THR A 34 -2.64 -1.16 15.36
CA THR A 34 -2.18 -1.94 16.49
C THR A 34 -0.71 -2.34 16.32
N ASP A 35 -0.45 -3.13 15.29
CA ASP A 35 0.91 -3.59 15.02
C ASP A 35 1.62 -2.67 14.03
N GLN A 36 0.91 -1.63 13.60
CA GLN A 36 1.46 -0.67 12.66
C GLN A 36 2.01 -1.37 11.42
N THR A 37 1.20 -2.25 10.83
CA THR A 37 1.61 -2.98 9.64
C THR A 37 0.60 -2.82 8.52
N CYS A 38 0.96 -3.31 7.33
CA CYS A 38 0.08 -3.21 6.17
C CYS A 38 -0.74 -4.48 6.00
N ILE A 39 -1.98 -4.33 5.56
CA ILE A 39 -2.87 -5.47 5.36
C ILE A 39 -3.90 -5.17 4.28
N CYS A 40 -4.72 -6.17 3.96
CA CYS A 40 -5.75 -6.02 2.94
C CYS A 40 -7.13 -5.93 3.58
N TYR A 41 -8.15 -5.70 2.75
CA TYR A 41 -9.52 -5.58 3.24
C TYR A 41 -9.99 -6.90 3.85
N LEU A 42 -9.61 -8.01 3.21
CA LEU A 42 -10.00 -9.33 3.70
C LEU A 42 -9.36 -9.61 5.06
N CYS A 43 -8.32 -8.86 5.39
CA CYS A 43 -7.64 -9.03 6.67
C CYS A 43 -8.36 -8.28 7.79
N MET A 44 -8.66 -7.01 7.54
CA MET A 44 -9.34 -6.17 8.52
C MET A 44 -10.68 -6.81 8.93
N PHE A 45 -11.13 -7.77 8.14
CA PHE A 45 -12.39 -8.46 8.41
C PHE A 45 -12.14 -9.76 9.17
N GLN A 46 -10.94 -10.29 9.05
CA GLN A 46 -10.58 -11.53 9.74
C GLN A 46 -9.28 -11.37 10.52
N GLU A 47 -8.16 -11.34 9.81
CA GLU A 47 -6.86 -11.20 10.44
C GLU A 47 -6.88 -10.11 11.51
N HIS A 48 -7.21 -8.89 11.09
CA HIS A 48 -7.29 -7.76 12.02
C HIS A 48 -8.71 -7.21 12.09
N LYS A 49 -9.60 -7.96 12.76
CA LYS A 49 -10.98 -7.54 12.91
C LYS A 49 -11.18 -6.75 14.20
N ASN A 50 -10.41 -7.10 15.22
CA ASN A 50 -10.50 -6.41 16.50
C ASN A 50 -9.65 -5.13 16.50
N HIS A 51 -8.40 -5.26 16.07
CA HIS A 51 -7.50 -4.12 16.02
C HIS A 51 -8.15 -2.94 15.33
N SER A 52 -7.44 -1.81 15.30
CA SER A 52 -7.96 -0.60 14.66
C SER A 52 -7.29 -0.36 13.31
N THR A 53 -7.91 -0.88 12.25
CA THR A 53 -7.36 -0.72 10.91
C THR A 53 -7.89 0.55 10.25
N VAL A 54 -7.04 1.19 9.45
CA VAL A 54 -7.42 2.42 8.76
C VAL A 54 -6.82 2.47 7.36
N THR A 55 -7.61 2.95 6.40
CA THR A 55 -7.15 3.05 5.01
C THR A 55 -5.78 3.71 4.94
N VAL A 56 -4.89 3.13 4.14
CA VAL A 56 -3.55 3.67 3.98
C VAL A 56 -3.58 5.18 3.77
N GLU A 57 -4.35 5.62 2.78
CA GLU A 57 -4.46 7.04 2.48
C GLU A 57 -4.74 7.85 3.75
N GLU A 58 -5.34 7.20 4.74
CA GLU A 58 -5.65 7.85 6.01
C GLU A 58 -4.40 8.06 6.84
N ALA A 59 -3.57 7.02 6.92
CA ALA A 59 -2.32 7.09 7.68
C ALA A 59 -1.37 8.12 7.10
N LYS A 60 -1.29 8.14 5.77
CA LYS A 60 -0.41 9.09 5.07
C LYS A 60 -0.65 10.51 5.56
N ALA A 61 -1.91 10.89 5.66
CA ALA A 61 -2.28 12.23 6.12
C ALA A 61 -1.51 12.60 7.39
N GLU A 62 -1.10 11.59 8.13
CA GLU A 62 -0.36 11.80 9.37
C GLU A 62 1.05 12.33 9.08
N LYS A 63 1.74 11.66 8.17
CA LYS A 63 3.10 12.06 7.81
C LYS A 63 3.09 13.38 7.04
N GLU A 64 1.96 13.69 6.41
CA GLU A 64 1.82 14.92 5.65
C GLU A 64 2.03 16.14 6.54
N THR A 65 2.48 17.23 5.94
CA THR A 65 2.72 18.47 6.68
C THR A 65 1.43 19.01 7.30
N GLU A 66 1.50 19.39 8.56
CA GLU A 66 0.34 19.93 9.26
C GLU A 66 0.74 20.55 10.59
N SER A 67 0.03 21.62 10.98
CA SER A 67 0.32 22.30 12.23
C SER A 67 0.61 21.31 13.35
N GLY A 68 1.72 21.52 14.05
CA GLY A 68 2.10 20.64 15.13
C GLY A 68 2.92 21.34 16.20
N PRO A 69 3.01 20.72 17.39
CA PRO A 69 3.77 21.27 18.52
C PRO A 69 5.27 21.25 18.27
N SER A 70 5.69 20.50 17.26
CA SER A 70 7.11 20.39 16.91
C SER A 70 7.55 21.57 16.05
N SER A 71 8.31 22.47 16.64
CA SER A 71 8.80 23.65 15.93
C SER A 71 9.31 23.27 14.54
N GLY A 72 10.27 22.34 14.51
CA GLY A 72 10.84 21.89 13.25
C GLY A 72 10.71 20.40 13.04
N GLY A 1 6.64 1.79 -37.69
CA GLY A 1 7.23 2.94 -38.35
C GLY A 1 6.27 3.62 -39.30
N SER A 2 6.82 4.30 -40.30
CA SER A 2 6.01 5.01 -41.28
C SER A 2 4.83 5.71 -40.60
N SER A 3 5.10 6.33 -39.46
CA SER A 3 4.07 7.04 -38.71
C SER A 3 4.53 8.45 -38.34
N GLY A 4 3.60 9.28 -37.91
CA GLY A 4 3.92 10.64 -37.54
C GLY A 4 4.28 10.78 -36.07
N SER A 5 3.26 10.70 -35.21
CA SER A 5 3.48 10.82 -33.77
C SER A 5 3.14 9.52 -33.06
N SER A 6 3.54 8.41 -33.66
CA SER A 6 3.27 7.09 -33.08
C SER A 6 4.54 6.47 -32.52
N GLY A 7 4.50 6.09 -31.25
CA GLY A 7 5.65 5.48 -30.62
C GLY A 7 5.27 4.39 -29.63
N GLN A 8 5.66 3.15 -29.95
CA GLN A 8 5.35 2.01 -29.09
C GLN A 8 6.62 1.46 -28.46
N LEU A 9 7.38 2.33 -27.82
CA LEU A 9 8.63 1.93 -27.17
C LEU A 9 8.68 2.44 -25.73
N LEU A 10 7.52 2.56 -25.11
CA LEU A 10 7.43 3.04 -23.74
C LEU A 10 7.87 1.97 -22.75
N GLU A 11 8.93 2.25 -21.99
CA GLU A 11 9.44 1.30 -21.02
C GLU A 11 8.41 1.03 -19.93
N PRO A 12 8.35 -0.23 -19.47
CA PRO A 12 7.42 -0.65 -18.43
C PRO A 12 7.77 -0.07 -17.06
N ILE A 13 6.88 -0.27 -16.09
CA ILE A 13 7.09 0.24 -14.74
C ILE A 13 7.61 -0.87 -13.83
N ARG A 14 8.58 -0.52 -12.98
CA ARG A 14 9.16 -1.48 -12.05
C ARG A 14 8.08 -2.36 -11.43
N ASP A 15 7.19 -1.73 -10.66
CA ASP A 15 6.10 -2.45 -10.00
C ASP A 15 4.92 -1.52 -9.75
N PHE A 16 3.77 -1.87 -10.32
CA PHE A 16 2.56 -1.08 -10.15
C PHE A 16 1.69 -1.65 -9.04
N GLU A 17 1.60 -0.92 -7.93
CA GLU A 17 0.79 -1.34 -6.80
C GLU A 17 0.83 -2.86 -6.65
N ALA A 18 2.01 -3.45 -6.83
CA ALA A 18 2.18 -4.89 -6.71
C ALA A 18 1.93 -5.36 -5.28
N ARG A 19 2.36 -4.55 -4.32
CA ARG A 19 2.19 -4.89 -2.91
C ARG A 19 0.85 -5.59 -2.68
N LYS A 20 0.90 -6.84 -2.23
CA LYS A 20 -0.30 -7.62 -1.97
C LYS A 20 -0.15 -8.43 -0.69
N CYS A 21 -1.27 -8.85 -0.13
CA CYS A 21 -1.28 -9.64 1.10
C CYS A 21 -0.72 -11.04 0.85
N PRO A 22 0.30 -11.42 1.61
CA PRO A 22 0.94 -12.73 1.49
C PRO A 22 0.04 -13.86 1.98
N VAL A 23 -0.99 -13.50 2.74
CA VAL A 23 -1.93 -14.48 3.26
C VAL A 23 -3.12 -14.67 2.33
N HIS A 24 -3.59 -13.56 1.75
CA HIS A 24 -4.72 -13.60 0.83
C HIS A 24 -4.26 -13.41 -0.61
N GLY A 25 -3.43 -12.39 -0.83
CA GLY A 25 -2.93 -12.12 -2.16
C GLY A 25 -3.61 -10.92 -2.81
N LYS A 26 -4.24 -10.10 -1.99
CA LYS A 26 -4.94 -8.91 -2.48
C LYS A 26 -4.15 -7.64 -2.16
N THR A 27 -4.07 -6.74 -3.14
CA THR A 27 -3.34 -5.49 -2.98
C THR A 27 -3.72 -4.80 -1.67
N MET A 28 -2.86 -4.93 -0.66
CA MET A 28 -3.10 -4.31 0.63
C MET A 28 -3.33 -2.81 0.49
N GLU A 29 -4.57 -2.38 0.75
CA GLU A 29 -4.91 -0.97 0.65
C GLU A 29 -5.27 -0.41 2.03
N LEU A 30 -4.70 -1.00 3.07
CA LEU A 30 -4.96 -0.55 4.44
C LEU A 30 -3.70 -0.66 5.29
N PHE A 31 -3.73 -0.04 6.47
CA PHE A 31 -2.60 -0.07 7.38
C PHE A 31 -3.07 -0.20 8.82
N CYS A 32 -2.72 -1.33 9.44
CA CYS A 32 -3.10 -1.58 10.83
C CYS A 32 -2.45 -0.57 11.77
N GLN A 33 -3.20 -0.11 12.75
CA GLN A 33 -2.69 0.85 13.73
C GLN A 33 -2.20 0.16 14.98
N THR A 34 -2.54 -1.11 15.12
CA THR A 34 -2.13 -1.90 16.29
C THR A 34 -0.68 -2.34 16.16
N ASP A 35 -0.36 -2.98 15.04
CA ASP A 35 1.00 -3.46 14.80
C ASP A 35 1.70 -2.60 13.75
N GLN A 36 1.07 -1.49 13.38
CA GLN A 36 1.63 -0.58 12.38
C GLN A 36 2.14 -1.36 11.17
N THR A 37 1.30 -2.25 10.64
CA THR A 37 1.66 -3.05 9.49
C THR A 37 0.63 -2.92 8.38
N CYS A 38 1.01 -3.31 7.17
CA CYS A 38 0.11 -3.23 6.01
C CYS A 38 -0.74 -4.51 5.91
N ILE A 39 -1.97 -4.35 5.47
CA ILE A 39 -2.88 -5.47 5.31
C ILE A 39 -3.92 -5.19 4.24
N CYS A 40 -4.73 -6.20 3.93
CA CYS A 40 -5.77 -6.07 2.92
C CYS A 40 -7.15 -5.98 3.57
N TYR A 41 -8.16 -5.64 2.77
CA TYR A 41 -9.52 -5.52 3.27
C TYR A 41 -9.99 -6.82 3.90
N LEU A 42 -9.68 -7.94 3.25
CA LEU A 42 -10.07 -9.25 3.76
C LEU A 42 -9.44 -9.52 5.12
N CYS A 43 -8.35 -8.82 5.40
CA CYS A 43 -7.65 -8.98 6.68
C CYS A 43 -8.33 -8.18 7.78
N MET A 44 -8.58 -6.90 7.52
CA MET A 44 -9.23 -6.04 8.50
C MET A 44 -10.56 -6.64 8.94
N PHE A 45 -11.04 -7.63 8.21
CA PHE A 45 -12.31 -8.28 8.53
C PHE A 45 -12.07 -9.52 9.38
N GLN A 46 -10.93 -10.17 9.18
CA GLN A 46 -10.58 -11.37 9.93
C GLN A 46 -9.25 -11.20 10.66
N GLU A 47 -8.15 -11.27 9.89
CA GLU A 47 -6.82 -11.12 10.47
C GLU A 47 -6.81 -10.01 11.52
N HIS A 48 -7.15 -8.81 11.10
CA HIS A 48 -7.17 -7.66 12.01
C HIS A 48 -8.57 -7.05 12.09
N LYS A 49 -9.46 -7.74 12.80
CA LYS A 49 -10.84 -7.27 12.95
C LYS A 49 -10.97 -6.39 14.19
N ASN A 50 -10.52 -6.90 15.33
CA ASN A 50 -10.60 -6.17 16.58
C ASN A 50 -9.62 -4.98 16.57
N HIS A 51 -8.47 -5.17 15.95
CA HIS A 51 -7.47 -4.12 15.86
C HIS A 51 -8.05 -2.86 15.24
N SER A 52 -7.22 -1.82 15.11
CA SER A 52 -7.66 -0.56 14.54
C SER A 52 -7.01 -0.33 13.17
N THR A 53 -7.65 -0.84 12.13
CA THR A 53 -7.14 -0.70 10.77
C THR A 53 -7.68 0.56 10.10
N VAL A 54 -6.84 1.22 9.31
CA VAL A 54 -7.23 2.44 8.63
C VAL A 54 -6.66 2.48 7.22
N THR A 55 -7.45 2.99 6.27
CA THR A 55 -7.02 3.08 4.88
C THR A 55 -5.66 3.75 4.78
N VAL A 56 -4.75 3.11 4.04
CA VAL A 56 -3.41 3.65 3.86
C VAL A 56 -3.44 5.15 3.63
N GLU A 57 -4.18 5.57 2.60
CA GLU A 57 -4.29 6.98 2.28
C GLU A 57 -4.52 7.81 3.54
N GLU A 58 -5.35 7.30 4.45
CA GLU A 58 -5.64 7.99 5.69
C GLU A 58 -4.37 8.18 6.53
N ALA A 59 -3.68 7.08 6.80
CA ALA A 59 -2.46 7.12 7.58
C ALA A 59 -1.50 8.19 7.05
N LYS A 60 -1.30 8.19 5.74
CA LYS A 60 -0.41 9.17 5.12
C LYS A 60 -0.83 10.58 5.45
N ALA A 61 -2.09 10.91 5.17
CA ALA A 61 -2.62 12.23 5.44
C ALA A 61 -2.39 12.64 6.89
N GLU A 62 -2.68 11.72 7.82
CA GLU A 62 -2.49 11.98 9.24
C GLU A 62 -1.16 12.67 9.49
N LYS A 63 -0.08 12.06 9.04
CA LYS A 63 1.25 12.61 9.21
C LYS A 63 1.82 13.12 7.89
N GLU A 64 1.52 14.37 7.56
CA GLU A 64 2.00 14.97 6.32
C GLU A 64 2.68 16.30 6.59
N THR A 65 3.48 16.35 7.65
CA THR A 65 4.20 17.57 8.02
C THR A 65 5.67 17.27 8.35
N GLU A 66 6.57 17.82 7.55
CA GLU A 66 8.00 17.62 7.76
C GLU A 66 8.77 18.91 7.53
N SER A 67 9.49 19.36 8.55
CA SER A 67 10.28 20.59 8.46
C SER A 67 11.34 20.64 9.56
N GLY A 68 12.20 21.65 9.49
CA GLY A 68 13.25 21.79 10.47
C GLY A 68 12.73 22.34 11.79
N PRO A 69 13.07 21.67 12.90
CA PRO A 69 12.65 22.08 14.24
C PRO A 69 13.33 23.36 14.70
N SER A 70 12.58 24.24 15.35
CA SER A 70 13.12 25.50 15.83
C SER A 70 13.95 25.28 17.09
N SER A 71 13.41 24.51 18.03
CA SER A 71 14.10 24.23 19.28
C SER A 71 14.70 22.83 19.27
N GLY A 72 13.84 21.83 19.04
CA GLY A 72 14.31 20.45 19.01
C GLY A 72 14.16 19.76 20.34
N GLY A 1 30.58 14.73 -36.96
CA GLY A 1 30.35 13.62 -36.04
C GLY A 1 30.08 14.10 -34.63
N SER A 2 29.86 13.16 -33.72
CA SER A 2 29.58 13.49 -32.33
C SER A 2 28.77 14.78 -32.22
N SER A 3 27.75 14.89 -33.06
CA SER A 3 26.89 16.07 -33.07
C SER A 3 25.69 15.87 -32.15
N GLY A 4 25.07 14.70 -32.24
CA GLY A 4 23.92 14.40 -31.41
C GLY A 4 24.18 13.30 -30.41
N SER A 5 24.71 12.18 -30.88
CA SER A 5 25.01 11.05 -30.01
C SER A 5 23.90 10.84 -28.97
N SER A 6 22.66 11.01 -29.42
CA SER A 6 21.51 10.85 -28.53
C SER A 6 21.17 9.37 -28.34
N GLY A 7 21.30 8.89 -27.11
CA GLY A 7 21.00 7.51 -26.82
C GLY A 7 20.18 7.33 -25.56
N GLN A 8 20.71 7.82 -24.44
CA GLN A 8 20.02 7.73 -23.16
C GLN A 8 18.51 7.86 -23.35
N LEU A 9 17.77 6.86 -22.87
CA LEU A 9 16.32 6.87 -22.98
C LEU A 9 15.67 6.35 -21.70
N LEU A 10 14.37 6.60 -21.56
CA LEU A 10 13.63 6.16 -20.38
C LEU A 10 13.85 4.67 -20.13
N GLU A 11 13.27 4.17 -19.04
CA GLU A 11 13.39 2.76 -18.68
C GLU A 11 12.05 2.18 -18.28
N PRO A 12 11.80 0.91 -18.66
CA PRO A 12 10.56 0.22 -18.34
C PRO A 12 10.42 -0.10 -16.85
N ILE A 13 9.38 -0.83 -16.50
CA ILE A 13 9.13 -1.19 -15.11
C ILE A 13 9.85 -2.49 -14.75
N ARG A 14 10.08 -2.70 -13.46
CA ARG A 14 10.76 -3.90 -12.98
C ARG A 14 9.86 -4.69 -12.02
N ASP A 15 9.22 -3.98 -11.10
CA ASP A 15 8.34 -4.61 -10.13
C ASP A 15 6.95 -3.97 -10.16
N PHE A 16 5.99 -4.70 -10.70
CA PHE A 16 4.62 -4.21 -10.80
C PHE A 16 3.73 -4.86 -9.74
N GLU A 17 2.79 -4.08 -9.21
CA GLU A 17 1.88 -4.57 -8.18
C GLU A 17 2.62 -5.46 -7.18
N ALA A 18 3.72 -4.95 -6.64
CA ALA A 18 4.52 -5.70 -5.68
C ALA A 18 4.08 -5.39 -4.25
N ARG A 19 2.83 -4.99 -4.10
CA ARG A 19 2.28 -4.65 -2.78
C ARG A 19 0.93 -5.34 -2.56
N LYS A 20 0.98 -6.63 -2.24
CA LYS A 20 -0.23 -7.40 -2.01
C LYS A 20 -0.10 -8.23 -0.74
N CYS A 21 -1.25 -8.67 -0.21
CA CYS A 21 -1.26 -9.48 1.01
C CYS A 21 -0.73 -10.88 0.73
N PRO A 22 0.29 -11.30 1.50
CA PRO A 22 0.91 -12.62 1.36
C PRO A 22 -0.01 -13.74 1.82
N VAL A 23 -1.05 -13.38 2.57
CA VAL A 23 -2.01 -14.36 3.05
C VAL A 23 -3.20 -14.49 2.12
N HIS A 24 -3.61 -13.36 1.53
CA HIS A 24 -4.74 -13.35 0.61
C HIS A 24 -4.27 -13.14 -0.82
N GLY A 25 -3.42 -12.15 -1.03
CA GLY A 25 -2.91 -11.86 -2.36
C GLY A 25 -3.58 -10.65 -2.99
N LYS A 26 -4.19 -9.82 -2.17
CA LYS A 26 -4.87 -8.61 -2.64
C LYS A 26 -4.08 -7.36 -2.27
N THR A 27 -3.93 -6.46 -3.24
CA THR A 27 -3.20 -5.21 -3.01
C THR A 27 -3.62 -4.56 -1.70
N MET A 28 -2.82 -4.77 -0.66
CA MET A 28 -3.11 -4.20 0.65
C MET A 28 -3.25 -2.69 0.57
N GLU A 29 -4.44 -2.19 0.93
CA GLU A 29 -4.70 -0.76 0.90
C GLU A 29 -5.12 -0.24 2.27
N LEU A 30 -4.55 -0.84 3.32
CA LEU A 30 -4.87 -0.45 4.68
C LEU A 30 -3.64 -0.54 5.58
N PHE A 31 -3.78 -0.10 6.82
CA PHE A 31 -2.68 -0.13 7.78
C PHE A 31 -3.19 -0.32 9.19
N CYS A 32 -2.79 -1.41 9.84
CA CYS A 32 -3.20 -1.70 11.21
C CYS A 32 -2.63 -0.69 12.18
N GLN A 33 -3.39 -0.37 13.23
CA GLN A 33 -2.96 0.59 14.23
C GLN A 33 -2.45 -0.13 15.48
N THR A 34 -2.66 -1.43 15.53
CA THR A 34 -2.22 -2.24 16.67
C THR A 34 -0.78 -2.69 16.50
N ASP A 35 -0.51 -3.40 15.41
CA ASP A 35 0.83 -3.90 15.12
C ASP A 35 1.55 -2.98 14.14
N GLN A 36 0.85 -1.96 13.66
CA GLN A 36 1.42 -1.02 12.71
C GLN A 36 1.98 -1.74 11.49
N THR A 37 1.16 -2.59 10.89
CA THR A 37 1.58 -3.34 9.71
C THR A 37 0.56 -3.21 8.58
N CYS A 38 1.02 -3.33 7.35
CA CYS A 38 0.15 -3.22 6.19
C CYS A 38 -0.71 -4.48 6.04
N ILE A 39 -1.97 -4.28 5.63
CA ILE A 39 -2.89 -5.39 5.46
C ILE A 39 -3.93 -5.07 4.39
N CYS A 40 -4.65 -6.10 3.95
CA CYS A 40 -5.69 -5.93 2.94
C CYS A 40 -7.06 -5.84 3.58
N TYR A 41 -8.07 -5.52 2.77
CA TYR A 41 -9.44 -5.41 3.26
C TYR A 41 -9.94 -6.73 3.82
N LEU A 42 -9.58 -7.82 3.16
CA LEU A 42 -9.98 -9.16 3.59
C LEU A 42 -9.38 -9.49 4.95
N CYS A 43 -8.32 -8.77 5.31
CA CYS A 43 -7.64 -9.00 6.59
C CYS A 43 -8.37 -8.27 7.72
N MET A 44 -8.54 -6.96 7.55
CA MET A 44 -9.21 -6.15 8.57
C MET A 44 -10.56 -6.75 8.93
N PHE A 45 -11.06 -7.65 8.09
CA PHE A 45 -12.33 -8.31 8.33
C PHE A 45 -12.16 -9.59 9.13
N GLN A 46 -11.08 -10.32 8.82
CA GLN A 46 -10.80 -11.57 9.51
C GLN A 46 -9.51 -11.47 10.32
N GLU A 47 -8.37 -11.51 9.63
CA GLU A 47 -7.08 -11.41 10.28
C GLU A 47 -7.09 -10.35 11.38
N HIS A 48 -7.29 -9.10 10.98
CA HIS A 48 -7.32 -7.99 11.94
C HIS A 48 -8.74 -7.46 12.08
N LYS A 49 -9.58 -8.21 12.78
CA LYS A 49 -10.98 -7.80 13.00
C LYS A 49 -11.08 -6.85 14.18
N ASN A 50 -10.42 -7.19 15.28
CA ASN A 50 -10.45 -6.36 16.48
C ASN A 50 -9.58 -5.12 16.30
N HIS A 51 -8.28 -5.34 16.06
CA HIS A 51 -7.35 -4.25 15.87
C HIS A 51 -7.99 -3.11 15.08
N SER A 52 -7.60 -1.88 15.40
CA SER A 52 -8.14 -0.70 14.71
C SER A 52 -7.41 -0.46 13.40
N THR A 53 -8.02 -0.90 12.30
CA THR A 53 -7.43 -0.73 10.98
C THR A 53 -7.91 0.56 10.33
N VAL A 54 -7.00 1.26 9.65
CA VAL A 54 -7.34 2.51 8.99
C VAL A 54 -6.74 2.55 7.58
N THR A 55 -7.48 3.16 6.65
CA THR A 55 -7.02 3.27 5.27
C THR A 55 -5.66 3.93 5.20
N VAL A 56 -4.71 3.26 4.54
CA VAL A 56 -3.36 3.78 4.39
C VAL A 56 -3.38 5.28 4.16
N GLU A 57 -4.15 5.71 3.17
CA GLU A 57 -4.25 7.13 2.84
C GLU A 57 -4.45 7.96 4.10
N GLU A 58 -5.35 7.51 4.97
CA GLU A 58 -5.64 8.22 6.21
C GLU A 58 -4.37 8.40 7.04
N ALA A 59 -3.58 7.33 7.13
CA ALA A 59 -2.34 7.36 7.89
C ALA A 59 -1.35 8.36 7.30
N LYS A 60 -1.18 8.29 5.97
CA LYS A 60 -0.26 9.20 5.28
C LYS A 60 -0.63 10.65 5.55
N ALA A 61 -1.92 10.94 5.47
CA ALA A 61 -2.41 12.30 5.70
C ALA A 61 -1.76 12.92 6.94
N GLU A 62 -1.30 12.07 7.85
CA GLU A 62 -0.67 12.53 9.08
C GLU A 62 0.79 12.91 8.82
N LYS A 63 1.64 11.90 8.64
CA LYS A 63 3.05 12.12 8.38
C LYS A 63 3.25 13.22 7.33
N GLU A 64 2.29 13.34 6.41
CA GLU A 64 2.36 14.34 5.36
C GLU A 64 1.84 15.68 5.85
N THR A 65 2.30 16.76 5.23
CA THR A 65 1.87 18.11 5.61
C THR A 65 0.89 18.68 4.60
N GLU A 66 0.02 19.58 5.07
CA GLU A 66 -0.97 20.20 4.20
C GLU A 66 -0.35 20.61 2.87
N SER A 67 -1.04 20.29 1.78
CA SER A 67 -0.56 20.62 0.44
C SER A 67 -0.66 22.12 0.18
N GLY A 68 0.29 22.66 -0.57
CA GLY A 68 0.29 24.08 -0.87
C GLY A 68 -0.91 24.48 -1.73
N PRO A 69 -0.74 25.55 -2.52
CA PRO A 69 -1.79 26.05 -3.40
C PRO A 69 -2.08 25.11 -4.57
N SER A 70 -3.23 24.44 -4.51
CA SER A 70 -3.62 23.50 -5.56
C SER A 70 -3.45 24.13 -6.94
N SER A 71 -4.15 25.25 -7.16
CA SER A 71 -4.08 25.94 -8.45
C SER A 71 -4.57 27.38 -8.31
N GLY A 72 -4.36 28.18 -9.34
CA GLY A 72 -4.78 29.56 -9.32
C GLY A 72 -6.29 29.70 -9.32
N GLY A 1 -0.28 -13.96 -48.17
CA GLY A 1 0.66 -14.47 -47.18
C GLY A 1 0.74 -13.60 -45.95
N SER A 2 1.79 -12.79 -45.86
CA SER A 2 1.98 -11.89 -44.73
C SER A 2 2.27 -10.48 -45.18
N SER A 3 1.28 -9.60 -45.05
CA SER A 3 1.42 -8.21 -45.46
C SER A 3 1.98 -7.37 -44.32
N GLY A 4 1.47 -7.59 -43.11
CA GLY A 4 1.93 -6.85 -41.96
C GLY A 4 1.96 -7.69 -40.70
N SER A 5 2.28 -7.06 -39.57
CA SER A 5 2.35 -7.76 -38.29
C SER A 5 0.96 -8.10 -37.78
N SER A 6 0.86 -9.20 -37.03
CA SER A 6 -0.42 -9.64 -36.48
C SER A 6 -1.02 -8.55 -35.58
N GLY A 7 -0.20 -8.00 -34.70
CA GLY A 7 -0.66 -6.97 -33.79
C GLY A 7 -0.72 -7.43 -32.35
N GLN A 8 0.42 -7.82 -31.81
CA GLN A 8 0.51 -8.30 -30.44
C GLN A 8 0.46 -7.13 -29.45
N LEU A 9 -0.69 -6.92 -28.84
CA LEU A 9 -0.86 -5.84 -27.87
C LEU A 9 0.34 -5.74 -26.93
N LEU A 10 0.80 -4.53 -26.69
CA LEU A 10 1.93 -4.30 -25.80
C LEU A 10 1.83 -5.16 -24.55
N GLU A 11 2.97 -5.69 -24.10
CA GLU A 11 3.01 -6.54 -22.91
C GLU A 11 2.68 -5.72 -21.66
N PRO A 12 1.99 -6.36 -20.71
CA PRO A 12 1.60 -5.72 -19.46
C PRO A 12 2.79 -5.46 -18.54
N ILE A 13 2.51 -4.94 -17.35
CA ILE A 13 3.57 -4.65 -16.38
C ILE A 13 3.75 -5.80 -15.39
N ARG A 14 4.88 -5.80 -14.70
CA ARG A 14 5.18 -6.84 -13.72
C ARG A 14 5.44 -6.24 -12.35
N ASP A 15 6.34 -5.26 -12.29
CA ASP A 15 6.68 -4.61 -11.05
C ASP A 15 5.72 -3.45 -10.75
N PHE A 16 4.47 -3.63 -11.14
CA PHE A 16 3.44 -2.62 -10.91
C PHE A 16 2.94 -2.64 -9.48
N GLU A 17 2.19 -3.68 -9.14
CA GLU A 17 1.65 -3.83 -7.79
C GLU A 17 2.38 -4.92 -7.02
N ALA A 18 3.51 -4.55 -6.42
CA ALA A 18 4.31 -5.51 -5.65
C ALA A 18 3.95 -5.44 -4.17
N ARG A 19 2.79 -4.88 -3.86
CA ARG A 19 2.34 -4.77 -2.48
C ARG A 19 0.98 -5.43 -2.30
N LYS A 20 0.99 -6.74 -2.03
CA LYS A 20 -0.24 -7.49 -1.83
C LYS A 20 -0.14 -8.37 -0.60
N CYS A 21 -1.29 -8.78 -0.07
CA CYS A 21 -1.33 -9.63 1.10
C CYS A 21 -0.83 -11.04 0.78
N PRO A 22 0.17 -11.50 1.56
CA PRO A 22 0.76 -12.83 1.37
C PRO A 22 -0.19 -13.94 1.77
N VAL A 23 -1.22 -13.59 2.53
CA VAL A 23 -2.22 -14.57 2.97
C VAL A 23 -3.39 -14.64 2.01
N HIS A 24 -3.78 -13.48 1.47
CA HIS A 24 -4.90 -13.41 0.55
C HIS A 24 -4.40 -13.19 -0.88
N GLY A 25 -3.52 -12.20 -1.04
CA GLY A 25 -2.99 -11.91 -2.36
C GLY A 25 -3.63 -10.69 -2.99
N LYS A 26 -4.13 -9.78 -2.15
CA LYS A 26 -4.77 -8.57 -2.63
C LYS A 26 -3.98 -7.33 -2.22
N THR A 27 -3.93 -6.35 -3.11
CA THR A 27 -3.20 -5.11 -2.84
C THR A 27 -3.63 -4.50 -1.52
N MET A 28 -2.84 -4.75 -0.48
CA MET A 28 -3.15 -4.22 0.85
C MET A 28 -3.32 -2.71 0.81
N GLU A 29 -4.57 -2.26 0.71
CA GLU A 29 -4.86 -0.84 0.65
C GLU A 29 -5.23 -0.31 2.04
N LEU A 30 -4.72 -0.97 3.08
CA LEU A 30 -5.00 -0.57 4.45
C LEU A 30 -3.75 -0.73 5.32
N PHE A 31 -3.84 -0.27 6.57
CA PHE A 31 -2.72 -0.36 7.50
C PHE A 31 -3.21 -0.46 8.93
N CYS A 32 -2.88 -1.56 9.60
CA CYS A 32 -3.30 -1.77 10.98
C CYS A 32 -2.59 -0.79 11.92
N GLN A 33 -3.36 -0.23 12.85
CA GLN A 33 -2.81 0.72 13.80
C GLN A 33 -2.33 0.02 15.08
N THR A 34 -2.79 -1.22 15.26
CA THR A 34 -2.42 -2.00 16.43
C THR A 34 -0.96 -2.46 16.35
N ASP A 35 -0.66 -3.29 15.35
CA ASP A 35 0.68 -3.80 15.17
C ASP A 35 1.47 -2.92 14.20
N GLN A 36 0.80 -1.89 13.68
CA GLN A 36 1.44 -0.97 12.74
C GLN A 36 2.00 -1.72 11.53
N THR A 37 1.16 -2.56 10.93
CA THR A 37 1.57 -3.35 9.77
C THR A 37 0.58 -3.19 8.63
N CYS A 38 0.97 -3.64 7.44
CA CYS A 38 0.11 -3.55 6.26
C CYS A 38 -0.84 -4.75 6.18
N ILE A 39 -2.02 -4.52 5.64
CA ILE A 39 -3.01 -5.58 5.50
C ILE A 39 -4.04 -5.23 4.44
N CYS A 40 -4.79 -6.25 3.99
CA CYS A 40 -5.81 -6.06 2.97
C CYS A 40 -7.19 -5.93 3.61
N TYR A 41 -8.19 -5.65 2.78
CA TYR A 41 -9.56 -5.50 3.26
C TYR A 41 -10.05 -6.78 3.91
N LEU A 42 -9.78 -7.91 3.26
CA LEU A 42 -10.20 -9.21 3.78
C LEU A 42 -9.56 -9.48 5.14
N CYS A 43 -8.45 -8.81 5.42
CA CYS A 43 -7.75 -8.98 6.69
C CYS A 43 -8.45 -8.21 7.80
N MET A 44 -8.59 -6.90 7.62
CA MET A 44 -9.24 -6.05 8.61
C MET A 44 -10.57 -6.67 9.06
N PHE A 45 -11.12 -7.54 8.22
CA PHE A 45 -12.39 -8.20 8.54
C PHE A 45 -12.16 -9.47 9.35
N GLN A 46 -11.21 -10.29 8.89
CA GLN A 46 -10.90 -11.54 9.57
C GLN A 46 -9.56 -11.45 10.29
N GLU A 47 -8.48 -11.49 9.53
CA GLU A 47 -7.13 -11.41 10.10
C GLU A 47 -7.10 -10.41 11.25
N HIS A 48 -7.30 -9.13 10.93
CA HIS A 48 -7.30 -8.07 11.93
C HIS A 48 -8.69 -7.48 12.09
N LYS A 49 -9.54 -8.17 12.82
CA LYS A 49 -10.91 -7.70 13.07
C LYS A 49 -11.03 -7.03 14.42
N ASN A 50 -10.19 -7.48 15.37
CA ASN A 50 -10.20 -6.91 16.71
C ASN A 50 -9.14 -5.84 16.86
N HIS A 51 -8.90 -5.08 15.78
CA HIS A 51 -7.90 -4.03 15.79
C HIS A 51 -8.46 -2.75 15.14
N SER A 52 -7.67 -1.69 15.18
CA SER A 52 -8.08 -0.41 14.60
C SER A 52 -7.38 -0.18 13.26
N THR A 53 -7.89 -0.80 12.21
CA THR A 53 -7.31 -0.67 10.88
C THR A 53 -7.72 0.65 10.24
N VAL A 54 -6.84 1.20 9.41
CA VAL A 54 -7.11 2.46 8.72
C VAL A 54 -6.49 2.47 7.33
N THR A 55 -7.23 3.02 6.37
CA THR A 55 -6.76 3.10 4.99
C THR A 55 -5.38 3.73 4.92
N VAL A 56 -4.45 3.05 4.26
CA VAL A 56 -3.09 3.54 4.12
C VAL A 56 -3.07 5.04 3.92
N GLU A 57 -3.65 5.50 2.81
CA GLU A 57 -3.70 6.93 2.51
C GLU A 57 -3.98 7.74 3.76
N GLU A 58 -4.86 7.23 4.62
CA GLU A 58 -5.22 7.91 5.85
C GLU A 58 -4.01 8.04 6.77
N ALA A 59 -3.26 6.95 6.90
CA ALA A 59 -2.07 6.94 7.76
C ALA A 59 -1.05 7.97 7.29
N LYS A 60 -0.74 7.95 6.00
CA LYS A 60 0.23 8.89 5.43
C LYS A 60 -0.05 10.31 5.92
N ALA A 61 -1.33 10.65 6.08
CA ALA A 61 -1.71 11.96 6.55
C ALA A 61 -0.70 12.51 7.56
N GLU A 62 -0.29 11.65 8.49
CA GLU A 62 0.67 12.05 9.51
C GLU A 62 1.70 13.03 8.94
N LYS A 63 2.32 12.65 7.83
CA LYS A 63 3.32 13.48 7.19
C LYS A 63 2.68 14.76 6.64
N GLU A 64 1.70 14.60 5.76
CA GLU A 64 1.01 15.74 5.16
C GLU A 64 0.77 16.84 6.20
N THR A 65 0.93 18.09 5.77
CA THR A 65 0.73 19.23 6.66
C THR A 65 -0.67 19.21 7.26
N GLU A 66 -0.78 18.65 8.46
CA GLU A 66 -2.06 18.58 9.15
C GLU A 66 -2.15 19.62 10.26
N SER A 67 -3.36 20.11 10.52
CA SER A 67 -3.57 21.11 11.55
C SER A 67 -5.02 21.11 12.03
N GLY A 68 -5.23 20.73 13.28
CA GLY A 68 -6.57 20.68 13.83
C GLY A 68 -6.64 21.29 15.21
N PRO A 69 -7.83 21.22 15.83
CA PRO A 69 -8.06 21.76 17.18
C PRO A 69 -7.34 20.96 18.25
N SER A 70 -6.62 19.92 17.84
CA SER A 70 -5.88 19.08 18.77
C SER A 70 -4.92 19.90 19.62
N SER A 71 -5.42 20.37 20.76
CA SER A 71 -4.60 21.19 21.66
C SER A 71 -3.17 20.69 21.70
N GLY A 72 -2.24 21.57 22.04
CA GLY A 72 -0.85 21.20 22.11
C GLY A 72 0.08 22.38 21.91
N GLY A 1 35.15 6.37 -31.13
CA GLY A 1 34.12 7.06 -31.88
C GLY A 1 32.82 7.21 -31.12
N SER A 2 31.84 6.37 -31.43
CA SER A 2 30.55 6.41 -30.77
C SER A 2 29.71 5.19 -31.14
N SER A 3 28.97 4.67 -30.17
CA SER A 3 28.12 3.51 -30.39
C SER A 3 27.27 3.69 -31.64
N GLY A 4 26.67 4.86 -31.77
CA GLY A 4 25.83 5.14 -32.92
C GLY A 4 24.36 4.89 -32.65
N SER A 5 23.94 3.64 -32.72
CA SER A 5 22.54 3.28 -32.48
C SER A 5 22.14 3.63 -31.06
N SER A 6 21.14 4.50 -30.93
CA SER A 6 20.65 4.92 -29.61
C SER A 6 19.37 5.73 -29.74
N GLY A 7 18.26 5.12 -29.33
CA GLY A 7 16.98 5.81 -29.40
C GLY A 7 16.50 6.30 -28.05
N GLN A 8 15.70 7.37 -28.06
CA GLN A 8 15.17 7.94 -26.83
C GLN A 8 13.84 7.30 -26.46
N LEU A 9 13.80 5.98 -26.44
CA LEU A 9 12.59 5.25 -26.10
C LEU A 9 12.32 5.29 -24.60
N LEU A 10 11.06 5.48 -24.23
CA LEU A 10 10.67 5.54 -22.82
C LEU A 10 11.33 4.42 -22.02
N GLU A 11 11.27 4.51 -20.71
CA GLU A 11 11.85 3.50 -19.83
C GLU A 11 10.89 2.34 -19.62
N PRO A 12 11.42 1.12 -19.62
CA PRO A 12 10.63 -0.11 -19.44
C PRO A 12 10.10 -0.24 -18.00
N ILE A 13 9.42 -1.34 -17.74
CA ILE A 13 8.86 -1.58 -16.41
C ILE A 13 9.84 -2.33 -15.53
N ARG A 14 9.97 -1.90 -14.28
CA ARG A 14 10.89 -2.53 -13.33
C ARG A 14 10.11 -3.13 -12.16
N ASP A 15 9.15 -2.37 -11.65
CA ASP A 15 8.34 -2.83 -10.52
C ASP A 15 6.97 -2.16 -10.52
N PHE A 16 5.94 -2.95 -10.80
CA PHE A 16 4.57 -2.45 -10.84
C PHE A 16 3.80 -2.88 -9.61
N GLU A 17 2.60 -2.31 -9.44
CA GLU A 17 1.76 -2.63 -8.30
C GLU A 17 1.76 -4.13 -8.02
N ALA A 18 2.51 -4.54 -7.00
CA ALA A 18 2.59 -5.94 -6.63
C ALA A 18 2.22 -6.15 -5.16
N ARG A 19 2.62 -5.22 -4.31
CA ARG A 19 2.34 -5.30 -2.89
C ARG A 19 0.97 -5.92 -2.65
N LYS A 20 0.96 -7.21 -2.31
CA LYS A 20 -0.29 -7.92 -2.05
C LYS A 20 -0.19 -8.75 -0.78
N CYS A 21 -1.33 -9.11 -0.21
CA CYS A 21 -1.38 -9.90 1.01
C CYS A 21 -0.89 -11.32 0.76
N PRO A 22 0.12 -11.75 1.53
CA PRO A 22 0.70 -13.09 1.41
C PRO A 22 -0.26 -14.18 1.89
N VAL A 23 -1.28 -13.77 2.63
CA VAL A 23 -2.26 -14.71 3.16
C VAL A 23 -3.47 -14.81 2.24
N HIS A 24 -3.83 -13.69 1.62
CA HIS A 24 -4.97 -13.65 0.71
C HIS A 24 -4.51 -13.50 -0.74
N GLY A 25 -3.66 -12.51 -0.99
CA GLY A 25 -3.15 -12.28 -2.33
C GLY A 25 -3.75 -11.04 -2.96
N LYS A 26 -4.33 -10.18 -2.15
CA LYS A 26 -4.95 -8.95 -2.64
C LYS A 26 -4.07 -7.74 -2.32
N THR A 27 -3.99 -6.81 -3.26
CA THR A 27 -3.18 -5.61 -3.08
C THR A 27 -3.55 -4.89 -1.78
N MET A 28 -2.70 -5.05 -0.77
CA MET A 28 -2.94 -4.42 0.52
C MET A 28 -3.16 -2.91 0.36
N GLU A 29 -4.38 -2.48 0.61
CA GLU A 29 -4.72 -1.06 0.50
C GLU A 29 -5.14 -0.49 1.85
N LEU A 30 -4.58 -1.03 2.92
CA LEU A 30 -4.90 -0.58 4.27
C LEU A 30 -3.67 -0.61 5.16
N PHE A 31 -3.79 -0.04 6.36
CA PHE A 31 -2.68 -0.01 7.30
C PHE A 31 -3.20 -0.10 8.74
N CYS A 32 -2.76 -1.13 9.46
CA CYS A 32 -3.18 -1.33 10.83
C CYS A 32 -2.59 -0.25 11.74
N GLN A 33 -3.35 0.14 12.75
CA GLN A 33 -2.91 1.17 13.69
C GLN A 33 -2.37 0.54 14.97
N THR A 34 -2.45 -0.79 15.05
CA THR A 34 -1.99 -1.51 16.23
C THR A 34 -0.54 -1.97 16.04
N ASP A 35 -0.29 -2.73 14.98
CA ASP A 35 1.04 -3.23 14.68
C ASP A 35 1.73 -2.39 13.61
N GLN A 36 1.00 -1.40 13.09
CA GLN A 36 1.52 -0.52 12.06
C GLN A 36 2.04 -1.33 10.88
N THR A 37 1.22 -2.24 10.37
CA THR A 37 1.60 -3.08 9.24
C THR A 37 0.55 -3.04 8.14
N CYS A 38 0.99 -3.15 6.90
CA CYS A 38 0.08 -3.11 5.76
C CYS A 38 -0.72 -4.41 5.67
N ILE A 39 -2.02 -4.28 5.39
CA ILE A 39 -2.89 -5.44 5.28
C ILE A 39 -3.96 -5.22 4.23
N CYS A 40 -4.71 -6.27 3.92
CA CYS A 40 -5.78 -6.19 2.92
C CYS A 40 -7.14 -6.09 3.60
N TYR A 41 -8.16 -5.77 2.81
CA TYR A 41 -9.52 -5.64 3.32
C TYR A 41 -9.97 -6.93 3.99
N LEU A 42 -9.65 -8.06 3.36
CA LEU A 42 -10.02 -9.36 3.89
C LEU A 42 -9.37 -9.62 5.25
N CYS A 43 -8.26 -8.92 5.50
CA CYS A 43 -7.54 -9.06 6.76
C CYS A 43 -8.23 -8.28 7.87
N MET A 44 -8.46 -6.99 7.63
CA MET A 44 -9.10 -6.14 8.62
C MET A 44 -10.42 -6.75 9.10
N PHE A 45 -10.99 -7.62 8.28
CA PHE A 45 -12.24 -8.28 8.61
C PHE A 45 -11.99 -9.53 9.46
N GLN A 46 -10.89 -10.22 9.18
CA GLN A 46 -10.53 -11.43 9.91
C GLN A 46 -9.23 -11.24 10.67
N GLU A 47 -8.12 -11.26 9.94
CA GLU A 47 -6.80 -11.09 10.54
C GLU A 47 -6.82 -9.99 11.59
N HIS A 48 -7.12 -8.77 11.16
CA HIS A 48 -7.18 -7.63 12.06
C HIS A 48 -8.60 -7.10 12.20
N LYS A 49 -9.40 -7.80 13.01
CA LYS A 49 -10.79 -7.41 13.23
C LYS A 49 -10.90 -6.42 14.39
N ASN A 50 -10.17 -6.70 15.47
CA ASN A 50 -10.20 -5.83 16.65
C ASN A 50 -9.39 -4.56 16.40
N HIS A 51 -8.10 -4.73 16.10
CA HIS A 51 -7.22 -3.60 15.84
C HIS A 51 -7.93 -2.55 15.00
N SER A 52 -7.43 -1.31 15.06
CA SER A 52 -8.03 -0.21 14.31
C SER A 52 -7.32 -0.03 12.97
N THR A 53 -7.90 -0.60 11.92
CA THR A 53 -7.34 -0.52 10.58
C THR A 53 -7.84 0.73 9.85
N VAL A 54 -6.96 1.34 9.07
CA VAL A 54 -7.32 2.54 8.31
C VAL A 54 -6.66 2.54 6.94
N THR A 55 -7.42 2.94 5.92
CA THR A 55 -6.92 2.99 4.56
C THR A 55 -5.55 3.67 4.50
N VAL A 56 -4.59 3.01 3.87
CA VAL A 56 -3.24 3.55 3.75
C VAL A 56 -3.27 5.07 3.59
N GLU A 57 -3.96 5.53 2.55
CA GLU A 57 -4.08 6.96 2.28
C GLU A 57 -4.42 7.72 3.56
N GLU A 58 -5.32 7.17 4.35
CA GLU A 58 -5.74 7.80 5.60
C GLU A 58 -4.56 7.93 6.56
N ALA A 59 -3.83 6.85 6.75
CA ALA A 59 -2.67 6.84 7.64
C ALA A 59 -1.68 7.92 7.27
N LYS A 60 -1.31 7.96 5.99
CA LYS A 60 -0.36 8.95 5.50
C LYS A 60 -0.75 10.35 5.97
N ALA A 61 -2.04 10.65 5.93
CA ALA A 61 -2.54 11.95 6.37
C ALA A 61 -1.98 12.33 7.73
N GLU A 62 -2.12 11.42 8.69
CA GLU A 62 -1.63 11.66 10.05
C GLU A 62 -0.25 12.31 10.02
N LYS A 63 0.72 11.61 9.45
CA LYS A 63 2.08 12.12 9.35
C LYS A 63 2.24 13.04 8.14
N GLU A 64 2.00 14.33 8.35
CA GLU A 64 2.13 15.30 7.27
C GLU A 64 2.57 16.66 7.82
N THR A 65 2.78 17.62 6.91
CA THR A 65 3.21 18.95 7.30
C THR A 65 2.24 19.58 8.30
N GLU A 66 0.94 19.39 8.05
CA GLU A 66 -0.09 19.92 8.93
C GLU A 66 -0.09 19.20 10.27
N SER A 67 0.07 19.96 11.35
CA SER A 67 0.08 19.39 12.69
C SER A 67 -1.31 19.48 13.34
N GLY A 68 -1.75 18.37 13.92
CA GLY A 68 -3.05 18.34 14.56
C GLY A 68 -3.26 19.52 15.50
N PRO A 69 -4.48 20.08 15.49
CA PRO A 69 -4.83 21.22 16.34
C PRO A 69 -4.91 20.85 17.81
N SER A 70 -4.69 19.58 18.11
CA SER A 70 -4.73 19.08 19.48
C SER A 70 -3.34 19.08 20.10
N SER A 71 -3.28 18.81 21.41
CA SER A 71 -2.00 18.78 22.12
C SER A 71 -1.41 17.37 22.10
N GLY A 72 -0.15 17.27 22.51
CA GLY A 72 0.51 15.98 22.54
C GLY A 72 1.00 15.55 21.17
N GLY A 1 36.87 12.52 -23.78
CA GLY A 1 37.08 13.74 -23.02
C GLY A 1 36.46 13.67 -21.64
N SER A 2 35.26 14.23 -21.50
CA SER A 2 34.56 14.23 -20.22
C SER A 2 34.70 12.89 -19.52
N SER A 3 35.02 12.92 -18.23
CA SER A 3 35.17 11.70 -17.44
C SER A 3 34.01 10.75 -17.67
N GLY A 4 32.80 11.23 -17.40
CA GLY A 4 31.61 10.40 -17.58
C GLY A 4 30.46 11.17 -18.19
N SER A 5 29.94 10.68 -19.31
CA SER A 5 28.83 11.33 -19.99
C SER A 5 27.56 10.48 -19.90
N SER A 6 27.64 9.26 -20.43
CA SER A 6 26.51 8.35 -20.43
C SER A 6 26.21 7.86 -19.01
N GLY A 7 27.26 7.52 -18.28
CA GLY A 7 27.09 7.04 -16.92
C GLY A 7 26.77 5.56 -16.85
N GLN A 8 25.77 5.21 -16.06
CA GLN A 8 25.37 3.81 -15.91
C GLN A 8 23.90 3.71 -15.51
N LEU A 9 23.23 2.67 -16.00
CA LEU A 9 21.82 2.46 -15.70
C LEU A 9 21.59 1.06 -15.15
N LEU A 10 20.71 0.96 -14.15
CA LEU A 10 20.40 -0.31 -13.53
C LEU A 10 19.20 -0.97 -14.19
N GLU A 11 19.03 -2.27 -13.97
CA GLU A 11 17.91 -3.01 -14.56
C GLU A 11 16.61 -2.24 -14.38
N PRO A 12 15.80 -2.21 -15.45
CA PRO A 12 14.50 -1.52 -15.44
C PRO A 12 13.47 -2.22 -14.55
N ILE A 13 12.34 -1.56 -14.35
CA ILE A 13 11.28 -2.12 -13.52
C ILE A 13 10.36 -3.02 -14.34
N ARG A 14 10.05 -4.18 -13.80
CA ARG A 14 9.18 -5.14 -14.49
C ARG A 14 8.10 -5.67 -13.54
N ASP A 15 7.63 -4.81 -12.64
CA ASP A 15 6.60 -5.19 -11.69
C ASP A 15 6.15 -3.99 -10.86
N PHE A 16 4.91 -3.56 -11.08
CA PHE A 16 4.36 -2.42 -10.35
C PHE A 16 3.10 -2.81 -9.59
N GLU A 17 2.72 -1.99 -8.62
CA GLU A 17 1.54 -2.25 -7.81
C GLU A 17 1.48 -3.72 -7.41
N ALA A 18 2.61 -4.27 -6.99
CA ALA A 18 2.67 -5.67 -6.58
C ALA A 18 2.28 -5.83 -5.11
N ARG A 19 2.68 -4.87 -4.29
CA ARG A 19 2.37 -4.91 -2.86
C ARG A 19 1.00 -5.54 -2.62
N LYS A 20 1.00 -6.82 -2.29
CA LYS A 20 -0.25 -7.55 -2.02
C LYS A 20 -0.14 -8.36 -0.73
N CYS A 21 -1.28 -8.81 -0.23
CA CYS A 21 -1.33 -9.59 0.99
C CYS A 21 -0.82 -11.02 0.74
N PRO A 22 0.17 -11.44 1.53
CA PRO A 22 0.77 -12.78 1.40
C PRO A 22 -0.18 -13.87 1.86
N VAL A 23 -1.22 -13.48 2.59
CA VAL A 23 -2.21 -14.43 3.08
C VAL A 23 -3.40 -14.54 2.14
N HIS A 24 -3.76 -13.41 1.53
CA HIS A 24 -4.89 -13.38 0.60
C HIS A 24 -4.40 -13.22 -0.84
N GLY A 25 -3.54 -12.23 -1.05
CA GLY A 25 -3.00 -11.98 -2.39
C GLY A 25 -3.61 -10.75 -3.03
N LYS A 26 -4.18 -9.88 -2.20
CA LYS A 26 -4.79 -8.65 -2.70
C LYS A 26 -3.93 -7.44 -2.37
N THR A 27 -3.93 -6.46 -3.27
CA THR A 27 -3.14 -5.24 -3.07
C THR A 27 -3.52 -4.55 -1.77
N MET A 28 -2.71 -4.77 -0.73
CA MET A 28 -2.97 -4.17 0.57
C MET A 28 -3.21 -2.67 0.44
N GLU A 29 -4.42 -2.23 0.76
CA GLU A 29 -4.78 -0.82 0.68
C GLU A 29 -5.15 -0.27 2.05
N LEU A 30 -4.66 -0.94 3.10
CA LEU A 30 -4.95 -0.52 4.46
C LEU A 30 -3.71 -0.65 5.35
N PHE A 31 -3.79 -0.12 6.56
CA PHE A 31 -2.67 -0.17 7.50
C PHE A 31 -3.18 -0.31 8.93
N CYS A 32 -2.73 -1.36 9.62
CA CYS A 32 -3.14 -1.60 10.99
C CYS A 32 -2.53 -0.56 11.94
N GLN A 33 -3.31 -0.13 12.92
CA GLN A 33 -2.84 0.86 13.88
C GLN A 33 -2.34 0.19 15.15
N THR A 34 -2.61 -1.11 15.28
CA THR A 34 -2.18 -1.86 16.45
C THR A 34 -0.73 -2.29 16.31
N ASP A 35 -0.45 -3.13 15.32
CA ASP A 35 0.90 -3.62 15.08
C ASP A 35 1.63 -2.74 14.08
N GLN A 36 0.95 -1.70 13.60
CA GLN A 36 1.53 -0.79 12.63
C GLN A 36 2.07 -1.54 11.42
N THR A 37 1.25 -2.43 10.86
CA THR A 37 1.64 -3.21 9.70
C THR A 37 0.64 -3.08 8.57
N CYS A 38 1.08 -3.37 7.35
CA CYS A 38 0.21 -3.28 6.18
C CYS A 38 -0.68 -4.50 6.07
N ILE A 39 -1.87 -4.32 5.52
CA ILE A 39 -2.83 -5.41 5.37
C ILE A 39 -3.85 -5.10 4.27
N CYS A 40 -4.72 -6.06 4.01
CA CYS A 40 -5.75 -5.89 2.98
C CYS A 40 -7.13 -5.76 3.62
N TYR A 41 -8.15 -5.56 2.78
CA TYR A 41 -9.52 -5.42 3.26
C TYR A 41 -10.00 -6.72 3.89
N LEU A 42 -9.66 -7.84 3.27
CA LEU A 42 -10.06 -9.16 3.76
C LEU A 42 -9.44 -9.44 5.13
N CYS A 43 -8.39 -8.69 5.45
CA CYS A 43 -7.70 -8.86 6.73
C CYS A 43 -8.40 -8.07 7.83
N MET A 44 -8.75 -6.83 7.54
CA MET A 44 -9.43 -5.97 8.50
C MET A 44 -10.78 -6.56 8.89
N PHE A 45 -11.24 -7.54 8.13
CA PHE A 45 -12.52 -8.19 8.41
C PHE A 45 -12.31 -9.47 9.21
N GLN A 46 -11.17 -10.12 9.01
CA GLN A 46 -10.86 -11.36 9.71
C GLN A 46 -9.57 -11.22 10.50
N GLU A 47 -8.44 -11.26 9.79
CA GLU A 47 -7.13 -11.14 10.43
C GLU A 47 -7.14 -10.05 11.50
N HIS A 48 -7.21 -8.80 11.06
CA HIS A 48 -7.23 -7.67 11.97
C HIS A 48 -8.63 -7.11 12.11
N LYS A 49 -9.48 -7.80 12.84
CA LYS A 49 -10.86 -7.37 13.05
C LYS A 49 -11.00 -6.59 14.36
N ASN A 50 -10.38 -7.11 15.42
CA ASN A 50 -10.43 -6.47 16.73
C ASN A 50 -9.58 -5.20 16.74
N HIS A 51 -8.48 -5.22 16.00
CA HIS A 51 -7.58 -4.08 15.92
C HIS A 51 -8.24 -2.91 15.18
N SER A 52 -7.56 -1.77 15.15
CA SER A 52 -8.09 -0.59 14.49
C SER A 52 -7.35 -0.33 13.18
N THR A 53 -7.85 -0.93 12.11
CA THR A 53 -7.24 -0.77 10.79
C THR A 53 -7.71 0.51 10.12
N VAL A 54 -6.78 1.20 9.46
CA VAL A 54 -7.11 2.44 8.76
C VAL A 54 -6.51 2.46 7.36
N THR A 55 -7.24 3.06 6.43
CA THR A 55 -6.79 3.15 5.04
C THR A 55 -5.40 3.78 4.96
N VAL A 56 -4.51 3.12 4.23
CA VAL A 56 -3.14 3.61 4.06
C VAL A 56 -3.12 5.12 3.87
N GLU A 57 -3.84 5.59 2.86
CA GLU A 57 -3.89 7.03 2.58
C GLU A 57 -4.18 7.82 3.85
N GLU A 58 -4.95 7.22 4.75
CA GLU A 58 -5.30 7.88 6.01
C GLU A 58 -4.10 7.92 6.95
N ALA A 59 -3.47 6.76 7.14
CA ALA A 59 -2.31 6.66 8.02
C ALA A 59 -1.22 7.63 7.59
N LYS A 60 -0.83 7.57 6.32
CA LYS A 60 0.21 8.44 5.78
C LYS A 60 -0.16 9.90 5.99
N ALA A 61 -1.44 10.23 5.80
CA ALA A 61 -1.92 11.59 5.96
C ALA A 61 -1.24 12.27 7.15
N GLU A 62 -0.99 11.50 8.20
CA GLU A 62 -0.35 12.04 9.40
C GLU A 62 0.95 12.76 9.04
N LYS A 63 1.87 12.05 8.41
CA LYS A 63 3.15 12.63 8.02
C LYS A 63 2.95 13.96 7.31
N GLU A 64 2.13 13.96 6.26
CA GLU A 64 1.85 15.17 5.50
C GLU A 64 1.00 16.15 6.32
N THR A 65 1.00 17.40 5.90
CA THR A 65 0.24 18.44 6.60
C THR A 65 -1.11 17.91 7.06
N GLU A 66 -1.60 18.43 8.18
CA GLU A 66 -2.88 18.01 8.73
C GLU A 66 -4.03 18.77 8.07
N SER A 67 -3.94 18.93 6.76
CA SER A 67 -4.97 19.65 5.99
C SER A 67 -5.65 18.72 5.00
N GLY A 68 -6.92 18.39 5.28
CA GLY A 68 -7.66 17.52 4.39
C GLY A 68 -9.15 17.80 4.40
N PRO A 69 -9.79 17.74 3.23
CA PRO A 69 -11.22 17.99 3.09
C PRO A 69 -12.07 16.89 3.72
N SER A 70 -13.06 17.28 4.51
CA SER A 70 -13.94 16.32 5.18
C SER A 70 -14.29 15.17 4.24
N SER A 71 -13.85 13.98 4.61
CA SER A 71 -14.12 12.79 3.80
C SER A 71 -15.07 11.83 4.53
N GLY A 72 -16.10 11.38 3.82
CA GLY A 72 -17.06 10.47 4.41
C GLY A 72 -16.48 9.08 4.64
N GLY A 1 14.75 -22.23 -25.32
CA GLY A 1 13.34 -22.21 -25.67
C GLY A 1 12.61 -23.46 -25.22
N SER A 2 12.58 -23.68 -23.90
CA SER A 2 11.92 -24.85 -23.34
C SER A 2 10.52 -24.49 -22.86
N SER A 3 10.42 -23.39 -22.13
CA SER A 3 9.13 -22.93 -21.61
C SER A 3 8.15 -22.65 -22.74
N GLY A 4 6.91 -23.11 -22.56
CA GLY A 4 5.89 -22.90 -23.59
C GLY A 4 4.70 -22.12 -23.06
N SER A 5 4.15 -21.24 -23.90
CA SER A 5 3.01 -20.42 -23.51
C SER A 5 2.14 -20.10 -24.73
N SER A 6 0.99 -19.48 -24.47
CA SER A 6 0.06 -19.12 -25.54
C SER A 6 -0.36 -17.67 -25.42
N GLY A 7 -0.39 -16.97 -26.55
CA GLY A 7 -0.79 -15.57 -26.54
C GLY A 7 0.11 -14.72 -25.67
N GLN A 8 0.16 -13.42 -25.96
CA GLN A 8 0.98 -12.50 -25.19
C GLN A 8 0.16 -11.80 -24.11
N LEU A 9 0.80 -11.48 -23.00
CA LEU A 9 0.14 -10.81 -21.89
C LEU A 9 0.80 -9.47 -21.58
N LEU A 10 -0.02 -8.44 -21.35
CA LEU A 10 0.49 -7.12 -21.03
C LEU A 10 1.48 -7.17 -19.86
N GLU A 11 2.73 -6.85 -20.15
CA GLU A 11 3.77 -6.86 -19.13
C GLU A 11 3.57 -5.73 -18.13
N PRO A 12 3.61 -6.06 -16.83
CA PRO A 12 3.44 -5.08 -15.76
C PRO A 12 4.61 -4.12 -15.65
N ILE A 13 4.47 -3.11 -14.78
CA ILE A 13 5.52 -2.13 -14.59
C ILE A 13 6.43 -2.51 -13.43
N ARG A 14 7.68 -2.05 -13.48
CA ARG A 14 8.64 -2.34 -12.44
C ARG A 14 7.98 -2.40 -11.07
N ASP A 15 7.55 -1.24 -10.58
CA ASP A 15 6.90 -1.14 -9.28
C ASP A 15 5.49 -0.59 -9.42
N PHE A 16 4.52 -1.48 -9.61
CA PHE A 16 3.13 -1.07 -9.76
C PHE A 16 2.29 -1.55 -8.58
N GLU A 17 2.07 -2.87 -8.50
CA GLU A 17 1.29 -3.44 -7.43
C GLU A 17 2.09 -4.51 -6.69
N ALA A 18 3.28 -4.14 -6.22
CA ALA A 18 4.14 -5.05 -5.49
C ALA A 18 3.83 -5.04 -4.00
N ARG A 19 2.61 -4.62 -3.65
CA ARG A 19 2.20 -4.55 -2.26
C ARG A 19 0.87 -5.28 -2.06
N LYS A 20 0.92 -6.60 -2.04
CA LYS A 20 -0.29 -7.41 -1.86
C LYS A 20 -0.17 -8.28 -0.61
N CYS A 21 -1.31 -8.69 -0.07
CA CYS A 21 -1.34 -9.53 1.12
C CYS A 21 -0.76 -10.91 0.83
N PRO A 22 0.24 -11.32 1.63
CA PRO A 22 0.89 -12.63 1.48
C PRO A 22 -0.02 -13.78 1.86
N VAL A 23 -1.10 -13.46 2.57
CA VAL A 23 -2.05 -14.48 3.01
C VAL A 23 -3.22 -14.58 2.03
N HIS A 24 -3.62 -13.45 1.46
CA HIS A 24 -4.73 -13.42 0.51
C HIS A 24 -4.22 -13.17 -0.91
N GLY A 25 -3.38 -12.15 -1.06
CA GLY A 25 -2.83 -11.82 -2.36
C GLY A 25 -3.49 -10.62 -2.99
N LYS A 26 -3.99 -9.71 -2.14
CA LYS A 26 -4.65 -8.51 -2.62
C LYS A 26 -3.84 -7.27 -2.27
N THR A 27 -3.81 -6.31 -3.19
CA THR A 27 -3.06 -5.08 -2.97
C THR A 27 -3.48 -4.40 -1.67
N MET A 28 -2.73 -4.68 -0.61
CA MET A 28 -3.02 -4.09 0.70
C MET A 28 -3.31 -2.60 0.58
N GLU A 29 -4.56 -2.23 0.78
CA GLU A 29 -4.98 -0.83 0.69
C GLU A 29 -5.36 -0.29 2.07
N LEU A 30 -4.88 -0.96 3.11
CA LEU A 30 -5.18 -0.55 4.48
C LEU A 30 -3.93 -0.64 5.35
N PHE A 31 -4.01 -0.09 6.56
CA PHE A 31 -2.88 -0.11 7.49
C PHE A 31 -3.38 -0.28 8.93
N CYS A 32 -2.90 -1.33 9.59
CA CYS A 32 -3.29 -1.60 10.96
C CYS A 32 -2.68 -0.58 11.91
N GLN A 33 -3.48 -0.12 12.88
CA GLN A 33 -3.02 0.86 13.86
C GLN A 33 -2.49 0.17 15.11
N THR A 34 -2.66 -1.14 15.17
CA THR A 34 -2.20 -1.91 16.33
C THR A 34 -0.74 -2.31 16.17
N ASP A 35 -0.44 -3.08 15.14
CA ASP A 35 0.92 -3.53 14.87
C ASP A 35 1.60 -2.62 13.85
N GLN A 36 0.91 -1.56 13.45
CA GLN A 36 1.45 -0.61 12.49
C GLN A 36 1.98 -1.34 11.25
N THR A 37 1.17 -2.23 10.70
CA THR A 37 1.56 -3.00 9.52
C THR A 37 0.51 -2.91 8.43
N CYS A 38 0.91 -3.19 7.20
CA CYS A 38 -0.01 -3.15 6.06
C CYS A 38 -0.86 -4.41 6.00
N ILE A 39 -2.08 -4.27 5.50
CA ILE A 39 -2.99 -5.41 5.38
C ILE A 39 -4.10 -5.13 4.36
N CYS A 40 -4.75 -6.19 3.90
CA CYS A 40 -5.82 -6.06 2.92
C CYS A 40 -7.18 -5.96 3.62
N TYR A 41 -8.22 -5.75 2.83
CA TYR A 41 -9.58 -5.65 3.36
C TYR A 41 -10.04 -6.98 3.94
N LEU A 42 -9.66 -8.07 3.30
CA LEU A 42 -10.03 -9.40 3.76
C LEU A 42 -9.40 -9.71 5.11
N CYS A 43 -8.36 -8.97 5.45
CA CYS A 43 -7.67 -9.16 6.72
C CYS A 43 -8.39 -8.43 7.85
N MET A 44 -8.68 -7.15 7.63
CA MET A 44 -9.39 -6.33 8.62
C MET A 44 -10.70 -6.98 9.01
N PHE A 45 -11.15 -7.95 8.23
CA PHE A 45 -12.41 -8.65 8.49
C PHE A 45 -12.16 -9.95 9.24
N GLN A 46 -10.92 -10.45 9.16
CA GLN A 46 -10.56 -11.69 9.83
C GLN A 46 -9.23 -11.54 10.56
N GLU A 47 -8.15 -11.43 9.80
CA GLU A 47 -6.82 -11.28 10.37
C GLU A 47 -6.81 -10.22 11.48
N HIS A 48 -7.18 -9.00 11.11
CA HIS A 48 -7.22 -7.90 12.06
C HIS A 48 -8.64 -7.35 12.21
N LYS A 49 -9.48 -8.08 12.93
CA LYS A 49 -10.86 -7.68 13.15
C LYS A 49 -10.96 -6.59 14.21
N ASN A 50 -10.48 -6.92 15.41
CA ASN A 50 -10.51 -5.97 16.52
C ASN A 50 -9.61 -4.77 16.23
N HIS A 51 -8.32 -5.03 16.05
CA HIS A 51 -7.36 -3.96 15.77
C HIS A 51 -8.00 -2.87 14.92
N SER A 52 -7.67 -1.62 15.23
CA SER A 52 -8.21 -0.48 14.50
C SER A 52 -7.50 -0.29 13.17
N THR A 53 -8.09 -0.85 12.11
CA THR A 53 -7.51 -0.75 10.78
C THR A 53 -8.03 0.49 10.04
N VAL A 54 -7.13 1.19 9.36
CA VAL A 54 -7.50 2.39 8.62
C VAL A 54 -6.85 2.40 7.25
N THR A 55 -7.57 2.94 6.26
CA THR A 55 -7.07 3.01 4.90
C THR A 55 -5.68 3.64 4.86
N VAL A 56 -4.77 2.99 4.14
CA VAL A 56 -3.40 3.49 4.02
C VAL A 56 -3.39 5.00 3.87
N GLU A 57 -4.16 5.52 2.92
CA GLU A 57 -4.23 6.95 2.68
C GLU A 57 -4.40 7.72 3.98
N GLU A 58 -5.30 7.23 4.84
CA GLU A 58 -5.56 7.87 6.12
C GLU A 58 -4.28 7.99 6.94
N ALA A 59 -3.49 6.92 6.97
CA ALA A 59 -2.24 6.90 7.71
C ALA A 59 -1.27 7.95 7.17
N LYS A 60 -1.15 8.02 5.84
CA LYS A 60 -0.28 8.98 5.20
C LYS A 60 -0.47 10.37 5.78
N ALA A 61 -1.72 10.78 5.93
CA ALA A 61 -2.05 12.09 6.47
C ALA A 61 -1.14 12.44 7.65
N GLU A 62 -1.03 11.52 8.60
CA GLU A 62 -0.19 11.72 9.77
C GLU A 62 1.15 12.33 9.38
N LYS A 63 1.74 11.81 8.32
CA LYS A 63 3.03 12.30 7.84
C LYS A 63 2.87 13.67 7.17
N GLU A 64 2.16 13.68 6.04
CA GLU A 64 1.94 14.92 5.31
C GLU A 64 1.82 16.11 6.26
N THR A 65 2.62 17.14 6.01
CA THR A 65 2.61 18.34 6.84
C THR A 65 1.25 19.02 6.80
N GLU A 66 1.05 20.01 7.67
CA GLU A 66 -0.20 20.74 7.73
C GLU A 66 -1.39 19.79 7.61
N SER A 67 -1.42 18.78 8.48
CA SER A 67 -2.49 17.80 8.48
C SER A 67 -2.69 17.19 9.86
N GLY A 68 -3.94 17.10 10.30
CA GLY A 68 -4.23 16.54 11.61
C GLY A 68 -3.54 17.29 12.73
N PRO A 69 -3.17 16.57 13.79
CA PRO A 69 -2.50 17.16 14.96
C PRO A 69 -1.09 17.61 14.64
N SER A 70 -0.70 17.52 13.38
CA SER A 70 0.64 17.91 12.94
C SER A 70 1.17 19.03 13.82
N SER A 71 2.25 18.75 14.54
CA SER A 71 2.87 19.74 15.42
C SER A 71 4.18 20.25 14.82
N GLY A 72 4.09 20.76 13.59
CA GLY A 72 5.27 21.28 12.92
C GLY A 72 6.24 20.20 12.51
#